data_6D80
#
_entry.id   6D80
#
_cell.length_a   1
_cell.length_b   1
_cell.length_c   1
_cell.angle_alpha   90.00
_cell.angle_beta   90.00
_cell.angle_gamma   90.00
#
_symmetry.space_group_name_H-M   'P 1'
#
loop_
_entity.id
_entity.type
_entity.pdbx_description
1 polymer 'Saposin A'
2 polymer 'Mitochondrial calcium uniporter'
3 non-polymer 'CALCIUM ION'
#
loop_
_entity_poly.entity_id
_entity_poly.type
_entity_poly.pdbx_seq_one_letter_code
_entity_poly.pdbx_strand_id
1 'polypeptide(L)'
;(UNK)(UNK)(UNK)(UNK)(UNK)(UNK)(UNK)(UNK)(UNK)(UNK)(UNK)(UNK)(UNK)(UNK)(UNK)(UNK)
(UNK)(UNK)(UNK)(UNK)(UNK)(UNK)(UNK)(UNK)(UNK)(UNK)(UNK)(UNK)(UNK)(UNK)(UNK)(UNK)
(UNK)(UNK)(UNK)(UNK)(UNK)(UNK)(UNK)(UNK)(UNK)(UNK)(UNK)(UNK)(UNK)(UNK)(UNK)(UNK)
(UNK)(UNK)(UNK)(UNK)(UNK)(UNK)(UNK)(UNK)(UNK)(UNK)(UNK)(UNK)(UNK)(UNK)(UNK)(UNK)
(UNK)(UNK)(UNK)(UNK)(UNK)(UNK)(UNK)(UNK)(UNK)(UNK)(UNK)(UNK)(UNK)(UNK)(UNK)(UNK)
(UNK)
;
F,H,G,I,J,K
2 'polypeptide(L)'
;GSDKRGPQSAEPDPLERLEVKKVQQQHENEKDDSGRDTKSGGKVAKAMTKGDTIAGKLLTTPSRLFKLLIPLTTINRKDI
EQIAILIHPQQPLSHLERLIQSEVPPIEDENGQKRPPFVSFIALQLEQDAIRPKRGMYEGTDAEIHRVEGGKDDATVAKR
GEDFQEVDETFSYLRRPGPGQGDKEQRFIRWSQSTEIGDFIRDAARAKEFIVTIEGAPAGLEQIHVAVPSFDERTYFLRM
RLRKISRRIQGLAEIKHECDALAHRGAQRVALGGFGILAFWWYIVYKLTFETDLGWDTMEPVTYLVSLSTLMGGYLWFLY
HNREISYRSALDFTINARQKKLYQMKGIDLQVWESLIDEANAIRREIKNIAAEYDVDWDERKDEQDDRVTEALKKERRLK
NGSQKEERPKDDRDDD
;
A,B,C,D
#
loop_
_chem_comp.id
_chem_comp.type
_chem_comp.name
_chem_comp.formula
CA non-polymer 'CALCIUM ION' 'Ca 2'
#
# COMPACT_ATOMS: atom_id res chain seq x y z
N UNK A 1 -2.76 -32.05 12.72
CA UNK A 1 -3.49 -32.00 11.45
C UNK A 1 -4.71 -32.91 11.52
N UNK A 2 -4.68 -33.99 10.74
CA UNK A 2 -5.71 -35.00 10.87
C UNK A 2 -5.62 -35.72 12.21
N UNK A 3 -4.38 -35.89 12.71
CA UNK A 3 -4.20 -36.52 14.00
C UNK A 3 -4.50 -35.56 15.14
N UNK A 4 -4.73 -34.28 14.85
CA UNK A 4 -5.13 -33.35 15.90
C UNK A 4 -6.53 -33.64 16.39
N UNK A 5 -7.51 -33.64 15.47
CA UNK A 5 -8.86 -34.00 15.86
C UNK A 5 -9.00 -35.51 16.02
N UNK A 6 -8.23 -36.28 15.24
CA UNK A 6 -8.30 -37.74 15.33
C UNK A 6 -7.78 -38.23 16.68
N UNK A 7 -6.72 -37.61 17.17
CA UNK A 7 -6.23 -37.91 18.51
C UNK A 7 -7.03 -37.19 19.58
N UNK A 8 -7.67 -36.07 19.25
CA UNK A 8 -8.58 -35.44 20.19
C UNK A 8 -9.82 -36.28 20.45
N UNK A 9 -10.20 -37.13 19.49
CA UNK A 9 -11.33 -38.04 19.68
C UNK A 9 -11.02 -39.06 20.77
N UNK A 10 -9.87 -39.73 20.68
CA UNK A 10 -9.48 -40.66 21.73
C UNK A 10 -9.06 -39.96 23.01
N UNK A 11 -8.68 -38.67 22.93
CA UNK A 11 -8.33 -37.90 24.11
C UNK A 11 -9.51 -37.15 24.72
N UNK A 12 -10.72 -37.35 24.18
CA UNK A 12 -11.90 -36.71 24.75
C UNK A 12 -12.21 -37.25 26.15
N UNK A 13 -12.07 -38.57 26.34
CA UNK A 13 -12.23 -39.15 27.67
C UNK A 13 -11.09 -38.76 28.58
N UNK A 14 -9.92 -38.46 28.00
CA UNK A 14 -8.78 -38.00 28.78
C UNK A 14 -9.02 -36.60 29.32
N UNK A 15 -9.54 -35.70 28.48
CA UNK A 15 -9.86 -34.36 28.96
C UNK A 15 -11.08 -34.37 29.88
N UNK A 16 -12.00 -35.32 29.66
CA UNK A 16 -13.18 -35.40 30.49
C UNK A 16 -12.83 -35.90 31.89
N UNK A 17 -12.13 -37.03 31.97
CA UNK A 17 -11.68 -37.53 33.27
C UNK A 17 -10.63 -36.62 33.88
N UNK A 18 -9.91 -35.87 33.04
CA UNK A 18 -8.98 -34.86 33.53
C UNK A 18 -9.72 -33.73 34.22
N UNK A 19 -10.85 -33.30 33.65
CA UNK A 19 -11.68 -32.33 34.34
C UNK A 19 -12.34 -32.92 35.57
N UNK A 20 -12.64 -34.23 35.53
CA UNK A 20 -13.18 -34.91 36.69
C UNK A 20 -12.16 -34.99 37.82
N UNK A 21 -10.87 -34.99 37.47
CA UNK A 21 -9.84 -34.97 38.50
C UNK A 21 -9.58 -33.55 39.00
N UNK A 22 -9.62 -32.58 38.08
CA UNK A 22 -9.28 -31.21 38.44
C UNK A 22 -10.38 -30.56 39.29
N UNK A 23 -11.64 -30.91 39.03
CA UNK A 23 -12.75 -30.30 39.77
C UNK A 23 -12.78 -30.75 41.22
N UNK A 24 -12.61 -32.06 41.46
CA UNK A 24 -12.45 -32.54 42.83
C UNK A 24 -11.11 -32.11 43.41
N UNK A 25 -10.12 -31.86 42.56
CA UNK A 25 -8.82 -31.38 43.02
C UNK A 25 -8.88 -29.92 43.47
N UNK A 26 -9.91 -29.18 43.06
CA UNK A 26 -10.08 -27.82 43.56
C UNK A 26 -10.39 -27.80 45.05
N UNK A 27 -10.99 -28.88 45.57
CA UNK A 27 -11.27 -28.97 47.00
C UNK A 27 -9.99 -29.05 47.82
N UNK A 28 -9.03 -29.87 47.38
CA UNK A 28 -7.72 -29.88 48.02
C UNK A 28 -6.96 -28.61 47.71
N UNK A 29 -7.24 -27.97 46.57
CA UNK A 29 -6.62 -26.68 46.27
C UNK A 29 -7.11 -25.58 47.19
N UNK A 30 -8.30 -25.74 47.78
CA UNK A 30 -8.83 -24.72 48.69
C UNK A 30 -8.03 -24.66 49.97
N UNK A 31 -7.91 -25.79 50.67
CA UNK A 31 -7.08 -25.84 51.86
C UNK A 31 -5.60 -25.75 51.53
N UNK A 32 -5.22 -26.08 50.29
CA UNK A 32 -3.86 -25.80 49.85
C UNK A 32 -3.59 -24.31 49.79
N UNK A 33 -4.60 -23.53 49.40
CA UNK A 33 -4.47 -22.09 49.45
C UNK A 33 -4.57 -21.57 50.89
N UNK A 34 -5.33 -22.26 51.73
CA UNK A 34 -5.45 -21.85 53.13
C UNK A 34 -4.14 -22.08 53.88
N UNK A 35 -3.45 -23.18 53.61
CA UNK A 35 -2.13 -23.40 54.19
C UNK A 35 -1.08 -22.54 53.50
N UNK A 36 -1.26 -22.29 52.20
CA UNK A 36 -0.38 -21.42 51.44
C UNK A 36 -0.57 -19.95 51.75
N UNK A 37 -1.59 -19.60 52.54
CA UNK A 37 -1.77 -18.21 52.96
C UNK A 37 -0.63 -17.75 53.85
N UNK A 38 -0.20 -18.62 54.78
CA UNK A 38 0.97 -18.33 55.58
C UNK A 38 2.19 -19.12 55.13
N UNK A 39 2.01 -20.12 54.28
CA UNK A 39 3.06 -21.06 53.90
C UNK A 39 3.10 -21.24 52.40
N UNK A 40 3.13 -20.13 51.66
CA UNK A 40 3.25 -20.19 50.21
C UNK A 40 4.59 -20.78 49.77
N UNK A 41 5.65 -20.53 50.55
CA UNK A 41 6.95 -21.06 50.20
C UNK A 41 7.07 -22.54 50.54
N UNK A 42 6.29 -23.02 51.50
CA UNK A 42 6.46 -24.37 52.03
C UNK A 42 5.31 -25.29 51.65
N UNK A 43 4.07 -24.90 51.97
CA UNK A 43 2.92 -25.80 51.80
C UNK A 43 2.52 -25.95 50.33
N UNK A 44 3.08 -25.13 49.44
CA UNK A 44 2.89 -25.39 48.02
C UNK A 44 3.64 -26.64 47.58
N UNK A 45 4.77 -26.92 48.22
CA UNK A 45 5.50 -28.15 47.90
C UNK A 45 4.79 -29.37 48.45
N UNK A 46 4.27 -29.29 49.67
CA UNK A 46 3.52 -30.40 50.25
C UNK A 46 2.19 -30.60 49.55
N UNK A 47 1.57 -29.51 49.11
CA UNK A 47 0.35 -29.62 48.32
C UNK A 47 0.65 -30.13 46.92
N UNK A 48 1.86 -29.87 46.42
CA UNK A 48 2.27 -30.45 45.16
C UNK A 48 2.52 -31.94 45.30
N UNK A 49 3.02 -32.36 46.46
CA UNK A 49 3.11 -33.78 46.75
C UNK A 49 1.74 -34.39 46.97
N UNK A 50 0.78 -33.58 47.41
CA UNK A 50 -0.60 -34.04 47.46
C UNK A 50 -1.19 -34.14 46.06
N UNK A 51 -0.74 -33.28 45.15
CA UNK A 51 -1.14 -33.40 43.76
C UNK A 51 -0.54 -34.64 43.13
N UNK A 52 0.67 -35.00 43.56
CA UNK A 52 1.22 -36.30 43.19
C UNK A 52 0.46 -37.43 43.88
N UNK A 53 -0.12 -37.15 45.04
CA UNK A 53 -0.80 -38.20 45.79
C UNK A 53 -2.13 -38.57 45.16
N UNK A 54 -2.96 -37.56 44.84
CA UNK A 54 -4.15 -37.83 44.06
C UNK A 54 -3.79 -38.23 42.63
N UNK A 55 -2.64 -37.75 42.14
CA UNK A 55 -2.17 -38.09 40.80
C UNK A 55 -1.64 -39.51 40.69
N UNK A 56 -1.43 -40.18 41.82
CA UNK A 56 -1.06 -41.59 41.76
C UNK A 56 -2.27 -42.45 41.44
N UNK A 57 -3.39 -42.20 42.12
CA UNK A 57 -4.64 -42.89 41.77
C UNK A 57 -5.17 -42.42 40.43
N UNK A 58 -4.97 -41.13 40.11
CA UNK A 58 -5.32 -40.64 38.79
C UNK A 58 -4.41 -41.21 37.71
N UNK A 59 -3.19 -41.61 38.07
CA UNK A 59 -2.29 -42.23 37.12
C UNK A 59 -2.73 -43.63 36.74
N UNK A 60 -3.61 -44.25 37.52
CA UNK A 60 -4.14 -45.56 37.16
C UNK A 60 -5.04 -45.48 35.93
N UNK A 61 -5.69 -44.35 35.71
CA UNK A 61 -6.52 -44.15 34.53
C UNK A 61 -5.86 -43.26 33.49
N UNK A 62 -4.86 -42.48 33.90
CA UNK A 62 -4.15 -41.63 32.95
C UNK A 62 -3.36 -42.46 31.94
N UNK A 63 -2.76 -43.56 32.38
CA UNK A 63 -2.10 -44.46 31.44
C UNK A 63 -3.11 -45.24 30.61
N UNK A 64 -4.33 -45.44 31.15
CA UNK A 64 -5.39 -45.99 30.33
C UNK A 64 -5.80 -45.04 29.22
N UNK A 65 -5.77 -43.73 29.50
CA UNK A 65 -5.92 -42.74 28.45
C UNK A 65 -4.72 -42.73 27.51
N UNK A 66 -3.52 -43.03 28.04
CA UNK A 66 -2.34 -43.14 27.20
C UNK A 66 -2.35 -44.38 26.32
N UNK A 67 -3.20 -45.36 26.64
CA UNK A 67 -3.42 -46.45 25.71
C UNK A 67 -4.24 -45.99 24.50
N UNK A 68 -5.18 -45.07 24.72
CA UNK A 68 -5.87 -44.43 23.61
C UNK A 68 -4.91 -43.54 22.83
N UNK A 69 -3.97 -42.91 23.53
CA UNK A 69 -2.89 -42.21 22.84
C UNK A 69 -1.96 -43.19 22.13
N UNK A 70 -1.94 -44.45 22.55
CA UNK A 70 -1.13 -45.45 21.84
C UNK A 70 -1.85 -45.96 20.60
N UNK A 71 -3.18 -46.05 20.65
CA UNK A 71 -3.93 -46.47 19.48
C UNK A 71 -3.95 -45.37 18.43
N UNK A 72 -4.28 -44.14 18.82
CA UNK A 72 -4.21 -43.01 17.91
C UNK A 72 -2.77 -42.72 17.51
N UNK A 73 -1.81 -43.02 18.37
CA UNK A 73 -0.40 -42.90 17.99
C UNK A 73 0.00 -44.01 17.03
N UNK A 74 -0.68 -45.16 17.07
CA UNK A 74 -0.45 -46.18 16.05
C UNK A 74 -1.08 -45.78 14.73
N UNK A 75 -2.21 -45.07 14.78
CA UNK A 75 -2.76 -44.45 13.57
C UNK A 75 -1.80 -43.40 13.02
N UNK A 76 -1.09 -42.69 13.92
CA UNK A 76 -0.01 -41.83 13.48
C UNK A 76 1.18 -42.61 12.98
N UNK A 77 1.36 -43.85 13.45
CA UNK A 77 2.47 -44.67 12.98
C UNK A 77 2.18 -45.22 11.58
N UNK A 78 0.91 -45.34 11.22
CA UNK A 78 0.57 -45.73 9.86
C UNK A 78 0.85 -44.60 8.88
N UNK A 79 0.54 -43.37 9.27
CA UNK A 79 0.69 -42.21 8.38
C UNK A 79 2.13 -41.76 8.38
N UNK A 80 2.74 -41.71 7.20
CA UNK A 80 4.12 -41.22 7.10
C UNK A 80 4.16 -39.70 7.17
N UNK A 81 3.50 -39.02 6.24
CA UNK A 81 3.51 -37.57 6.20
C UNK A 81 2.28 -37.00 6.92
N UNK B 1 32.71 -8.53 1.89
CA UNK B 1 33.05 -7.11 2.03
C UNK B 1 34.02 -6.67 0.94
N UNK B 2 34.73 -5.57 1.20
CA UNK B 2 35.65 -5.01 0.21
C UNK B 2 36.87 -5.89 0.01
N UNK B 3 37.22 -6.69 1.01
CA UNK B 3 38.36 -7.58 0.91
C UNK B 3 37.97 -9.02 0.62
N UNK B 4 36.67 -9.30 0.39
CA UNK B 4 36.24 -10.67 0.16
C UNK B 4 36.70 -11.20 -1.19
N UNK B 5 36.96 -10.31 -2.15
CA UNK B 5 37.39 -10.72 -3.48
C UNK B 5 38.89 -10.87 -3.59
N UNK B 6 39.65 -9.84 -3.19
CA UNK B 6 41.10 -9.94 -3.19
C UNK B 6 41.58 -10.96 -2.17
N UNK B 7 40.86 -11.10 -1.06
CA UNK B 7 41.07 -12.22 -0.16
C UNK B 7 40.51 -13.51 -0.71
N UNK B 8 39.52 -13.44 -1.60
CA UNK B 8 39.01 -14.66 -2.22
C UNK B 8 39.95 -15.17 -3.31
N UNK B 9 40.93 -14.35 -3.72
CA UNK B 9 41.92 -14.82 -4.69
C UNK B 9 42.91 -15.78 -4.03
N UNK B 10 43.54 -15.34 -2.94
CA UNK B 10 44.40 -16.23 -2.18
C UNK B 10 43.59 -17.27 -1.43
N UNK B 11 42.31 -17.00 -1.20
CA UNK B 11 41.41 -18.03 -0.66
C UNK B 11 40.89 -18.93 -1.77
N UNK B 12 41.23 -18.62 -3.01
CA UNK B 12 40.95 -19.55 -4.11
C UNK B 12 42.16 -20.39 -4.40
N UNK B 13 43.35 -19.82 -4.25
CA UNK B 13 44.55 -20.64 -4.21
C UNK B 13 44.53 -21.55 -3.00
N UNK B 14 44.06 -21.05 -1.87
CA UNK B 14 43.93 -21.86 -0.67
C UNK B 14 42.68 -22.73 -0.72
N UNK B 15 41.68 -22.29 -1.47
CA UNK B 15 40.50 -23.12 -1.68
C UNK B 15 40.76 -24.21 -2.70
N UNK B 16 41.85 -24.12 -3.44
CA UNK B 16 42.23 -25.19 -4.35
C UNK B 16 42.75 -26.39 -3.59
N UNK B 17 43.81 -26.18 -2.80
CA UNK B 17 44.32 -27.24 -1.94
C UNK B 17 43.36 -27.57 -0.82
N UNK B 18 42.53 -26.61 -0.43
CA UNK B 18 41.48 -26.90 0.55
C UNK B 18 40.39 -27.75 -0.09
N UNK B 19 40.16 -27.57 -1.39
CA UNK B 19 39.27 -28.47 -2.10
C UNK B 19 39.91 -29.84 -2.29
N UNK B 20 41.24 -29.89 -2.38
CA UNK B 20 41.93 -31.17 -2.33
C UNK B 20 41.82 -31.79 -0.94
N UNK B 21 41.68 -30.96 0.08
CA UNK B 21 41.37 -31.48 1.41
C UNK B 21 39.90 -31.86 1.53
N UNK B 22 39.05 -31.32 0.67
CA UNK B 22 37.66 -31.77 0.63
C UNK B 22 37.56 -33.12 -0.06
N UNK B 23 38.42 -33.36 -1.05
CA UNK B 23 38.49 -34.67 -1.67
C UNK B 23 39.17 -35.67 -0.75
N UNK B 24 40.14 -35.20 0.05
CA UNK B 24 40.81 -36.07 1.00
C UNK B 24 39.88 -36.42 2.17
N UNK B 25 39.13 -35.44 2.65
CA UNK B 25 38.17 -35.70 3.73
C UNK B 25 36.96 -36.45 3.20
N UNK B 26 36.68 -36.34 1.91
CA UNK B 26 35.63 -37.16 1.31
C UNK B 26 36.08 -38.59 1.13
N UNK B 27 37.35 -38.80 0.79
CA UNK B 27 37.89 -40.15 0.68
C UNK B 27 38.02 -40.81 2.05
N UNK B 28 38.36 -40.02 3.07
CA UNK B 28 38.28 -40.52 4.44
C UNK B 28 36.83 -40.73 4.86
N UNK B 29 35.91 -39.93 4.31
CA UNK B 29 34.49 -40.09 4.56
C UNK B 29 33.89 -41.29 3.83
N UNK B 30 34.63 -41.88 2.89
CA UNK B 30 34.17 -43.11 2.25
C UNK B 30 34.34 -44.30 3.18
N UNK B 31 35.58 -44.57 3.60
CA UNK B 31 35.86 -45.70 4.47
C UNK B 31 35.51 -45.44 5.93
N UNK B 32 35.33 -44.18 6.31
CA UNK B 32 34.88 -43.87 7.66
C UNK B 32 33.43 -44.30 7.87
N UNK B 33 32.65 -44.38 6.80
CA UNK B 33 31.32 -44.99 6.88
C UNK B 33 31.41 -46.48 7.13
N UNK B 34 32.43 -47.15 6.57
CA UNK B 34 32.66 -48.54 6.91
C UNK B 34 33.19 -48.68 8.33
N UNK B 35 33.89 -47.66 8.83
CA UNK B 35 34.28 -47.66 10.24
C UNK B 35 33.08 -47.51 11.16
N UNK B 36 32.06 -46.79 10.72
CA UNK B 36 30.83 -46.64 11.47
C UNK B 36 29.68 -47.46 10.88
N UNK B 37 29.98 -48.56 10.20
CA UNK B 37 28.93 -49.37 9.58
C UNK B 37 28.11 -50.12 10.62
N UNK B 38 28.71 -50.43 11.76
CA UNK B 38 28.00 -51.16 12.81
C UNK B 38 27.88 -50.36 14.10
N UNK B 39 28.99 -49.77 14.57
CA UNK B 39 29.04 -49.14 15.89
C UNK B 39 28.36 -47.80 15.83
N UNK B 40 27.08 -47.77 16.19
CA UNK B 40 26.26 -46.57 16.18
C UNK B 40 26.74 -45.51 17.18
N UNK B 41 26.65 -45.83 18.47
CA UNK B 41 27.02 -44.87 19.49
C UNK B 41 28.54 -44.77 19.68
N UNK B 42 29.29 -45.75 19.19
CA UNK B 42 30.72 -45.81 19.46
C UNK B 42 31.52 -45.10 18.36
N UNK B 43 31.37 -45.54 17.12
CA UNK B 43 32.26 -45.11 16.04
C UNK B 43 31.94 -43.72 15.52
N UNK B 44 31.00 -43.00 16.13
CA UNK B 44 30.73 -41.61 15.77
C UNK B 44 31.93 -40.73 16.05
N UNK B 45 32.72 -41.07 17.06
CA UNK B 45 33.99 -40.40 17.31
C UNK B 45 35.17 -41.12 16.67
N UNK B 46 35.08 -42.44 16.46
CA UNK B 46 36.20 -43.22 15.95
C UNK B 46 36.43 -42.96 14.47
N UNK B 47 35.35 -42.89 13.68
CA UNK B 47 35.49 -42.47 12.30
C UNK B 47 35.92 -41.01 12.19
N UNK B 48 35.54 -40.18 13.16
CA UNK B 48 36.01 -38.80 13.19
C UNK B 48 37.50 -38.72 13.52
N UNK B 49 38.02 -39.73 14.22
CA UNK B 49 39.46 -39.82 14.38
C UNK B 49 40.12 -40.34 13.12
N UNK B 50 39.50 -41.33 12.47
CA UNK B 50 40.02 -41.90 11.24
C UNK B 50 40.08 -40.89 10.11
N UNK B 51 39.19 -39.90 10.11
CA UNK B 51 39.33 -38.77 9.21
C UNK B 51 40.13 -37.63 9.83
N UNK B 52 40.20 -37.58 11.16
CA UNK B 52 40.89 -36.48 11.84
C UNK B 52 42.41 -36.59 11.76
N UNK B 53 42.95 -37.79 11.52
CA UNK B 53 44.38 -37.91 11.29
C UNK B 53 44.79 -37.25 9.97
N UNK B 54 44.11 -37.62 8.89
CA UNK B 54 44.34 -36.97 7.60
C UNK B 54 43.88 -35.52 7.59
N UNK B 55 42.97 -35.15 8.49
CA UNK B 55 42.60 -33.76 8.65
C UNK B 55 43.70 -32.96 9.34
N UNK B 56 44.42 -33.60 10.27
CA UNK B 56 45.61 -32.97 10.83
C UNK B 56 46.71 -32.87 9.78
N UNK B 57 46.79 -33.86 8.88
CA UNK B 57 47.66 -33.74 7.71
C UNK B 57 47.22 -32.59 6.82
N UNK B 58 45.91 -32.34 6.74
CA UNK B 58 45.42 -31.19 5.99
C UNK B 58 45.70 -29.88 6.72
N UNK B 59 45.85 -29.93 8.04
CA UNK B 59 46.33 -28.77 8.77
C UNK B 59 47.81 -28.54 8.50
N UNK B 60 48.57 -29.61 8.29
CA UNK B 60 49.98 -29.46 7.93
C UNK B 60 50.14 -28.89 6.53
N UNK B 61 49.41 -29.44 5.56
CA UNK B 61 49.54 -28.96 4.19
C UNK B 61 48.90 -27.60 4.00
N UNK B 62 47.75 -27.36 4.64
CA UNK B 62 47.07 -26.07 4.59
C UNK B 62 47.71 -25.03 5.49
N UNK B 63 48.65 -25.44 6.35
CA UNK B 63 49.42 -24.48 7.11
C UNK B 63 50.26 -23.60 6.20
N UNK B 64 50.81 -24.18 5.13
CA UNK B 64 51.46 -23.36 4.11
C UNK B 64 50.46 -22.53 3.33
N UNK B 65 49.22 -23.03 3.21
CA UNK B 65 48.19 -22.29 2.50
C UNK B 65 47.67 -21.09 3.30
N UNK B 66 47.86 -21.10 4.62
CA UNK B 66 47.39 -19.98 5.44
C UNK B 66 48.36 -18.81 5.45
N UNK B 67 49.42 -18.83 4.65
CA UNK B 67 50.44 -17.80 4.71
C UNK B 67 49.97 -16.46 4.14
N UNK B 68 49.03 -16.50 3.20
CA UNK B 68 48.61 -15.27 2.53
C UNK B 68 47.45 -14.58 3.23
N UNK B 69 46.77 -15.25 4.14
CA UNK B 69 45.64 -14.63 4.84
C UNK B 69 46.12 -13.55 5.79
N UNK B 70 47.35 -13.68 6.32
CA UNK B 70 47.93 -12.60 7.10
C UNK B 70 48.24 -11.41 6.22
N UNK B 71 48.59 -11.65 4.96
CA UNK B 71 48.76 -10.54 4.02
C UNK B 71 47.40 -9.95 3.65
N UNK B 72 46.34 -10.75 3.69
CA UNK B 72 45.00 -10.23 3.46
C UNK B 72 44.55 -9.34 4.61
N UNK B 73 44.91 -9.72 5.83
CA UNK B 73 44.67 -8.83 6.96
C UNK B 73 45.61 -7.63 6.93
N UNK B 74 46.78 -7.77 6.31
CA UNK B 74 47.72 -6.66 6.23
C UNK B 74 47.24 -5.60 5.25
N UNK B 75 46.75 -6.02 4.09
CA UNK B 75 46.14 -5.07 3.17
C UNK B 75 44.78 -4.59 3.67
N UNK B 76 44.10 -5.42 4.46
CA UNK B 76 42.83 -5.02 5.05
C UNK B 76 43.01 -4.18 6.30
N UNK B 77 44.25 -3.96 6.75
CA UNK B 77 44.48 -3.33 8.04
C UNK B 77 44.21 -1.84 7.98
N UNK B 78 44.95 -1.11 7.14
CA UNK B 78 44.81 0.34 7.06
C UNK B 78 43.63 0.78 6.19
N UNK B 79 42.74 -0.14 5.82
CA UNK B 79 41.58 0.23 5.01
C UNK B 79 40.57 1.04 5.82
N UNK B 80 40.03 0.41 6.87
CA UNK B 80 38.98 0.96 7.75
C UNK B 80 37.75 1.46 6.99
N UNK C 1 21.25 -26.49 -1.61
CA UNK C 1 20.27 -26.25 -2.66
C UNK C 1 20.41 -27.28 -3.78
N UNK C 2 21.55 -27.25 -4.46
CA UNK C 2 21.81 -28.20 -5.54
C UNK C 2 22.03 -29.60 -4.98
N UNK C 3 23.00 -29.73 -4.07
CA UNK C 3 23.20 -31.02 -3.40
C UNK C 3 22.11 -31.31 -2.38
N UNK C 4 21.32 -30.31 -2.00
CA UNK C 4 20.09 -30.60 -1.27
C UNK C 4 19.05 -31.21 -2.18
N UNK C 5 19.06 -30.85 -3.46
CA UNK C 5 18.15 -31.47 -4.42
C UNK C 5 18.61 -32.86 -4.80
N UNK C 6 19.92 -33.08 -4.96
CA UNK C 6 20.42 -34.42 -5.20
C UNK C 6 20.29 -35.27 -3.95
N UNK C 7 20.36 -34.65 -2.78
CA UNK C 7 20.03 -35.32 -1.53
C UNK C 7 18.56 -35.68 -1.46
N UNK C 8 17.69 -34.88 -2.10
CA UNK C 8 16.30 -35.27 -2.23
C UNK C 8 16.14 -36.36 -3.29
N UNK C 9 17.10 -36.48 -4.21
CA UNK C 9 17.05 -37.57 -5.18
C UNK C 9 17.42 -38.90 -4.54
N UNK C 10 18.51 -38.93 -3.78
CA UNK C 10 18.89 -40.17 -3.10
C UNK C 10 18.04 -40.43 -1.87
N UNK C 11 17.37 -39.39 -1.35
CA UNK C 11 16.53 -39.51 -0.17
C UNK C 11 15.27 -40.32 -0.41
N UNK C 12 14.89 -40.54 -1.68
CA UNK C 12 13.80 -41.46 -1.97
C UNK C 12 14.19 -42.90 -1.63
N UNK C 13 15.40 -43.31 -2.02
CA UNK C 13 15.85 -44.65 -1.71
C UNK C 13 16.26 -44.79 -0.25
N UNK C 14 16.97 -43.80 0.29
CA UNK C 14 17.42 -43.88 1.69
C UNK C 14 16.26 -43.77 2.67
N UNK C 15 15.37 -42.80 2.46
CA UNK C 15 14.17 -42.69 3.28
C UNK C 15 13.16 -43.79 2.97
N UNK C 16 13.27 -44.42 1.80
CA UNK C 16 12.43 -45.58 1.50
C UNK C 16 12.86 -46.78 2.33
N UNK C 17 14.18 -47.01 2.44
CA UNK C 17 14.65 -48.12 3.25
C UNK C 17 14.50 -47.86 4.74
N UNK C 18 14.84 -46.64 5.18
CA UNK C 18 14.75 -46.30 6.60
C UNK C 18 13.30 -46.18 7.04
N UNK C 19 12.44 -45.63 6.18
CA UNK C 19 11.01 -45.58 6.47
C UNK C 19 10.38 -46.97 6.36
N UNK C 20 10.98 -47.85 5.57
CA UNK C 20 10.47 -49.21 5.47
C UNK C 20 10.79 -50.01 6.74
N UNK C 21 12.04 -49.96 7.20
CA UNK C 21 12.40 -50.64 8.43
C UNK C 21 11.73 -49.98 9.64
N UNK C 22 11.55 -48.66 9.59
CA UNK C 22 10.88 -47.97 10.68
C UNK C 22 9.39 -48.28 10.74
N UNK C 23 8.73 -48.29 9.58
CA UNK C 23 7.32 -48.68 9.54
C UNK C 23 7.15 -50.15 9.89
N UNK C 24 8.15 -50.97 9.59
CA UNK C 24 8.16 -52.33 10.12
C UNK C 24 8.34 -52.34 11.63
N UNK C 25 9.04 -51.34 12.17
CA UNK C 25 9.28 -51.23 13.60
C UNK C 25 8.30 -50.31 14.31
N UNK C 26 7.15 -50.01 13.69
CA UNK C 26 6.10 -49.28 14.38
C UNK C 26 5.49 -50.10 15.52
N UNK C 27 5.23 -51.38 15.26
CA UNK C 27 4.75 -52.27 16.31
C UNK C 27 5.87 -52.63 17.30
N UNK C 28 7.13 -52.54 16.86
CA UNK C 28 8.24 -52.65 17.81
C UNK C 28 8.29 -51.45 18.74
N UNK C 29 7.94 -50.27 18.21
CA UNK C 29 7.76 -49.11 19.08
C UNK C 29 6.54 -49.27 19.96
N UNK C 30 5.54 -50.03 19.50
CA UNK C 30 4.42 -50.37 20.36
C UNK C 30 4.83 -51.37 21.44
N UNK C 31 5.88 -52.17 21.17
CA UNK C 31 6.41 -53.05 22.20
C UNK C 31 7.25 -52.26 23.20
N UNK C 32 7.98 -51.26 22.72
CA UNK C 32 8.69 -50.36 23.62
C UNK C 32 7.72 -49.56 24.47
N UNK C 33 6.57 -49.18 23.89
CA UNK C 33 5.50 -48.56 24.65
C UNK C 33 4.83 -49.54 25.59
N UNK C 34 4.81 -50.82 25.26
CA UNK C 34 4.32 -51.83 26.19
C UNK C 34 5.26 -51.98 27.37
N UNK C 35 6.56 -51.79 27.13
CA UNK C 35 7.50 -51.66 28.24
C UNK C 35 7.26 -50.37 29.01
N UNK C 36 6.80 -49.34 28.32
CA UNK C 36 6.48 -48.07 28.96
C UNK C 36 5.03 -47.98 29.42
N UNK C 37 4.33 -49.12 29.50
CA UNK C 37 2.91 -49.07 29.88
C UNK C 37 2.75 -48.71 31.35
N UNK C 38 3.31 -49.52 32.24
CA UNK C 38 3.39 -49.13 33.64
C UNK C 38 4.66 -48.33 33.91
N UNK C 39 5.77 -48.74 33.29
CA UNK C 39 7.06 -48.08 33.49
C UNK C 39 7.16 -46.88 32.54
N UNK C 40 6.36 -45.87 32.84
CA UNK C 40 6.31 -44.68 31.98
C UNK C 40 7.58 -43.84 32.13
N UNK C 41 8.22 -43.91 33.29
CA UNK C 41 9.36 -43.06 33.57
C UNK C 41 10.69 -43.67 33.15
N UNK C 42 10.93 -44.93 33.51
CA UNK C 42 12.27 -45.50 33.42
C UNK C 42 12.56 -46.14 32.09
N UNK C 43 11.53 -46.57 31.35
CA UNK C 43 11.73 -47.37 30.14
C UNK C 43 12.22 -46.55 28.94
N UNK C 44 12.55 -45.28 29.13
CA UNK C 44 13.06 -44.41 28.08
C UNK C 44 14.38 -44.92 27.52
N UNK C 45 15.42 -44.97 28.34
CA UNK C 45 16.71 -45.41 27.85
C UNK C 45 16.81 -46.92 27.70
N UNK C 46 15.91 -47.68 28.35
CA UNK C 46 15.99 -49.13 28.28
C UNK C 46 15.25 -49.67 27.07
N UNK C 47 14.00 -49.24 26.88
CA UNK C 47 13.31 -49.48 25.63
C UNK C 47 13.99 -48.79 24.47
N UNK C 48 14.64 -47.64 24.72
CA UNK C 48 15.49 -47.02 23.72
C UNK C 48 16.74 -47.85 23.45
N UNK C 49 17.18 -48.63 24.43
CA UNK C 49 18.29 -49.55 24.18
C UNK C 49 17.82 -50.75 23.38
N UNK C 50 16.55 -51.15 23.55
CA UNK C 50 15.96 -52.12 22.64
C UNK C 50 15.84 -51.55 21.23
N UNK C 51 15.56 -50.25 21.13
CA UNK C 51 15.56 -49.57 19.84
C UNK C 51 16.96 -49.52 19.24
N UNK C 52 17.99 -49.36 20.08
CA UNK C 52 19.36 -49.44 19.60
C UNK C 52 19.74 -50.86 19.22
N UNK C 53 19.09 -51.86 19.82
CA UNK C 53 19.28 -53.23 19.40
C UNK C 53 18.65 -53.46 18.02
N UNK C 54 17.53 -52.78 17.76
CA UNK C 54 17.02 -52.76 16.40
C UNK C 54 17.93 -51.96 15.46
N UNK C 55 18.62 -50.95 15.99
CA UNK C 55 19.54 -50.16 15.18
C UNK C 55 20.79 -50.94 14.81
N UNK C 56 21.17 -51.92 15.63
CA UNK C 56 22.20 -52.86 15.20
C UNK C 56 21.72 -53.78 14.08
N UNK C 57 20.40 -53.99 13.99
CA UNK C 57 19.87 -54.80 12.90
C UNK C 57 19.68 -53.98 11.64
N UNK C 58 19.48 -52.66 11.77
CA UNK C 58 19.13 -51.83 10.63
C UNK C 58 20.27 -50.90 10.17
N UNK C 59 21.37 -50.84 10.90
CA UNK C 59 22.46 -49.93 10.53
C UNK C 59 23.16 -50.39 9.27
N UNK C 60 23.30 -51.70 9.08
CA UNK C 60 23.85 -52.23 7.84
C UNK C 60 22.89 -52.01 6.68
N UNK C 61 21.58 -51.96 6.95
CA UNK C 61 20.62 -51.58 5.93
C UNK C 61 20.76 -50.10 5.58
N UNK C 62 21.14 -49.27 6.56
CA UNK C 62 21.48 -47.88 6.25
C UNK C 62 22.80 -47.76 5.50
N UNK C 63 23.70 -48.74 5.65
CA UNK C 63 25.02 -48.68 5.04
C UNK C 63 24.97 -48.80 3.52
N UNK C 64 23.89 -49.34 2.96
CA UNK C 64 23.76 -49.42 1.51
C UNK C 64 23.56 -48.05 0.90
N UNK C 65 22.50 -47.35 1.33
CA UNK C 65 22.21 -46.01 0.83
C UNK C 65 23.18 -44.96 1.35
N UNK C 66 23.95 -45.27 2.40
CA UNK C 66 24.97 -44.35 2.89
C UNK C 66 26.06 -44.09 1.86
N UNK C 67 26.35 -45.06 0.98
CA UNK C 67 27.29 -44.82 -0.10
C UNK C 67 26.72 -43.83 -1.11
N UNK C 68 25.40 -43.82 -1.29
CA UNK C 68 24.79 -42.79 -2.12
C UNK C 68 24.79 -41.44 -1.40
N UNK C 69 24.68 -41.45 -0.07
CA UNK C 69 24.68 -40.20 0.69
C UNK C 69 26.06 -39.55 0.68
N UNK C 70 27.12 -40.36 0.75
CA UNK C 70 28.46 -39.82 0.63
C UNK C 70 28.73 -39.33 -0.79
N UNK C 71 28.08 -39.94 -1.77
CA UNK C 71 28.13 -39.40 -3.13
C UNK C 71 27.40 -38.08 -3.23
N UNK C 72 26.37 -37.88 -2.40
CA UNK C 72 25.73 -36.56 -2.33
C UNK C 72 26.63 -35.56 -1.62
N UNK C 73 27.45 -36.03 -0.68
CA UNK C 73 28.44 -35.15 -0.06
C UNK C 73 29.52 -34.77 -1.07
N UNK C 74 29.86 -35.69 -1.98
CA UNK C 74 30.76 -35.36 -3.07
C UNK C 74 30.08 -34.45 -4.09
N UNK C 75 28.75 -34.52 -4.18
CA UNK C 75 28.02 -33.55 -5.00
C UNK C 75 28.03 -32.18 -4.34
N UNK C 76 28.13 -32.14 -3.01
CA UNK C 76 28.28 -30.88 -2.32
C UNK C 76 29.68 -30.31 -2.49
N UNK C 77 30.70 -31.16 -2.40
CA UNK C 77 32.07 -30.70 -2.58
C UNK C 77 32.34 -30.29 -4.02
N UNK C 78 31.78 -31.01 -4.98
CA UNK C 78 31.86 -30.58 -6.37
C UNK C 78 30.97 -29.38 -6.62
N UNK C 79 29.91 -29.21 -5.83
CA UNK C 79 29.08 -28.03 -5.94
C UNK C 79 29.81 -26.78 -5.45
N UNK C 80 30.73 -26.96 -4.51
CA UNK C 80 31.58 -25.91 -3.94
C UNK C 80 30.80 -24.73 -3.36
N UNK D 1 24.90 13.39 19.96
CA UNK D 1 25.97 13.10 19.02
C UNK D 1 26.65 14.40 18.60
N UNK D 2 26.41 15.45 19.38
CA UNK D 2 26.98 16.75 19.06
C UNK D 2 28.48 16.76 19.29
N UNK D 3 28.94 16.00 20.28
CA UNK D 3 30.36 15.90 20.54
C UNK D 3 31.02 14.76 19.78
N UNK D 4 30.38 14.24 18.72
CA UNK D 4 31.00 13.19 17.92
C UNK D 4 32.19 13.72 17.15
N UNK D 5 32.01 14.84 16.46
CA UNK D 5 33.13 15.48 15.78
C UNK D 5 34.04 16.21 16.76
N UNK D 6 33.50 16.63 17.91
CA UNK D 6 34.31 17.29 18.91
C UNK D 6 35.29 16.32 19.56
N UNK D 7 34.85 15.10 19.79
CA UNK D 7 35.72 14.06 20.32
C UNK D 7 36.45 13.30 19.21
N UNK D 8 36.06 13.48 17.96
CA UNK D 8 36.80 12.88 16.86
C UNK D 8 38.16 13.54 16.66
N UNK D 9 38.28 14.81 17.06
CA UNK D 9 39.58 15.48 16.99
C UNK D 9 40.52 14.97 18.06
N UNK D 10 40.00 14.75 19.28
CA UNK D 10 40.81 14.17 20.34
C UNK D 10 41.14 12.72 20.05
N UNK D 11 40.23 12.02 19.38
CA UNK D 11 40.46 10.63 18.99
C UNK D 11 41.19 10.50 17.67
N UNK D 12 41.52 11.61 17.02
CA UNK D 12 42.24 11.53 15.75
C UNK D 12 43.69 11.12 15.96
N UNK D 13 44.37 11.74 16.92
CA UNK D 13 45.75 11.36 17.21
C UNK D 13 45.82 9.96 17.84
N UNK D 14 44.76 9.55 18.52
CA UNK D 14 44.70 8.21 19.09
C UNK D 14 44.41 7.17 18.02
N UNK D 15 43.66 7.54 16.98
CA UNK D 15 43.44 6.63 15.87
C UNK D 15 44.68 6.52 15.01
N UNK D 16 45.42 7.62 14.85
CA UNK D 16 46.63 7.60 14.04
C UNK D 16 47.74 6.83 14.74
N UNK D 17 47.98 7.13 16.02
CA UNK D 17 48.96 6.35 16.78
C UNK D 17 48.45 4.94 17.04
N UNK D 18 47.14 4.75 17.00
CA UNK D 18 46.58 3.40 17.05
C UNK D 18 46.94 2.62 15.79
N UNK D 19 46.93 3.30 14.64
CA UNK D 19 47.40 2.66 13.42
C UNK D 19 48.91 2.45 13.47
N UNK D 20 49.64 3.34 14.15
CA UNK D 20 51.06 3.13 14.36
C UNK D 20 51.31 1.93 15.25
N UNK D 21 50.39 1.63 16.16
CA UNK D 21 50.45 0.39 16.91
C UNK D 21 50.08 -0.80 16.04
N UNK D 22 49.15 -0.61 15.11
CA UNK D 22 48.74 -1.69 14.22
C UNK D 22 49.81 -2.07 13.22
N UNK D 23 50.75 -1.15 12.93
CA UNK D 23 51.82 -1.44 11.98
C UNK D 23 52.76 -2.51 12.50
N UNK D 24 53.37 -2.26 13.67
CA UNK D 24 54.20 -3.29 14.29
C UNK D 24 53.37 -4.42 14.86
N UNK D 25 52.08 -4.18 15.13
CA UNK D 25 51.22 -5.24 15.63
C UNK D 25 50.91 -6.25 14.54
N UNK D 26 50.95 -5.82 13.28
CA UNK D 26 50.92 -6.79 12.19
C UNK D 26 52.19 -7.62 12.16
N UNK D 27 53.33 -7.01 12.49
CA UNK D 27 54.61 -7.72 12.46
C UNK D 27 54.68 -8.77 13.56
N UNK D 28 54.24 -8.40 14.77
CA UNK D 28 54.13 -9.39 15.83
C UNK D 28 52.99 -10.37 15.56
N UNK D 29 51.99 -9.94 14.80
CA UNK D 29 50.91 -10.85 14.41
C UNK D 29 51.38 -11.88 13.39
N UNK D 30 52.47 -11.60 12.67
CA UNK D 30 53.00 -12.57 11.72
C UNK D 30 53.59 -13.77 12.43
N UNK D 31 54.51 -13.53 13.38
CA UNK D 31 55.06 -14.62 14.15
C UNK D 31 54.05 -15.18 15.15
N UNK D 32 53.04 -14.37 15.52
CA UNK D 32 51.94 -14.90 16.31
C UNK D 32 51.11 -15.89 15.49
N UNK D 33 51.00 -15.64 14.19
CA UNK D 33 50.38 -16.62 13.31
C UNK D 33 51.30 -17.80 13.06
N UNK D 34 52.61 -17.58 13.12
CA UNK D 34 53.56 -18.68 12.97
C UNK D 34 53.51 -19.62 14.18
N UNK D 35 53.35 -19.06 15.38
CA UNK D 35 53.16 -19.89 16.56
C UNK D 35 51.75 -20.47 16.59
N UNK D 36 50.79 -19.74 16.04
CA UNK D 36 49.42 -20.24 15.93
C UNK D 36 49.23 -21.18 14.75
N UNK D 37 50.30 -21.48 14.00
CA UNK D 37 50.20 -22.44 12.92
C UNK D 37 49.98 -23.85 13.49
N UNK D 38 50.83 -24.26 14.42
CA UNK D 38 50.63 -25.51 15.12
C UNK D 38 50.13 -25.31 16.54
N UNK D 39 50.04 -24.06 17.01
CA UNK D 39 49.73 -23.76 18.41
C UNK D 39 48.72 -22.64 18.52
N UNK D 40 47.62 -22.74 17.77
CA UNK D 40 46.56 -21.74 17.87
C UNK D 40 45.76 -21.91 19.17
N UNK D 41 45.87 -23.06 19.82
CA UNK D 41 45.12 -23.28 21.06
C UNK D 41 45.76 -22.54 22.22
N UNK D 42 47.09 -22.57 22.32
CA UNK D 42 47.81 -22.02 23.46
C UNK D 42 48.63 -20.78 23.11
N UNK D 43 49.46 -20.86 22.07
CA UNK D 43 50.37 -19.77 21.78
C UNK D 43 49.68 -18.58 21.13
N UNK D 44 48.42 -18.73 20.72
CA UNK D 44 47.63 -17.56 20.39
C UNK D 44 47.20 -16.82 21.66
N UNK D 45 47.06 -17.54 22.78
CA UNK D 45 46.75 -16.90 24.04
C UNK D 45 47.99 -16.32 24.70
N UNK D 46 49.12 -17.02 24.60
CA UNK D 46 50.37 -16.49 25.13
C UNK D 46 50.89 -15.35 24.27
N UNK D 47 50.76 -15.49 22.95
CA UNK D 47 51.08 -14.38 22.06
C UNK D 47 50.02 -13.29 22.15
N UNK D 48 48.83 -13.62 22.63
CA UNK D 48 47.85 -12.59 22.95
C UNK D 48 48.25 -11.85 24.22
N UNK D 49 48.93 -12.55 25.14
CA UNK D 49 49.52 -11.86 26.27
C UNK D 49 50.73 -11.06 25.84
N UNK D 50 51.39 -11.47 24.74
CA UNK D 50 52.40 -10.62 24.14
C UNK D 50 51.77 -9.42 23.45
N UNK D 51 50.52 -9.57 22.99
CA UNK D 51 49.78 -8.41 22.50
C UNK D 51 49.36 -7.53 23.67
N UNK D 52 49.18 -8.13 24.84
CA UNK D 52 49.02 -7.32 26.04
C UNK D 52 50.34 -6.71 26.47
N UNK D 53 51.46 -7.29 26.02
CA UNK D 53 52.76 -6.75 26.38
C UNK D 53 53.12 -5.56 25.52
N UNK D 54 52.98 -5.69 24.20
CA UNK D 54 53.13 -4.53 23.33
C UNK D 54 51.99 -3.55 23.52
N UNK D 55 50.83 -4.03 23.97
CA UNK D 55 49.76 -3.13 24.38
C UNK D 55 50.13 -2.35 25.63
N UNK D 56 50.91 -2.97 26.52
CA UNK D 56 51.45 -2.24 27.65
C UNK D 56 52.56 -1.29 27.22
N UNK D 57 53.26 -1.62 26.13
CA UNK D 57 54.23 -0.70 25.56
C UNK D 57 53.53 0.52 24.96
N UNK D 58 52.36 0.33 24.39
CA UNK D 58 51.54 1.44 23.94
C UNK D 58 50.77 2.10 25.07
N UNK D 59 50.73 1.48 26.25
CA UNK D 59 50.03 2.07 27.38
C UNK D 59 50.79 3.25 27.97
N UNK D 60 52.06 3.43 27.60
CA UNK D 60 52.80 4.61 28.02
C UNK D 60 52.23 5.88 27.40
N UNK D 61 51.74 5.79 26.16
CA UNK D 61 51.12 6.93 25.50
C UNK D 61 49.60 6.84 25.44
N UNK D 62 49.03 5.67 25.76
CA UNK D 62 47.58 5.49 25.70
C UNK D 62 46.87 6.27 26.80
N UNK D 63 47.59 6.62 27.87
CA UNK D 63 46.98 7.42 28.93
C UNK D 63 46.83 8.87 28.53
N UNK D 64 47.81 9.42 27.81
CA UNK D 64 47.67 10.78 27.29
C UNK D 64 46.70 10.81 26.11
N UNK D 65 46.72 9.75 25.30
CA UNK D 65 45.74 9.58 24.24
C UNK D 65 44.32 9.48 24.81
N UNK D 66 44.18 8.88 25.99
CA UNK D 66 42.91 8.89 26.69
C UNK D 66 42.65 10.25 27.34
N UNK D 67 43.71 10.98 27.68
CA UNK D 67 43.55 12.29 28.31
C UNK D 67 43.04 13.32 27.32
N UNK D 68 43.30 13.12 26.02
CA UNK D 68 42.61 13.90 25.00
C UNK D 68 41.10 13.70 25.08
N UNK D 69 40.66 12.46 25.29
CA UNK D 69 39.25 12.20 25.54
C UNK D 69 38.81 12.56 26.94
N UNK D 70 39.75 12.91 27.83
CA UNK D 70 39.36 13.44 29.13
C UNK D 70 39.10 14.93 29.05
N UNK D 71 39.86 15.63 28.20
CA UNK D 71 39.55 17.03 27.93
C UNK D 71 38.30 17.18 27.10
N UNK D 72 38.16 16.36 26.04
CA UNK D 72 36.93 16.37 25.26
C UNK D 72 35.77 15.81 26.06
N UNK D 73 36.06 14.90 26.99
CA UNK D 73 35.05 14.44 27.93
C UNK D 73 34.64 15.54 28.91
N UNK D 74 35.56 16.46 29.23
CA UNK D 74 35.17 17.62 30.03
C UNK D 74 34.35 18.60 29.21
N UNK D 75 34.61 18.66 27.90
CA UNK D 75 33.74 19.42 27.01
C UNK D 75 32.36 18.79 26.94
N UNK D 76 32.29 17.47 27.05
CA UNK D 76 31.00 16.81 27.22
C UNK D 76 30.42 17.07 28.61
N UNK D 77 31.27 17.31 29.61
CA UNK D 77 30.79 17.58 30.96
C UNK D 77 30.21 18.99 31.05
N UNK D 78 30.63 19.88 30.14
CA UNK D 78 30.00 21.19 30.08
C UNK D 78 28.57 21.10 29.56
N UNK D 79 28.33 20.23 28.57
CA UNK D 79 27.00 20.10 27.98
C UNK D 79 26.10 19.30 28.92
N UNK D 80 24.88 19.77 29.10
CA UNK D 80 23.93 19.08 29.98
C UNK D 80 23.11 18.05 29.20
N UNK D 81 22.36 18.49 28.19
CA UNK D 81 21.50 17.60 27.44
C UNK D 81 21.94 17.48 25.98
N UNK E 1 1.71 6.50 32.97
CA UNK E 1 1.81 7.36 31.79
C UNK E 1 1.26 8.74 32.08
N UNK E 2 -0.01 8.81 32.48
CA UNK E 2 -0.64 10.09 32.77
C UNK E 2 -0.14 10.67 34.09
N UNK E 3 -0.27 9.90 35.16
CA UNK E 3 0.31 10.32 36.44
C UNK E 3 1.82 10.23 36.43
N UNK E 4 2.41 9.47 35.51
CA UNK E 4 3.84 9.55 35.27
C UNK E 4 4.21 10.86 34.60
N UNK E 5 3.34 11.38 33.74
CA UNK E 5 3.55 12.73 33.22
C UNK E 5 3.31 13.77 34.30
N UNK E 6 2.46 13.46 35.28
CA UNK E 6 2.35 14.33 36.45
C UNK E 6 3.61 14.27 37.30
N UNK E 7 4.27 13.11 37.33
CA UNK E 7 5.58 13.02 37.96
C UNK E 7 6.63 13.77 37.17
N UNK E 8 6.46 13.85 35.85
CA UNK E 8 7.31 14.72 35.05
C UNK E 8 6.99 16.19 35.28
N UNK E 9 5.77 16.50 35.71
CA UNK E 9 5.43 17.88 36.04
C UNK E 9 6.03 18.27 37.38
N UNK E 10 5.85 17.45 38.40
CA UNK E 10 6.39 17.76 39.72
C UNK E 10 7.89 17.52 39.81
N UNK E 11 8.48 16.80 38.85
CA UNK E 11 9.90 16.47 38.89
C UNK E 11 10.79 17.58 38.36
N UNK E 12 10.20 18.68 37.86
CA UNK E 12 11.00 19.78 37.34
C UNK E 12 11.71 20.52 38.47
N UNK E 13 11.11 20.54 39.67
CA UNK E 13 11.77 21.17 40.80
C UNK E 13 12.90 20.32 41.36
N UNK E 14 12.75 18.99 41.35
CA UNK E 14 13.79 18.11 41.86
C UNK E 14 14.94 17.97 40.87
N UNK E 15 14.64 18.03 39.57
CA UNK E 15 15.68 17.96 38.56
C UNK E 15 16.55 19.20 38.53
N UNK E 16 16.04 20.33 39.04
CA UNK E 16 16.87 21.52 39.16
C UNK E 16 17.90 21.36 40.25
N UNK E 17 17.54 20.73 41.36
CA UNK E 17 18.50 20.50 42.43
C UNK E 17 19.44 19.35 42.11
N UNK E 18 18.95 18.32 41.41
CA UNK E 18 19.81 17.20 41.02
C UNK E 18 20.80 17.63 39.94
N UNK E 19 20.33 18.34 38.93
CA UNK E 19 21.23 18.85 37.90
C UNK E 19 22.01 20.07 38.40
N UNK E 20 21.61 20.64 39.54
CA UNK E 20 22.35 21.75 40.12
C UNK E 20 23.54 21.25 40.92
N UNK E 21 23.30 20.28 41.82
CA UNK E 21 24.40 19.67 42.56
C UNK E 21 25.30 18.87 41.64
N UNK E 22 24.71 18.20 40.65
CA UNK E 22 25.51 17.51 39.65
C UNK E 22 26.22 18.49 38.74
N UNK E 23 25.61 19.64 38.48
CA UNK E 23 26.25 20.68 37.69
C UNK E 23 27.45 21.27 38.42
N UNK E 24 27.33 21.39 39.74
CA UNK E 24 28.51 21.72 40.54
C UNK E 24 29.50 20.57 40.57
N UNK E 25 29.02 19.34 40.40
CA UNK E 25 29.88 18.18 40.36
C UNK E 25 30.43 17.89 38.97
N UNK E 26 30.20 18.78 38.00
CA UNK E 26 30.79 18.62 36.67
C UNK E 26 32.31 18.77 36.71
N UNK E 27 32.83 19.53 37.67
CA UNK E 27 34.27 19.60 37.88
C UNK E 27 34.75 18.61 38.93
N UNK E 28 33.85 18.19 39.84
CA UNK E 28 34.21 17.16 40.81
C UNK E 28 34.38 15.81 40.14
N UNK E 29 33.66 15.58 39.05
CA UNK E 29 33.90 14.40 38.23
C UNK E 29 35.26 14.47 37.56
N UNK E 30 35.72 15.69 37.24
CA UNK E 30 37.09 15.85 36.77
C UNK E 30 38.09 15.70 37.91
N UNK E 31 37.65 15.94 39.15
CA UNK E 31 38.54 15.73 40.29
C UNK E 31 38.73 14.25 40.57
N UNK E 32 37.65 13.47 40.51
CA UNK E 32 37.79 12.02 40.62
C UNK E 32 38.47 11.45 39.38
N UNK E 33 38.28 12.10 38.24
CA UNK E 33 38.97 11.72 37.01
C UNK E 33 40.46 12.00 37.08
N UNK E 34 40.87 12.98 37.88
CA UNK E 34 42.30 13.18 38.13
C UNK E 34 42.89 12.01 38.90
N UNK E 35 42.11 11.42 39.81
CA UNK E 35 42.53 10.15 40.41
C UNK E 35 42.49 9.03 39.39
N UNK E 36 41.59 9.13 38.42
CA UNK E 36 41.53 8.14 37.35
C UNK E 36 42.52 8.39 36.23
N UNK E 37 43.38 9.41 36.36
CA UNK E 37 44.31 9.73 35.28
C UNK E 37 45.41 8.67 35.17
N UNK E 38 45.96 8.27 36.31
CA UNK E 38 46.85 7.11 36.33
C UNK E 38 46.09 5.87 36.79
N UNK E 39 45.35 5.98 37.89
CA UNK E 39 44.59 4.85 38.43
C UNK E 39 43.23 4.80 37.74
N UNK E 40 43.26 4.42 36.46
CA UNK E 40 42.02 4.33 35.68
C UNK E 40 41.16 3.15 36.12
N UNK E 41 41.80 2.09 36.62
CA UNK E 41 41.08 0.89 37.03
C UNK E 41 40.64 0.95 38.49
N UNK E 42 41.51 1.44 39.36
CA UNK E 42 41.28 1.34 40.80
C UNK E 42 40.27 2.35 41.30
N UNK E 43 40.20 3.52 40.68
CA UNK E 43 39.41 4.63 41.21
C UNK E 43 37.91 4.49 40.99
N UNK E 44 37.45 3.32 40.52
CA UNK E 44 36.02 3.07 40.32
C UNK E 44 35.25 3.12 41.63
N UNK E 45 35.52 2.18 42.52
CA UNK E 45 34.83 2.18 43.80
C UNK E 45 35.40 3.21 44.77
N UNK E 46 36.69 3.51 44.66
CA UNK E 46 37.33 4.45 45.57
C UNK E 46 36.93 5.90 45.25
N UNK E 47 37.10 6.31 44.00
CA UNK E 47 36.58 7.59 43.56
C UNK E 47 35.07 7.62 43.55
N UNK E 48 34.41 6.46 43.44
CA UNK E 48 32.96 6.40 43.63
C UNK E 48 32.60 6.72 45.07
N UNK E 49 33.44 6.33 46.02
CA UNK E 49 33.23 6.74 47.40
C UNK E 49 33.57 8.21 47.59
N UNK E 50 34.55 8.71 46.81
CA UNK E 50 34.85 10.14 46.83
C UNK E 50 33.69 10.96 46.30
N UNK E 51 32.92 10.40 45.37
CA UNK E 51 31.67 11.04 44.97
C UNK E 51 30.59 10.82 46.01
N UNK E 52 30.63 9.67 46.70
CA UNK E 52 29.65 9.37 47.74
C UNK E 52 29.82 10.23 48.98
N UNK E 53 30.99 10.88 49.14
CA UNK E 53 31.16 11.83 50.22
C UNK E 53 30.32 13.08 49.99
N UNK E 54 30.43 13.68 48.81
CA UNK E 54 29.57 14.81 48.46
C UNK E 54 28.13 14.39 48.28
N UNK E 55 27.88 13.13 47.91
CA UNK E 55 26.52 12.62 47.82
C UNK E 55 25.89 12.44 49.19
N UNK E 56 26.69 12.16 50.22
CA UNK E 56 26.16 12.16 51.58
C UNK E 56 25.87 13.58 52.04
N UNK E 57 26.56 14.57 51.47
CA UNK E 57 26.26 15.96 51.79
C UNK E 57 25.00 16.44 51.07
N UNK E 58 24.79 16.00 49.84
CA UNK E 58 23.71 16.51 49.01
C UNK E 58 22.49 15.60 48.96
N UNK E 59 22.52 14.45 49.65
CA UNK E 59 21.37 13.55 49.65
C UNK E 59 20.19 14.13 50.40
N UNK E 60 20.46 14.90 51.46
CA UNK E 60 19.39 15.61 52.15
C UNK E 60 18.82 16.72 51.30
N UNK E 61 19.65 17.34 50.45
CA UNK E 61 19.14 18.29 49.47
C UNK E 61 18.31 17.58 48.40
N UNK E 62 18.64 16.32 48.11
CA UNK E 62 17.79 15.51 47.25
C UNK E 62 16.52 15.06 47.97
N UNK E 63 16.50 15.12 49.31
CA UNK E 63 15.32 14.71 50.07
C UNK E 63 14.25 15.79 50.16
N UNK E 64 14.42 16.91 49.45
CA UNK E 64 13.46 18.01 49.56
C UNK E 64 12.17 17.69 48.82
N UNK E 65 12.25 17.50 47.50
CA UNK E 65 11.06 17.38 46.67
C UNK E 65 10.47 15.99 46.62
N UNK E 66 10.86 15.10 47.54
CA UNK E 66 10.37 13.73 47.52
C UNK E 66 8.93 13.61 47.99
N UNK E 67 8.36 14.67 48.56
CA UNK E 67 6.99 14.60 49.06
C UNK E 67 5.98 14.51 47.94
N UNK E 68 6.32 15.03 46.75
CA UNK E 68 5.40 14.97 45.63
C UNK E 68 5.55 13.69 44.81
N UNK E 69 6.64 12.95 45.00
CA UNK E 69 6.84 11.73 44.22
C UNK E 69 5.92 10.61 44.70
N UNK E 70 5.84 10.42 46.03
CA UNK E 70 4.87 9.48 46.57
C UNK E 70 3.45 10.00 46.42
N UNK E 71 3.29 11.32 46.25
CA UNK E 71 2.00 11.86 45.88
C UNK E 71 1.64 11.51 44.44
N UNK E 72 2.64 11.39 43.57
CA UNK E 72 2.38 10.88 42.22
C UNK E 72 2.12 9.39 42.24
N UNK E 73 2.75 8.68 43.18
CA UNK E 73 2.38 7.29 43.43
C UNK E 73 0.96 7.19 43.98
N UNK E 74 0.50 8.23 44.67
CA UNK E 74 -0.91 8.35 45.04
C UNK E 74 -1.75 8.95 43.92
N UNK E 75 -1.13 9.34 42.81
CA UNK E 75 -1.89 9.83 41.67
C UNK E 75 -2.19 8.71 40.70
N UNK E 76 -1.20 7.85 40.44
CA UNK E 76 -1.50 6.62 39.70
C UNK E 76 -2.19 5.61 40.60
N UNK E 77 -1.84 5.60 41.88
CA UNK E 77 -2.61 4.81 42.84
C UNK E 77 -4.00 5.40 43.03
N UNK E 78 -4.12 6.72 42.89
CA UNK E 78 -5.44 7.33 42.81
C UNK E 78 -6.15 6.96 41.52
N UNK E 79 -5.39 6.69 40.46
CA UNK E 79 -6.01 6.21 39.23
C UNK E 79 -6.42 4.75 39.36
N UNK E 80 -5.63 3.96 40.10
CA UNK E 80 -5.86 2.54 40.41
C UNK E 80 -6.10 1.66 39.17
N UNK F 1 -8.83 -13.58 30.04
CA UNK F 1 -9.56 -12.85 29.01
C UNK F 1 -11.05 -12.85 29.30
N UNK F 2 -11.71 -13.96 28.95
CA UNK F 2 -13.15 -14.08 29.19
C UNK F 2 -13.47 -14.14 30.68
N UNK F 3 -12.59 -14.75 31.46
CA UNK F 3 -12.74 -14.73 32.91
C UNK F 3 -12.00 -13.55 33.54
N UNK F 4 -11.30 -12.73 32.75
CA UNK F 4 -10.58 -11.61 33.32
C UNK F 4 -11.51 -10.47 33.71
N UNK F 5 -12.73 -10.45 33.18
CA UNK F 5 -13.68 -9.41 33.51
C UNK F 5 -14.54 -9.79 34.72
N UNK F 6 -15.10 -11.00 34.72
CA UNK F 6 -15.83 -11.48 35.90
C UNK F 6 -14.89 -11.68 37.07
N UNK F 7 -13.67 -12.12 36.80
CA UNK F 7 -12.64 -12.15 37.81
C UNK F 7 -12.10 -10.76 38.12
N UNK F 8 -12.21 -9.82 37.18
CA UNK F 8 -11.84 -8.44 37.48
C UNK F 8 -12.86 -7.77 38.38
N UNK F 9 -14.11 -8.25 38.39
CA UNK F 9 -15.12 -7.68 39.27
C UNK F 9 -14.86 -8.07 40.72
N UNK F 10 -14.66 -9.37 40.98
CA UNK F 10 -14.27 -9.81 42.30
C UNK F 10 -12.86 -9.37 42.65
N UNK F 11 -12.03 -9.08 41.64
CA UNK F 11 -10.73 -8.47 41.88
C UNK F 11 -10.86 -6.99 42.21
N UNK F 12 -12.00 -6.39 41.90
CA UNK F 12 -12.27 -5.04 42.36
C UNK F 12 -12.88 -5.04 43.75
N UNK F 13 -13.68 -6.07 44.06
CA UNK F 13 -14.13 -6.26 45.43
C UNK F 13 -12.96 -6.56 46.35
N UNK F 14 -12.01 -7.37 45.87
CA UNK F 14 -10.77 -7.57 46.60
C UNK F 14 -9.92 -6.32 46.56
N UNK F 15 -9.96 -5.59 45.45
CA UNK F 15 -9.15 -4.40 45.29
C UNK F 15 -9.74 -3.19 46.00
N UNK F 16 -10.87 -3.36 46.67
CA UNK F 16 -11.34 -2.34 47.59
C UNK F 16 -10.49 -2.31 48.85
N UNK F 17 -10.46 -3.43 49.57
CA UNK F 17 -9.62 -3.53 50.75
C UNK F 17 -8.15 -3.60 50.38
N UNK F 18 -7.85 -4.12 49.19
CA UNK F 18 -6.48 -4.11 48.70
C UNK F 18 -6.08 -2.72 48.24
N UNK F 19 -7.06 -1.93 47.80
CA UNK F 19 -6.81 -0.51 47.57
C UNK F 19 -6.62 0.21 48.90
N UNK F 20 -7.29 -0.25 49.95
CA UNK F 20 -7.00 0.26 51.29
C UNK F 20 -5.63 -0.17 51.75
N UNK F 21 -5.15 -1.32 51.25
CA UNK F 21 -3.77 -1.71 51.50
C UNK F 21 -2.82 -0.86 50.67
N UNK F 22 -3.27 -0.37 49.53
CA UNK F 22 -2.47 0.61 48.80
C UNK F 22 -2.48 1.96 49.51
N UNK F 23 -3.51 2.22 50.30
CA UNK F 23 -3.54 3.43 51.11
C UNK F 23 -2.63 3.32 52.31
N UNK F 24 -2.64 2.15 52.98
CA UNK F 24 -1.79 1.96 54.15
C UNK F 24 -0.33 1.83 53.76
N UNK F 25 -0.05 1.09 52.68
CA UNK F 25 1.32 0.98 52.20
C UNK F 25 1.77 2.26 51.50
N UNK F 26 0.82 3.04 51.00
CA UNK F 26 1.16 4.36 50.50
C UNK F 26 1.51 5.30 51.65
N UNK F 27 0.80 5.17 52.77
CA UNK F 27 1.13 5.96 53.95
C UNK F 27 2.45 5.51 54.56
N UNK F 28 2.77 4.23 54.43
CA UNK F 28 4.09 3.77 54.82
C UNK F 28 5.16 4.27 53.84
N UNK F 29 4.80 4.42 52.56
CA UNK F 29 5.69 5.01 51.59
C UNK F 29 5.90 6.50 51.84
N UNK F 30 4.95 7.16 52.50
CA UNK F 30 5.18 8.50 52.98
C UNK F 30 6.04 8.49 54.24
N UNK F 31 5.81 7.52 55.12
CA UNK F 31 6.52 7.44 56.39
C UNK F 31 7.96 7.01 56.22
N UNK F 32 8.33 6.44 55.07
CA UNK F 32 9.70 5.98 54.87
C UNK F 32 10.67 7.10 54.49
N UNK F 33 10.19 8.34 54.40
CA UNK F 33 11.06 9.45 54.02
C UNK F 33 12.05 9.78 55.13
N UNK F 34 11.57 9.90 56.36
CA UNK F 34 12.46 10.17 57.48
C UNK F 34 13.26 8.94 57.87
N UNK F 35 12.73 7.74 57.59
CA UNK F 35 13.48 6.52 57.89
C UNK F 35 14.63 6.33 56.91
N UNK F 36 14.33 6.18 55.63
CA UNK F 36 15.33 5.99 54.60
C UNK F 36 15.84 7.30 54.02
N UNK F 37 15.75 8.40 54.79
CA UNK F 37 16.27 9.69 54.32
C UNK F 37 17.79 9.68 54.26
N UNK F 38 18.43 8.88 55.11
CA UNK F 38 19.89 8.81 55.15
C UNK F 38 20.41 7.43 54.75
N UNK F 39 19.92 6.37 55.39
CA UNK F 39 20.40 5.02 55.14
C UNK F 39 19.85 4.53 53.81
N UNK F 40 20.75 4.30 52.86
CA UNK F 40 20.33 4.00 51.50
C UNK F 40 19.85 2.56 51.37
N UNK F 41 20.75 1.60 51.58
CA UNK F 41 20.37 0.21 51.42
C UNK F 41 19.68 -0.36 52.65
N UNK F 42 19.74 0.35 53.78
CA UNK F 42 19.31 -0.21 55.05
C UNK F 42 17.86 0.13 55.40
N UNK F 43 17.56 1.41 55.56
CA UNK F 43 16.27 1.80 56.11
C UNK F 43 15.14 1.80 55.10
N UNK F 44 15.45 1.61 53.82
CA UNK F 44 14.41 1.36 52.84
C UNK F 44 13.85 -0.05 53.01
N UNK F 45 14.73 -1.04 53.16
CA UNK F 45 14.27 -2.40 53.44
C UNK F 45 13.79 -2.53 54.87
N UNK F 46 14.28 -1.68 55.78
CA UNK F 46 13.81 -1.71 57.16
C UNK F 46 12.42 -1.09 57.27
N UNK F 47 12.18 -0.01 56.52
CA UNK F 47 10.82 0.48 56.39
C UNK F 47 9.95 -0.48 55.60
N UNK F 48 10.56 -1.29 54.72
CA UNK F 48 9.83 -2.37 54.08
C UNK F 48 9.52 -3.49 55.06
N UNK F 49 10.27 -3.58 56.16
CA UNK F 49 9.86 -4.46 57.24
C UNK F 49 8.82 -3.79 58.12
N UNK F 50 8.83 -2.46 58.19
CA UNK F 50 7.79 -1.74 58.90
C UNK F 50 6.44 -1.84 58.19
N UNK F 51 6.47 -1.93 56.86
CA UNK F 51 5.25 -2.13 56.08
C UNK F 51 5.01 -3.59 55.74
N UNK F 52 6.00 -4.46 55.97
CA UNK F 52 5.82 -5.88 55.69
C UNK F 52 4.96 -6.57 56.75
N UNK F 53 4.93 -6.02 57.96
CA UNK F 53 4.09 -6.58 59.01
C UNK F 53 2.62 -6.30 58.74
N UNK F 54 2.27 -5.02 58.52
CA UNK F 54 0.92 -4.67 58.14
C UNK F 54 0.57 -5.15 56.75
N UNK F 55 1.58 -5.42 55.91
CA UNK F 55 1.33 -6.05 54.62
C UNK F 55 0.98 -7.52 54.80
N UNK F 56 1.56 -8.18 55.81
CA UNK F 56 1.13 -9.53 56.15
C UNK F 56 -0.24 -9.49 56.82
N UNK F 57 -0.56 -8.40 57.51
CA UNK F 57 -1.92 -8.21 57.99
C UNK F 57 -2.89 -7.99 56.84
N UNK F 58 -2.41 -7.39 55.74
CA UNK F 58 -3.21 -7.34 54.54
C UNK F 58 -3.31 -8.70 53.88
N UNK F 59 -2.27 -9.54 54.03
CA UNK F 59 -2.33 -10.90 53.53
C UNK F 59 -3.34 -11.72 54.31
N UNK F 60 -3.48 -11.47 55.61
CA UNK F 60 -4.58 -12.04 56.35
C UNK F 60 -5.91 -11.40 55.96
N UNK F 61 -5.87 -10.13 55.56
CA UNK F 61 -7.10 -9.43 55.21
C UNK F 61 -7.58 -9.80 53.82
N UNK F 62 -6.71 -9.74 52.82
CA UNK F 62 -7.10 -9.95 51.43
C UNK F 62 -7.17 -11.42 51.03
N UNK F 63 -7.09 -12.34 51.98
CA UNK F 63 -7.18 -13.75 51.63
C UNK F 63 -8.62 -14.21 51.48
N UNK F 64 -9.56 -13.52 52.14
CA UNK F 64 -10.95 -13.93 52.13
C UNK F 64 -11.57 -13.79 50.74
N UNK F 65 -11.31 -12.66 50.08
CA UNK F 65 -11.74 -12.51 48.70
C UNK F 65 -10.82 -13.26 47.73
N UNK F 66 -9.60 -13.60 48.16
CA UNK F 66 -8.76 -14.47 47.36
C UNK F 66 -9.32 -15.90 47.32
N UNK F 67 -10.07 -16.29 48.35
CA UNK F 67 -10.84 -17.53 48.26
C UNK F 67 -11.90 -17.44 47.17
N UNK F 68 -12.50 -16.26 47.00
CA UNK F 68 -13.41 -16.05 45.88
C UNK F 68 -12.66 -15.95 44.57
N UNK F 69 -11.38 -15.60 44.59
CA UNK F 69 -10.57 -15.67 43.38
C UNK F 69 -10.27 -17.11 43.01
N UNK F 70 -10.08 -17.97 44.02
CA UNK F 70 -9.98 -19.39 43.77
C UNK F 70 -11.31 -19.95 43.29
N UNK F 71 -12.41 -19.36 43.74
CA UNK F 71 -13.72 -19.73 43.20
C UNK F 71 -13.90 -19.18 41.79
N UNK F 72 -13.15 -18.13 41.42
CA UNK F 72 -13.20 -17.63 40.05
C UNK F 72 -12.37 -18.52 39.14
N UNK F 73 -11.26 -19.05 39.63
CA UNK F 73 -10.57 -20.11 38.91
C UNK F 73 -11.40 -21.38 38.86
N UNK F 74 -12.23 -21.61 39.89
CA UNK F 74 -13.18 -22.72 39.85
C UNK F 74 -14.29 -22.47 38.83
N UNK F 75 -14.63 -21.21 38.59
CA UNK F 75 -15.51 -20.89 37.48
C UNK F 75 -14.79 -21.07 36.15
N UNK F 76 -13.47 -20.85 36.13
CA UNK F 76 -12.67 -21.12 34.95
C UNK F 76 -12.37 -22.60 34.76
N UNK F 77 -12.71 -23.45 35.73
CA UNK F 77 -12.40 -24.87 35.64
C UNK F 77 -13.26 -25.58 34.62
N UNK F 78 -14.55 -25.26 34.55
CA UNK F 78 -15.40 -25.84 33.52
C UNK F 78 -15.16 -25.22 32.16
N UNK F 79 -14.50 -24.07 32.10
CA UNK F 79 -14.18 -23.40 30.84
C UNK F 79 -13.10 -24.17 30.08
N ASP G 52 -52.13 4.33 -21.70
CA ASP G 52 -53.53 3.98 -21.91
C ASP G 52 -54.22 5.06 -22.72
N THR G 53 -54.55 6.16 -22.04
CA THR G 53 -55.22 7.29 -22.65
C THR G 53 -54.31 8.50 -22.79
N ILE G 54 -53.74 8.98 -21.68
CA ILE G 54 -52.87 10.15 -21.69
C ILE G 54 -51.57 9.82 -20.98
N ALA G 55 -51.28 8.54 -20.82
CA ALA G 55 -50.10 8.12 -20.08
C ALA G 55 -49.09 7.50 -21.03
N GLY G 56 -47.83 7.61 -20.65
CA GLY G 56 -46.76 6.99 -21.40
C GLY G 56 -45.69 6.56 -20.42
N LYS G 57 -44.71 5.82 -20.93
CA LYS G 57 -43.59 5.42 -20.12
C LYS G 57 -42.34 5.38 -20.98
N LEU G 58 -41.23 5.90 -20.47
CA LEU G 58 -39.97 5.76 -21.21
C LEU G 58 -39.17 4.73 -20.42
N LEU G 59 -39.03 3.55 -21.01
CA LEU G 59 -38.35 2.40 -20.40
C LEU G 59 -36.84 2.40 -20.48
N THR G 60 -36.22 1.50 -19.71
CA THR G 60 -34.76 1.45 -19.71
C THR G 60 -34.33 0.07 -20.22
N THR G 61 -33.82 0.02 -21.43
CA THR G 61 -33.28 -1.20 -21.97
C THR G 61 -31.96 -1.54 -21.27
N PRO G 62 -31.55 -2.82 -21.27
CA PRO G 62 -30.22 -3.15 -20.71
C PRO G 62 -29.06 -2.56 -21.48
N SER G 63 -29.27 -2.22 -22.75
CA SER G 63 -28.25 -1.52 -23.53
C SER G 63 -28.28 -0.03 -23.18
N ARG G 64 -27.54 0.77 -23.95
CA ARG G 64 -27.49 2.20 -23.68
C ARG G 64 -28.76 2.92 -24.11
N LEU G 65 -29.52 2.34 -25.04
CA LEU G 65 -30.68 2.99 -25.63
C LEU G 65 -31.81 3.10 -24.62
N PHE G 66 -32.82 3.85 -25.00
CA PHE G 66 -34.11 3.87 -24.33
C PHE G 66 -35.16 3.29 -25.24
N LYS G 67 -36.38 3.19 -24.71
CA LYS G 67 -37.55 3.03 -25.54
C LYS G 67 -38.68 3.77 -24.84
N LEU G 68 -39.66 4.20 -25.61
CA LEU G 68 -40.82 4.84 -25.02
C LEU G 68 -42.04 4.46 -25.83
N LEU G 69 -43.16 4.28 -25.15
CA LEU G 69 -44.40 3.92 -25.80
C LEU G 69 -45.46 4.96 -25.46
N ILE G 70 -45.98 5.61 -26.50
CA ILE G 70 -46.92 6.71 -26.38
C ILE G 70 -48.12 6.38 -27.28
N PRO G 71 -49.36 6.60 -26.83
CA PRO G 71 -50.51 6.35 -27.71
C PRO G 71 -50.82 7.54 -28.60
N LEU G 72 -51.04 7.27 -29.89
CA LEU G 72 -51.41 8.32 -30.82
C LEU G 72 -52.18 7.74 -32.01
N THR G 73 -53.08 8.55 -32.54
CA THR G 73 -53.99 8.13 -33.60
C THR G 73 -53.25 8.05 -34.93
N THR G 74 -53.41 6.92 -35.63
CA THR G 74 -52.91 6.77 -36.98
C THR G 74 -53.90 5.96 -37.80
N ILE G 75 -54.26 6.47 -38.97
CA ILE G 75 -55.27 5.84 -39.81
C ILE G 75 -54.75 4.65 -40.60
N ASN G 76 -53.46 4.31 -40.47
CA ASN G 76 -52.97 3.03 -40.93
C ASN G 76 -53.41 1.91 -39.99
N ARG G 77 -53.41 2.20 -38.69
CA ARG G 77 -54.04 1.43 -37.64
C ARG G 77 -55.51 1.87 -37.57
N LYS G 78 -56.31 1.26 -36.69
CA LYS G 78 -57.72 1.65 -36.62
C LYS G 78 -57.93 2.94 -35.83
N ASP G 79 -57.70 2.90 -34.52
CA ASP G 79 -58.04 4.06 -33.69
C ASP G 79 -56.84 4.68 -33.00
N ILE G 80 -56.21 3.99 -32.05
CA ILE G 80 -55.14 4.52 -31.22
C ILE G 80 -54.24 3.34 -30.87
N GLU G 81 -52.96 3.45 -31.19
CA GLU G 81 -51.99 2.40 -30.95
C GLU G 81 -50.87 2.94 -30.09
N GLN G 82 -50.45 2.18 -29.08
CA GLN G 82 -49.21 2.53 -28.41
C GLN G 82 -48.04 2.06 -29.25
N ILE G 83 -47.19 3.00 -29.62
CA ILE G 83 -46.18 2.79 -30.64
C ILE G 83 -44.81 2.68 -29.98
N ALA G 84 -43.91 1.94 -30.62
CA ALA G 84 -42.58 1.73 -30.10
C ALA G 84 -41.60 2.65 -30.80
N ILE G 85 -40.93 3.49 -30.01
CA ILE G 85 -39.92 4.41 -30.50
C ILE G 85 -38.66 4.18 -29.68
N LEU G 86 -37.51 4.05 -30.33
CA LEU G 86 -36.25 3.91 -29.63
C LEU G 86 -35.41 5.17 -29.77
N ILE G 87 -34.58 5.41 -28.77
CA ILE G 87 -33.85 6.66 -28.61
C ILE G 87 -32.44 6.36 -28.09
N HIS G 88 -31.44 7.01 -28.67
CA HIS G 88 -30.12 7.06 -28.06
C HIS G 88 -29.95 8.38 -27.32
N PRO G 89 -29.29 8.41 -26.15
CA PRO G 89 -29.28 9.64 -25.35
C PRO G 89 -28.42 10.77 -25.91
N GLN G 90 -27.63 10.54 -26.95
CA GLN G 90 -26.96 11.62 -27.66
C GLN G 90 -27.69 12.00 -28.94
N GLN G 91 -28.99 11.79 -28.99
CA GLN G 91 -29.64 12.35 -30.17
C GLN G 91 -30.34 13.65 -29.81
N PRO G 92 -30.36 14.61 -30.74
CA PRO G 92 -31.03 15.87 -30.47
C PRO G 92 -32.53 15.67 -30.43
N LEU G 93 -33.20 16.62 -29.79
CA LEU G 93 -34.62 16.47 -29.56
C LEU G 93 -35.43 16.71 -30.82
N SER G 94 -34.82 17.39 -31.81
CA SER G 94 -35.43 17.51 -33.12
C SER G 94 -35.58 16.18 -33.81
N HIS G 95 -34.68 15.24 -33.53
CA HIS G 95 -34.83 13.92 -34.13
C HIS G 95 -35.99 13.17 -33.52
N LEU G 96 -36.26 13.38 -32.23
CA LEU G 96 -37.44 12.75 -31.65
C LEU G 96 -38.71 13.38 -32.15
N GLU G 97 -38.73 14.71 -32.32
CA GLU G 97 -39.96 15.33 -32.79
C GLU G 97 -40.19 15.04 -34.27
N ARG G 98 -39.12 14.79 -35.02
CA ARG G 98 -39.28 14.35 -36.40
C ARG G 98 -39.67 12.89 -36.46
N LEU G 99 -39.22 12.09 -35.49
CA LEU G 99 -39.51 10.66 -35.54
C LEU G 99 -40.96 10.39 -35.16
N ILE G 100 -41.46 11.05 -34.11
CA ILE G 100 -42.86 10.94 -33.78
C ILE G 100 -43.70 11.75 -34.77
N GLN G 101 -43.09 12.72 -35.44
CA GLN G 101 -43.77 13.46 -36.49
C GLN G 101 -43.96 12.61 -37.74
N SER G 102 -43.15 11.57 -37.91
CA SER G 102 -43.23 10.77 -39.13
C SER G 102 -44.29 9.69 -39.07
N GLU G 103 -44.52 9.07 -37.92
CA GLU G 103 -45.54 8.03 -37.79
C GLU G 103 -46.83 8.61 -37.22
N VAL G 104 -47.37 9.59 -37.95
CA VAL G 104 -48.67 10.18 -37.66
C VAL G 104 -49.19 10.78 -38.97
N PRO G 105 -50.46 10.56 -39.31
CA PRO G 105 -51.01 11.21 -40.50
C PRO G 105 -51.15 12.70 -40.28
N PRO G 106 -50.79 13.52 -41.27
CA PRO G 106 -50.55 14.95 -41.01
C PRO G 106 -51.78 15.77 -40.73
N ILE G 107 -51.56 16.98 -40.23
CA ILE G 107 -52.59 17.99 -40.06
C ILE G 107 -52.76 18.68 -41.40
N GLU G 108 -53.99 18.70 -41.91
CA GLU G 108 -54.26 19.42 -43.14
C GLU G 108 -54.14 20.92 -42.92
N ASP G 109 -53.41 21.57 -43.80
CA ASP G 109 -53.19 23.00 -43.72
C ASP G 109 -54.49 23.75 -44.03
N GLU G 110 -54.84 24.69 -43.16
CA GLU G 110 -55.95 25.58 -43.46
C GLU G 110 -55.56 26.67 -44.46
N ASN G 111 -54.26 26.95 -44.59
CA ASN G 111 -53.76 27.69 -45.74
C ASN G 111 -53.69 26.82 -46.98
N GLY G 112 -53.70 25.50 -46.82
CA GLY G 112 -53.76 24.58 -47.94
C GLY G 112 -52.49 23.84 -48.27
N GLN G 113 -51.32 24.38 -47.93
CA GLN G 113 -50.08 23.97 -48.56
C GLN G 113 -49.03 23.42 -47.59
N LYS G 114 -49.16 23.65 -46.30
CA LYS G 114 -48.11 23.32 -45.33
C LYS G 114 -48.61 22.26 -44.36
N ARG G 115 -48.31 20.99 -44.64
CA ARG G 115 -48.81 19.95 -43.75
C ARG G 115 -47.77 19.07 -43.02
N PRO G 116 -46.78 19.60 -42.30
CA PRO G 116 -46.22 18.81 -41.21
C PRO G 116 -46.83 19.23 -39.87
N PRO G 117 -46.93 18.31 -38.91
CA PRO G 117 -47.34 18.71 -37.56
C PRO G 117 -46.19 19.39 -36.83
N PHE G 118 -46.53 20.15 -35.80
CA PHE G 118 -45.58 20.91 -35.00
C PHE G 118 -45.70 20.47 -33.55
N VAL G 119 -44.80 19.62 -33.08
CA VAL G 119 -44.89 19.10 -31.73
C VAL G 119 -43.83 19.75 -30.85
N SER G 120 -43.93 19.52 -29.54
CA SER G 120 -43.11 20.25 -28.58
C SER G 120 -42.86 19.35 -27.38
N PHE G 121 -42.22 19.92 -26.36
CA PHE G 121 -41.91 19.25 -25.11
C PHE G 121 -41.97 20.28 -24.01
N ILE G 122 -42.60 19.93 -22.88
CA ILE G 122 -42.76 20.87 -21.77
C ILE G 122 -42.50 20.09 -20.49
N ALA G 123 -41.69 20.67 -19.59
CA ALA G 123 -41.40 20.01 -18.32
C ALA G 123 -41.89 20.86 -17.16
N LEU G 124 -41.49 20.47 -15.96
CA LEU G 124 -41.85 21.17 -14.73
C LEU G 124 -40.59 21.83 -14.18
N GLN G 125 -40.53 23.15 -14.29
CA GLN G 125 -39.53 23.90 -13.57
C GLN G 125 -39.81 23.84 -12.08
N LEU G 126 -38.88 23.28 -11.32
CA LEU G 126 -39.05 23.12 -9.89
C LEU G 126 -38.53 24.35 -9.18
N GLU G 127 -39.31 24.83 -8.20
CA GLU G 127 -39.02 26.04 -7.47
C GLU G 127 -38.53 25.73 -6.06
N GLN G 128 -38.08 24.49 -5.83
CA GLN G 128 -37.88 23.88 -4.51
C GLN G 128 -39.09 24.07 -3.60
N GLN G 186 -49.06 25.60 -11.24
CA GLN G 186 -47.63 25.34 -11.10
C GLN G 186 -46.85 26.15 -12.12
N ARG G 187 -45.70 25.61 -12.56
CA ARG G 187 -44.85 26.33 -13.50
C ARG G 187 -44.31 25.35 -14.52
N PHE G 188 -44.34 25.75 -15.78
CA PHE G 188 -43.98 24.88 -16.89
C PHE G 188 -43.24 25.70 -17.94
N ILE G 189 -42.17 25.13 -18.48
CA ILE G 189 -41.30 25.79 -19.45
C ILE G 189 -40.99 24.80 -20.56
N ARG G 190 -40.96 25.27 -21.79
CA ARG G 190 -40.74 24.34 -22.89
C ARG G 190 -39.26 24.28 -23.24
N TRP G 191 -38.84 23.11 -23.71
CA TRP G 191 -37.43 22.82 -23.93
C TRP G 191 -37.10 22.94 -25.40
N SER G 192 -35.92 23.50 -25.68
CA SER G 192 -35.54 23.85 -27.04
C SER G 192 -35.35 22.60 -27.88
N GLN G 193 -35.37 22.79 -29.19
CA GLN G 193 -35.42 21.68 -30.11
C GLN G 193 -34.06 21.11 -30.46
N SER G 194 -33.00 21.50 -29.74
CA SER G 194 -31.71 20.89 -30.00
C SER G 194 -30.91 20.63 -28.73
N THR G 195 -31.58 20.35 -27.63
CA THR G 195 -30.88 19.72 -26.52
C THR G 195 -30.68 18.24 -26.82
N GLU G 196 -29.69 17.64 -26.17
CA GLU G 196 -29.63 16.19 -26.25
C GLU G 196 -30.71 15.60 -25.38
N ILE G 197 -31.05 14.35 -25.67
CA ILE G 197 -32.14 13.73 -24.94
C ILE G 197 -31.72 13.38 -23.52
N GLY G 198 -30.48 12.93 -23.34
CA GLY G 198 -30.05 12.40 -22.05
C GLY G 198 -30.05 13.44 -20.94
N ASP G 199 -29.65 14.67 -21.25
CA ASP G 199 -29.61 15.71 -20.23
C ASP G 199 -31.01 16.13 -19.82
N PHE G 200 -31.92 16.20 -20.79
CA PHE G 200 -33.32 16.46 -20.52
C PHE G 200 -33.96 15.33 -19.72
N ILE G 201 -33.58 14.09 -20.01
CA ILE G 201 -34.02 12.92 -19.25
C ILE G 201 -33.58 13.01 -17.80
N ARG G 202 -32.36 13.49 -17.56
CA ARG G 202 -31.89 13.59 -16.18
C ARG G 202 -32.60 14.72 -15.43
N ASP G 203 -32.80 15.87 -16.09
CA ASP G 203 -33.44 17.01 -15.43
C ASP G 203 -34.90 16.73 -15.10
N ALA G 204 -35.68 16.35 -16.10
CA ALA G 204 -37.06 15.94 -15.83
C ALA G 204 -37.12 14.65 -15.01
N ALA G 205 -36.04 13.88 -14.97
CA ALA G 205 -36.01 12.67 -14.16
C ALA G 205 -36.00 12.98 -12.67
N ARG G 206 -35.25 13.98 -12.25
CA ARG G 206 -35.44 14.39 -10.86
C ARG G 206 -36.77 15.12 -10.70
N ALA G 207 -37.26 15.77 -11.76
CA ALA G 207 -38.56 16.43 -11.63
C ALA G 207 -39.73 15.46 -11.57
N LYS G 208 -39.57 14.23 -12.09
CA LYS G 208 -40.61 13.18 -12.11
C LYS G 208 -41.88 13.65 -12.83
N GLU G 209 -41.70 14.18 -14.05
CA GLU G 209 -42.73 14.89 -14.78
C GLU G 209 -42.28 15.09 -16.22
N PHE G 210 -43.21 15.00 -17.15
CA PHE G 210 -42.93 15.01 -18.58
C PHE G 210 -44.28 15.21 -19.23
N ILE G 211 -44.43 16.18 -20.12
CA ILE G 211 -45.62 16.21 -20.96
C ILE G 211 -45.17 16.38 -22.40
N VAL G 212 -46.11 16.21 -23.33
CA VAL G 212 -45.91 16.47 -24.75
C VAL G 212 -47.15 17.20 -25.25
N THR G 213 -46.95 18.24 -26.05
CA THR G 213 -48.05 18.97 -26.69
C THR G 213 -47.97 18.81 -28.20
N ILE G 214 -48.68 17.81 -28.73
CA ILE G 214 -48.86 17.72 -30.17
C ILE G 214 -49.91 18.73 -30.59
N GLU G 215 -49.55 19.65 -31.47
CA GLU G 215 -50.47 20.68 -31.94
C GLU G 215 -51.54 20.16 -32.88
N GLY G 216 -52.76 20.68 -32.72
CA GLY G 216 -53.88 20.32 -33.58
C GLY G 216 -54.56 18.97 -33.45
N ALA G 217 -53.78 17.89 -33.52
CA ALA G 217 -54.31 16.53 -33.48
C ALA G 217 -55.08 16.13 -32.20
N PRO G 218 -54.57 16.54 -31.03
CA PRO G 218 -55.30 16.13 -29.83
C PRO G 218 -56.71 16.71 -29.78
N ALA G 219 -57.71 15.84 -29.70
CA ALA G 219 -59.11 16.27 -29.66
C ALA G 219 -59.43 17.06 -28.40
N GLY G 220 -58.94 16.56 -27.27
CA GLY G 220 -59.15 17.18 -25.98
C GLY G 220 -57.89 17.01 -25.17
N LEU G 221 -57.61 17.96 -24.28
CA LEU G 221 -56.43 17.98 -23.38
C LEU G 221 -55.06 18.25 -24.03
N GLU G 222 -54.68 17.43 -25.01
CA GLU G 222 -53.43 17.56 -25.75
C GLU G 222 -52.25 17.61 -24.79
N GLN G 223 -52.29 16.75 -23.78
CA GLN G 223 -51.21 16.74 -22.79
C GLN G 223 -50.84 15.28 -22.52
N ILE G 224 -50.01 14.70 -23.38
CA ILE G 224 -49.58 13.32 -23.18
C ILE G 224 -48.53 13.31 -22.09
N HIS G 225 -48.91 12.88 -20.90
CA HIS G 225 -47.93 12.68 -19.85
C HIS G 225 -47.19 11.38 -20.12
N VAL G 226 -45.88 11.35 -19.83
CA VAL G 226 -45.19 10.06 -19.76
C VAL G 226 -44.46 10.00 -18.43
N ALA G 227 -44.07 8.79 -18.05
CA ALA G 227 -43.39 8.55 -16.77
C ALA G 227 -41.98 7.94 -16.86
N VAL G 228 -41.05 8.62 -16.20
CA VAL G 228 -39.64 8.26 -16.16
C VAL G 228 -39.36 7.10 -15.19
N PRO G 229 -38.24 6.40 -15.40
CA PRO G 229 -37.88 5.30 -14.50
C PRO G 229 -37.15 5.87 -13.29
N SER G 230 -37.61 5.47 -12.11
CA SER G 230 -37.08 5.96 -10.85
C SER G 230 -35.66 5.46 -10.68
N PHE G 231 -34.96 6.00 -9.70
CA PHE G 231 -33.55 5.65 -9.51
C PHE G 231 -33.35 4.14 -9.33
N ASP G 232 -34.20 3.49 -8.56
CA ASP G 232 -34.07 2.05 -8.41
C ASP G 232 -34.23 1.34 -9.75
N GLU G 233 -35.21 1.79 -10.54
CA GLU G 233 -35.46 1.19 -11.84
C GLU G 233 -34.25 1.36 -12.75
N ARG G 234 -33.65 2.54 -12.75
CA ARG G 234 -32.49 2.76 -13.60
C ARG G 234 -31.34 1.88 -13.15
N THR G 235 -31.15 1.83 -11.84
CA THR G 235 -30.08 1.06 -11.23
C THR G 235 -30.22 -0.44 -11.43
N TYR G 236 -31.45 -0.94 -11.33
CA TYR G 236 -31.67 -2.39 -11.45
C TYR G 236 -30.88 -2.99 -12.59
N PHE G 237 -31.00 -2.41 -13.78
CA PHE G 237 -30.22 -2.97 -14.88
C PHE G 237 -28.71 -2.73 -14.74
N LEU G 238 -28.26 -1.90 -13.81
CA LEU G 238 -26.83 -2.05 -13.51
C LEU G 238 -26.54 -3.09 -12.42
N ARG G 239 -27.40 -3.16 -11.41
CA ARG G 239 -27.18 -4.01 -10.24
C ARG G 239 -27.19 -5.49 -10.56
N MET G 240 -27.82 -5.90 -11.66
CA MET G 240 -27.79 -7.32 -12.01
C MET G 240 -26.37 -7.77 -12.37
N ARG G 241 -25.68 -7.04 -13.24
CA ARG G 241 -24.32 -7.40 -13.59
C ARG G 241 -23.35 -7.14 -12.44
N LEU G 242 -23.59 -6.08 -11.66
CA LEU G 242 -22.77 -5.83 -10.48
C LEU G 242 -22.84 -6.98 -9.47
N ARG G 243 -24.06 -7.47 -9.22
CA ARG G 243 -24.25 -8.60 -8.32
C ARG G 243 -23.64 -9.88 -8.87
N LYS G 244 -23.69 -10.07 -10.19
CA LYS G 244 -23.11 -11.27 -10.80
C LYS G 244 -21.59 -11.31 -10.62
N ILE G 245 -20.91 -10.23 -11.01
CA ILE G 245 -19.45 -10.24 -10.93
C ILE G 245 -18.98 -10.25 -9.48
N SER G 246 -19.73 -9.60 -8.58
CA SER G 246 -19.41 -9.68 -7.16
C SER G 246 -19.59 -11.10 -6.63
N ARG G 247 -20.55 -11.84 -7.17
CA ARG G 247 -20.78 -13.21 -6.75
C ARG G 247 -19.62 -14.11 -7.17
N ARG G 248 -19.17 -14.00 -8.42
CA ARG G 248 -18.12 -14.92 -8.85
C ARG G 248 -16.75 -14.55 -8.30
N ILE G 249 -16.49 -13.26 -8.01
CA ILE G 249 -15.25 -12.99 -7.29
C ILE G 249 -15.35 -13.42 -5.84
N GLN G 250 -16.57 -13.49 -5.29
CA GLN G 250 -16.70 -14.05 -3.95
C GLN G 250 -16.38 -15.54 -3.95
N GLY G 251 -16.81 -16.26 -5.00
CA GLY G 251 -16.48 -17.68 -5.10
C GLY G 251 -14.99 -17.94 -5.25
N LEU G 252 -14.32 -17.15 -6.10
CA LEU G 252 -12.88 -17.32 -6.24
C LEU G 252 -12.12 -16.92 -4.97
N ALA G 253 -12.70 -15.98 -4.22
CA ALA G 253 -12.16 -15.67 -2.89
C ALA G 253 -12.27 -16.87 -1.96
N GLU G 254 -13.36 -17.63 -2.07
CA GLU G 254 -13.52 -18.82 -1.23
C GLU G 254 -12.51 -19.90 -1.59
N ILE G 255 -12.18 -20.03 -2.87
CA ILE G 255 -11.16 -21.01 -3.25
C ILE G 255 -9.77 -20.57 -2.78
N LYS G 256 -9.52 -19.25 -2.75
CA LYS G 256 -8.31 -18.75 -2.12
C LYS G 256 -8.26 -19.09 -0.63
N HIS G 257 -9.41 -19.05 0.04
CA HIS G 257 -9.49 -19.51 1.43
C HIS G 257 -9.17 -20.99 1.55
N GLU G 258 -9.53 -21.81 0.54
CA GLU G 258 -9.19 -23.23 0.57
C GLU G 258 -7.68 -23.47 0.50
N CYS G 259 -6.98 -22.76 -0.39
CA CYS G 259 -5.53 -22.95 -0.41
C CYS G 259 -4.84 -22.35 0.81
N ASP G 260 -5.47 -21.35 1.46
CA ASP G 260 -5.03 -20.93 2.78
C ASP G 260 -5.12 -22.06 3.80
N ALA G 261 -6.18 -22.88 3.72
CA ALA G 261 -6.30 -24.04 4.59
C ALA G 261 -5.18 -25.05 4.35
N LEU G 262 -4.76 -25.20 3.08
CA LEU G 262 -3.59 -26.04 2.79
C LEU G 262 -2.33 -25.49 3.45
N ALA G 263 -2.15 -24.16 3.39
CA ALA G 263 -0.97 -23.51 3.97
C ALA G 263 -0.88 -23.74 5.48
N HIS G 264 -1.99 -23.58 6.20
CA HIS G 264 -1.85 -23.82 7.63
C HIS G 264 -1.83 -25.30 7.96
N ARG G 265 -2.21 -26.20 7.03
CA ARG G 265 -1.91 -27.62 7.26
C ARG G 265 -0.42 -27.84 7.35
N GLY G 266 0.33 -27.30 6.37
CA GLY G 266 1.78 -27.44 6.42
C GLY G 266 2.41 -26.81 7.64
N ALA G 267 1.92 -25.61 8.02
CA ALA G 267 2.46 -24.91 9.19
C ALA G 267 2.21 -25.69 10.48
N GLN G 268 0.99 -26.19 10.65
CA GLN G 268 0.66 -26.93 11.86
C GLN G 268 1.52 -28.19 11.98
N ARG G 269 1.72 -28.89 10.87
CA ARG G 269 2.53 -30.10 10.88
C ARG G 269 4.00 -29.86 11.24
N VAL G 270 4.56 -28.80 10.66
CA VAL G 270 5.96 -28.46 10.93
C VAL G 270 6.16 -28.06 12.37
N ALA G 271 5.20 -27.30 12.90
CA ALA G 271 5.23 -26.83 14.28
C ALA G 271 4.93 -27.94 15.28
N LEU G 272 4.08 -28.90 14.91
CA LEU G 272 3.86 -30.06 15.79
C LEU G 272 5.12 -30.88 15.97
N GLY G 273 5.88 -31.08 14.88
CA GLY G 273 7.15 -31.78 15.00
C GLY G 273 8.15 -31.05 15.88
N GLY G 274 8.19 -29.72 15.77
CA GLY G 274 9.07 -28.94 16.63
C GLY G 274 8.70 -29.01 18.10
N PHE G 275 7.40 -29.04 18.40
CA PHE G 275 6.96 -29.19 19.79
C PHE G 275 7.32 -30.55 20.34
N GLY G 276 7.21 -31.59 19.51
CA GLY G 276 7.61 -32.92 19.97
C GLY G 276 9.09 -33.01 20.29
N ILE G 277 9.93 -32.40 19.45
CA ILE G 277 11.37 -32.40 19.71
C ILE G 277 11.70 -31.60 20.96
N LEU G 278 10.99 -30.51 21.19
CA LEU G 278 11.24 -29.72 22.40
C LEU G 278 10.79 -30.46 23.67
N ALA G 279 9.74 -31.27 23.58
CA ALA G 279 9.37 -32.12 24.70
C ALA G 279 10.42 -33.19 24.96
N PHE G 280 10.98 -33.76 23.89
CA PHE G 280 12.09 -34.70 24.00
C PHE G 280 13.28 -34.09 24.75
N TRP G 281 13.64 -32.86 24.40
CA TRP G 281 14.76 -32.19 25.05
C TRP G 281 14.47 -31.87 26.50
N TRP G 282 13.23 -31.48 26.81
CA TRP G 282 12.88 -31.21 28.21
C TRP G 282 12.96 -32.46 29.06
N TYR G 283 12.54 -33.60 28.50
CA TYR G 283 12.60 -34.82 29.29
C TYR G 283 14.03 -35.34 29.44
N ILE G 284 14.86 -35.16 28.40
CA ILE G 284 16.22 -35.69 28.53
C ILE G 284 17.05 -34.82 29.46
N VAL G 285 16.76 -33.52 29.53
CA VAL G 285 17.48 -32.67 30.46
C VAL G 285 17.01 -32.93 31.88
N TYR G 286 15.71 -33.16 32.06
CA TYR G 286 15.22 -33.48 33.41
C TYR G 286 15.75 -34.83 33.90
N LYS G 287 15.76 -35.83 33.02
CA LYS G 287 16.20 -37.16 33.43
C LYS G 287 17.70 -37.18 33.71
N LEU G 288 18.48 -36.51 32.87
CA LEU G 288 19.91 -36.42 33.16
C LEU G 288 20.25 -35.32 34.15
N THR G 289 19.27 -34.69 34.79
CA THR G 289 19.58 -33.65 35.77
C THR G 289 19.11 -33.99 37.18
N PHE G 290 17.85 -34.38 37.35
CA PHE G 290 17.30 -34.60 38.68
C PHE G 290 17.76 -35.92 39.28
N GLU G 291 18.11 -36.90 38.45
CA GLU G 291 18.41 -38.26 38.89
C GLU G 291 19.66 -38.35 39.76
N THR G 292 20.52 -37.32 39.71
CA THR G 292 21.78 -37.20 40.46
C THR G 292 22.71 -38.37 40.14
N ASP G 293 22.69 -38.80 38.88
CA ASP G 293 23.72 -39.70 38.37
C ASP G 293 24.83 -38.91 37.70
N LEU G 294 24.48 -37.86 36.95
CA LEU G 294 25.38 -36.79 36.59
C LEU G 294 24.88 -35.52 37.25
N GLY G 295 25.79 -34.77 37.86
CA GLY G 295 25.42 -33.51 38.47
C GLY G 295 25.12 -32.45 37.43
N TRP G 296 24.83 -31.25 37.93
CA TRP G 296 24.51 -30.16 37.03
C TRP G 296 25.72 -29.67 36.27
N ASP G 297 26.89 -29.64 36.90
CA ASP G 297 28.08 -29.05 36.28
C ASP G 297 28.66 -29.90 35.15
N THR G 298 28.05 -31.01 34.73
CA THR G 298 28.34 -31.60 33.44
C THR G 298 27.18 -31.48 32.47
N MET G 299 26.04 -30.96 32.92
CA MET G 299 24.90 -30.69 32.05
C MET G 299 24.83 -29.24 31.58
N GLU G 300 25.48 -28.33 32.30
CA GLU G 300 25.53 -26.91 31.95
C GLU G 300 26.25 -26.57 30.63
N PRO G 301 27.44 -27.17 30.37
CA PRO G 301 28.10 -26.88 29.09
C PRO G 301 27.40 -27.49 27.90
N VAL G 302 26.75 -28.64 28.08
CA VAL G 302 25.98 -29.24 26.98
C VAL G 302 24.78 -28.35 26.64
N THR G 303 24.21 -27.68 27.64
CA THR G 303 23.16 -26.70 27.40
C THR G 303 23.65 -25.49 26.61
N TYR G 304 24.82 -24.94 26.97
CA TYR G 304 25.33 -23.79 26.21
C TYR G 304 25.70 -24.19 24.78
N LEU G 305 26.23 -25.40 24.59
CA LEU G 305 26.56 -25.90 23.26
C LEU G 305 25.31 -26.07 22.40
N VAL G 306 24.23 -26.61 22.99
CA VAL G 306 22.96 -26.74 22.29
C VAL G 306 22.36 -25.37 21.96
N SER G 307 22.52 -24.40 22.86
CA SER G 307 22.04 -23.05 22.59
C SER G 307 22.78 -22.40 21.43
N LEU G 308 24.09 -22.66 21.31
CA LEU G 308 24.80 -22.21 20.12
C LEU G 308 24.29 -22.90 18.86
N SER G 309 23.95 -24.19 18.97
CA SER G 309 23.50 -24.93 17.79
C SER G 309 22.13 -24.45 17.30
N THR G 310 21.22 -24.13 18.22
CA THR G 310 19.93 -23.60 17.78
C THR G 310 20.01 -22.13 17.38
N LEU G 311 21.02 -21.39 17.84
CA LEU G 311 21.20 -20.06 17.27
C LEU G 311 21.77 -20.16 15.86
N MET G 312 22.56 -21.20 15.59
CA MET G 312 23.00 -21.47 14.22
C MET G 312 21.81 -21.84 13.32
N GLY G 313 20.92 -22.72 13.80
CA GLY G 313 19.77 -23.11 12.98
C GLY G 313 18.80 -21.96 12.73
N GLY G 314 18.62 -21.10 13.74
CA GLY G 314 17.87 -19.88 13.51
C GLY G 314 18.56 -18.94 12.53
N TYR G 315 19.90 -18.98 12.49
CA TYR G 315 20.63 -18.21 11.50
C TYR G 315 20.49 -18.82 10.11
N LEU G 316 20.23 -20.14 10.02
CA LEU G 316 19.84 -20.75 8.75
C LEU G 316 18.46 -20.29 8.29
N TRP G 317 17.46 -20.35 9.17
CA TRP G 317 16.10 -19.98 8.79
C TRP G 317 15.95 -18.48 8.55
N PHE G 318 16.82 -17.64 9.11
CA PHE G 318 16.76 -16.22 8.82
C PHE G 318 17.27 -15.89 7.42
N LEU G 319 17.99 -16.82 6.79
CA LEU G 319 18.40 -16.68 5.40
C LEU G 319 17.29 -17.06 4.43
N TYR G 320 16.30 -17.84 4.89
CA TYR G 320 15.38 -18.56 4.03
C TYR G 320 14.35 -17.68 3.33
N HIS G 321 14.23 -16.41 3.70
CA HIS G 321 13.21 -15.54 3.09
C HIS G 321 13.65 -15.19 1.67
N ASN G 322 13.41 -16.15 0.76
CA ASN G 322 13.88 -16.00 -0.62
C ASN G 322 12.96 -15.09 -1.42
N ARG G 323 11.72 -15.49 -1.61
CA ARG G 323 10.78 -14.75 -2.44
C ARG G 323 9.63 -14.23 -1.59
N GLU G 324 9.26 -12.98 -1.85
CA GLU G 324 8.03 -12.41 -1.33
C GLU G 324 7.39 -11.64 -2.47
N ILE G 325 6.64 -12.34 -3.31
CA ILE G 325 6.00 -11.74 -4.47
C ILE G 325 4.60 -11.36 -4.02
N SER G 326 4.44 -10.11 -3.60
CA SER G 326 3.19 -9.59 -3.07
C SER G 326 2.65 -8.47 -3.96
N TYR G 327 1.42 -8.08 -3.69
CA TYR G 327 0.74 -7.05 -4.44
C TYR G 327 -0.40 -6.46 -3.61
N THR G 334 -0.18 -8.67 -0.92
CA THR G 334 -1.28 -9.51 -0.48
C THR G 334 -1.10 -10.93 -0.99
N ILE G 335 -0.02 -11.13 -1.75
CA ILE G 335 0.22 -12.39 -2.43
C ILE G 335 1.45 -13.04 -1.81
N ASN G 336 1.42 -14.36 -1.66
CA ASN G 336 2.48 -15.13 -1.05
C ASN G 336 3.48 -15.56 -2.11
N ALA G 337 4.38 -16.46 -1.76
CA ALA G 337 5.34 -17.03 -2.70
C ALA G 337 5.23 -18.54 -2.81
N ARG G 338 4.97 -19.23 -1.70
CA ARG G 338 4.69 -20.66 -1.75
C ARG G 338 3.37 -20.94 -2.46
N GLN G 339 2.40 -20.03 -2.33
CA GLN G 339 1.05 -20.26 -2.79
C GLN G 339 0.85 -19.87 -4.25
N LYS G 340 1.68 -18.95 -4.76
CA LYS G 340 1.48 -18.37 -6.08
C LYS G 340 1.61 -19.40 -7.18
N LYS G 341 2.59 -20.30 -7.04
CA LYS G 341 2.66 -21.43 -7.96
C LYS G 341 1.62 -22.49 -7.60
N LEU G 342 1.16 -22.51 -6.35
CA LEU G 342 0.29 -23.59 -5.89
C LEU G 342 -1.11 -23.50 -6.50
N TYR G 343 -1.80 -22.39 -6.28
CA TYR G 343 -3.18 -22.32 -6.79
C TYR G 343 -3.27 -21.78 -8.20
N GLN G 344 -2.18 -21.67 -8.94
CA GLN G 344 -2.21 -21.24 -10.32
C GLN G 344 -1.82 -22.35 -11.29
N MET G 345 -0.73 -23.04 -11.02
CA MET G 345 -0.25 -24.11 -11.88
C MET G 345 -0.99 -25.42 -11.64
N LYS G 346 -1.89 -25.46 -10.66
CA LYS G 346 -2.82 -26.55 -10.48
C LYS G 346 -4.25 -26.08 -10.24
N GLY G 347 -4.45 -24.80 -9.92
CA GLY G 347 -5.76 -24.28 -9.58
C GLY G 347 -6.30 -23.24 -10.55
N ILE G 348 -6.79 -22.13 -10.04
CA ILE G 348 -7.57 -21.17 -10.80
C ILE G 348 -6.81 -19.84 -10.85
N ASP G 349 -6.98 -19.11 -11.94
CA ASP G 349 -6.07 -18.05 -12.35
C ASP G 349 -6.14 -16.82 -11.44
N LEU G 350 -5.31 -15.84 -11.79
CA LEU G 350 -5.17 -14.57 -11.09
C LEU G 350 -5.25 -13.37 -12.02
N GLN G 351 -4.91 -13.56 -13.31
CA GLN G 351 -5.16 -12.52 -14.31
C GLN G 351 -6.66 -12.26 -14.44
N VAL G 352 -7.46 -13.33 -14.45
CA VAL G 352 -8.91 -13.21 -14.50
C VAL G 352 -9.44 -12.58 -13.22
N TRP G 353 -8.78 -12.84 -12.08
CA TRP G 353 -9.14 -12.21 -10.81
C TRP G 353 -8.97 -10.70 -10.89
N GLU G 354 -7.80 -10.23 -11.33
CA GLU G 354 -7.58 -8.79 -11.44
C GLU G 354 -8.39 -8.16 -12.56
N SER G 355 -8.73 -8.93 -13.59
CA SER G 355 -9.56 -8.39 -14.66
C SER G 355 -11.00 -8.20 -14.19
N LEU G 356 -11.50 -9.13 -13.37
CA LEU G 356 -12.83 -8.93 -12.79
C LEU G 356 -12.84 -7.83 -11.74
N ILE G 357 -11.69 -7.61 -11.09
CA ILE G 357 -11.55 -6.43 -10.24
C ILE G 357 -11.67 -5.17 -11.10
N ASP G 358 -10.97 -5.13 -12.23
CA ASP G 358 -10.94 -3.94 -13.07
C ASP G 358 -12.30 -3.66 -13.70
N GLU G 359 -12.95 -4.69 -14.23
CA GLU G 359 -14.28 -4.54 -14.79
C GLU G 359 -15.34 -4.32 -13.72
N ALA G 360 -15.05 -4.68 -12.47
CA ALA G 360 -16.01 -4.50 -11.39
C ALA G 360 -15.93 -3.10 -10.78
N ASN G 361 -14.77 -2.46 -10.83
CA ASN G 361 -14.63 -1.16 -10.18
C ASN G 361 -15.31 -0.04 -10.94
N ALA G 362 -15.61 -0.25 -12.22
CA ALA G 362 -16.13 0.84 -13.04
C ALA G 362 -17.59 1.13 -12.75
N ILE G 363 -18.39 0.09 -12.57
CA ILE G 363 -19.84 0.22 -12.57
C ILE G 363 -20.33 0.93 -11.31
N ARG G 364 -19.61 0.76 -10.20
CA ARG G 364 -20.02 1.36 -8.93
C ARG G 364 -19.97 2.88 -8.98
N ARG G 365 -19.02 3.43 -9.73
CA ARG G 365 -18.96 4.87 -9.89
C ARG G 365 -20.12 5.40 -10.71
N GLU G 366 -20.56 4.65 -11.72
CA GLU G 366 -21.72 5.07 -12.51
C GLU G 366 -22.99 5.02 -11.69
N ILE G 367 -23.16 3.96 -10.90
CA ILE G 367 -24.34 3.84 -10.06
C ILE G 367 -24.35 4.91 -8.98
N LYS G 368 -23.18 5.30 -8.49
CA LYS G 368 -23.15 6.39 -7.52
C LYS G 368 -23.31 7.76 -8.15
N ASN G 369 -22.96 7.92 -9.44
CA ASN G 369 -23.22 9.19 -10.12
C ASN G 369 -24.70 9.38 -10.37
N ILE G 370 -25.36 8.36 -10.92
CA ILE G 370 -26.81 8.39 -11.11
C ILE G 370 -27.52 8.48 -9.77
N ALA G 371 -26.94 7.87 -8.73
CA ALA G 371 -27.47 7.98 -7.38
C ALA G 371 -27.35 9.40 -6.85
N ALA G 372 -26.27 10.10 -7.24
CA ALA G 372 -26.16 11.51 -6.93
C ALA G 372 -27.19 12.33 -7.68
N GLU G 373 -27.61 11.87 -8.86
CA GLU G 373 -28.58 12.62 -9.65
C GLU G 373 -30.00 12.48 -9.10
N TYR G 374 -30.25 11.51 -8.23
CA TYR G 374 -31.62 11.24 -7.79
C TYR G 374 -31.91 11.57 -6.34
N ASP G 375 -30.93 12.11 -5.59
CA ASP G 375 -31.07 12.48 -4.17
C ASP G 375 -31.44 11.28 -3.28
N VAL G 376 -31.00 10.10 -3.69
CA VAL G 376 -31.31 8.87 -2.99
C VAL G 376 -30.00 8.21 -2.58
N ASP G 377 -29.92 7.83 -1.31
CA ASP G 377 -28.71 7.28 -0.72
C ASP G 377 -28.47 5.89 -1.27
N TRP G 378 -27.36 5.71 -1.98
CA TRP G 378 -26.95 4.39 -2.45
C TRP G 378 -26.19 3.66 -1.35
N ASP G 379 -26.75 2.56 -0.87
CA ASP G 379 -26.10 1.70 0.12
C ASP G 379 -26.04 0.28 -0.42
N GLU G 380 -24.83 -0.25 -0.59
CA GLU G 380 -24.66 -1.62 -1.04
C GLU G 380 -24.95 -2.63 0.06
N ARG G 381 -24.97 -2.18 1.32
CA ARG G 381 -25.37 -3.07 2.40
C ARG G 381 -26.88 -3.22 2.51
N LYS G 382 -27.64 -2.32 1.88
CA LYS G 382 -29.06 -2.56 1.70
C LYS G 382 -29.35 -3.49 0.53
N ASP G 383 -28.32 -3.85 -0.25
CA ASP G 383 -28.40 -4.94 -1.19
C ASP G 383 -27.57 -6.14 -0.74
N GLU G 384 -27.00 -6.09 0.46
CA GLU G 384 -26.47 -7.31 1.07
C GLU G 384 -27.59 -8.29 1.37
N GLN G 385 -28.79 -7.77 1.63
CA GLN G 385 -29.97 -8.55 1.94
C GLN G 385 -30.58 -9.22 0.73
N ASP G 386 -30.15 -8.86 -0.47
CA ASP G 386 -30.69 -9.42 -1.70
C ASP G 386 -29.87 -10.57 -2.27
N ASP G 387 -28.73 -10.87 -1.66
CA ASP G 387 -27.89 -12.00 -2.07
C ASP G 387 -28.31 -13.32 -1.42
N ARG G 388 -29.44 -13.33 -0.71
CA ARG G 388 -29.81 -14.49 0.10
C ARG G 388 -31.19 -15.02 -0.20
N VAL G 389 -32.17 -14.16 -0.48
CA VAL G 389 -33.51 -14.61 -0.85
C VAL G 389 -33.92 -13.96 -2.15
N ASP H 52 -41.66 43.97 -21.04
CA ASP H 52 -42.40 43.40 -19.93
C ASP H 52 -41.87 41.98 -19.68
N THR H 53 -41.35 41.36 -20.73
CA THR H 53 -40.68 40.07 -20.63
C THR H 53 -39.30 40.17 -21.27
N ILE H 54 -38.57 41.20 -20.87
CA ILE H 54 -37.14 41.29 -21.15
C ILE H 54 -36.31 40.66 -20.02
N ALA H 55 -36.97 39.95 -19.11
CA ALA H 55 -36.32 39.33 -17.98
C ALA H 55 -35.79 37.95 -18.38
N GLY H 56 -35.21 37.24 -17.42
CA GLY H 56 -34.68 35.93 -17.68
C GLY H 56 -33.80 35.50 -16.52
N LYS H 57 -33.55 34.20 -16.41
CA LYS H 57 -32.70 33.68 -15.34
C LYS H 57 -31.97 32.43 -15.81
N LEU H 58 -30.84 32.13 -15.17
CA LEU H 58 -30.06 30.94 -15.46
C LEU H 58 -29.97 30.16 -14.15
N LEU H 59 -30.22 28.85 -14.19
CA LEU H 59 -30.20 28.04 -12.97
C LEU H 59 -29.20 26.89 -13.03
N THR H 60 -28.50 26.65 -11.93
CA THR H 60 -27.53 25.57 -11.91
C THR H 60 -28.23 24.25 -11.60
N THR H 61 -27.98 23.25 -12.43
CA THR H 61 -28.48 21.92 -12.18
C THR H 61 -27.71 21.28 -11.03
N PRO H 62 -28.27 20.26 -10.38
CA PRO H 62 -27.45 19.45 -9.47
C PRO H 62 -26.36 18.68 -10.18
N SER H 63 -26.49 18.46 -11.48
CA SER H 63 -25.42 17.89 -12.28
C SER H 63 -24.38 18.94 -12.64
N ARG H 64 -23.53 18.62 -13.61
CA ARG H 64 -22.41 19.50 -13.93
C ARG H 64 -22.82 20.69 -14.79
N LEU H 65 -23.68 20.46 -15.78
CA LEU H 65 -23.99 21.46 -16.80
C LEU H 65 -25.31 22.16 -16.51
N PHE H 66 -25.31 23.48 -16.67
CA PHE H 66 -26.41 24.32 -16.20
C PHE H 66 -27.13 25.00 -17.36
N LYS H 67 -28.31 25.54 -17.06
CA LYS H 67 -29.24 26.01 -18.07
C LYS H 67 -29.64 27.45 -17.83
N LEU H 68 -30.11 28.10 -18.90
CA LEU H 68 -30.62 29.47 -18.83
C LEU H 68 -32.01 29.49 -19.41
N LEU H 69 -32.75 30.55 -19.09
CA LEU H 69 -34.14 30.69 -19.51
C LEU H 69 -34.33 32.08 -20.12
N ILE H 70 -34.64 32.11 -21.40
CA ILE H 70 -34.76 33.35 -22.17
C ILE H 70 -36.09 33.43 -22.90
N PRO H 71 -36.67 34.60 -23.01
CA PRO H 71 -37.94 34.76 -23.73
C PRO H 71 -37.70 34.93 -25.22
N LEU H 72 -38.12 33.94 -26.00
CA LEU H 72 -37.96 34.03 -27.45
C LEU H 72 -39.24 33.62 -28.17
N THR H 73 -39.21 33.77 -29.49
CA THR H 73 -40.29 33.41 -30.40
C THR H 73 -39.74 32.38 -31.37
N THR H 74 -40.28 31.16 -31.36
CA THR H 74 -39.64 30.08 -32.11
C THR H 74 -40.03 30.07 -33.58
N ILE H 75 -41.29 29.76 -33.89
CA ILE H 75 -41.69 29.62 -35.28
C ILE H 75 -42.85 30.53 -35.60
N ASN H 76 -43.99 30.29 -34.97
CA ASN H 76 -45.14 31.19 -35.10
C ASN H 76 -45.91 31.07 -33.79
N ARG H 77 -45.57 31.94 -32.84
CA ARG H 77 -46.20 31.89 -31.53
C ARG H 77 -46.57 33.29 -31.08
N LYS H 78 -47.05 33.41 -29.86
CA LYS H 78 -47.12 34.70 -29.19
C LYS H 78 -45.72 35.04 -28.67
N ASP H 79 -45.47 36.34 -28.52
CA ASP H 79 -44.11 36.85 -28.36
C ASP H 79 -43.42 36.43 -27.07
N ILE H 80 -44.18 35.97 -26.07
CA ILE H 80 -43.60 35.61 -24.78
C ILE H 80 -43.66 34.10 -24.64
N GLU H 81 -42.50 33.50 -24.40
CA GLU H 81 -42.36 32.07 -24.16
C GLU H 81 -40.98 31.81 -23.58
N GLN H 82 -40.90 31.17 -22.42
CA GLN H 82 -39.60 30.77 -21.90
C GLN H 82 -39.14 29.55 -22.68
N ILE H 83 -37.85 29.51 -23.01
CA ILE H 83 -37.26 28.35 -23.67
C ILE H 83 -36.01 27.97 -22.91
N ALA H 84 -35.87 26.68 -22.60
CA ALA H 84 -34.76 26.17 -21.81
C ALA H 84 -33.66 25.62 -22.71
N ILE H 85 -32.43 25.98 -22.38
CA ILE H 85 -31.25 25.65 -23.19
C ILE H 85 -30.16 25.16 -22.25
N LEU H 86 -29.63 23.96 -22.53
CA LEU H 86 -28.62 23.34 -21.68
C LEU H 86 -27.22 23.59 -22.21
N ILE H 87 -26.32 23.96 -21.28
CA ILE H 87 -25.02 24.53 -21.58
C ILE H 87 -23.97 23.84 -20.72
N HIS H 88 -22.90 23.33 -21.35
CA HIS H 88 -21.82 22.94 -20.47
C HIS H 88 -20.82 24.09 -20.31
N PRO H 89 -20.28 24.37 -19.12
CA PRO H 89 -19.43 25.56 -18.95
C PRO H 89 -18.01 25.42 -19.45
N GLN H 90 -17.68 24.38 -20.21
CA GLN H 90 -16.43 24.31 -20.96
C GLN H 90 -16.65 24.59 -22.44
N GLN H 91 -17.88 24.71 -22.88
CA GLN H 91 -18.19 25.07 -24.24
C GLN H 91 -17.79 26.53 -24.49
N PRO H 92 -17.50 26.89 -25.72
CA PRO H 92 -17.24 28.30 -26.02
C PRO H 92 -18.53 29.08 -26.01
N LEU H 93 -18.38 30.40 -26.08
CA LEU H 93 -19.50 31.32 -26.16
C LEU H 93 -20.24 31.17 -27.49
N SER H 94 -19.48 30.99 -28.58
CA SER H 94 -20.09 30.88 -29.91
C SER H 94 -21.05 29.72 -30.04
N HIS H 95 -20.89 28.69 -29.21
CA HIS H 95 -21.82 27.58 -29.21
C HIS H 95 -23.20 28.02 -28.73
N LEU H 96 -23.24 28.75 -27.62
CA LEU H 96 -24.49 29.33 -27.14
C LEU H 96 -25.06 30.31 -28.14
N GLU H 97 -24.19 31.07 -28.82
CA GLU H 97 -24.62 31.92 -29.92
C GLU H 97 -25.32 31.11 -31.01
N ARG H 98 -24.84 29.90 -31.27
CA ARG H 98 -25.46 29.08 -32.31
C ARG H 98 -26.80 28.53 -31.84
N LEU H 99 -26.88 28.12 -30.57
CA LEU H 99 -28.14 27.56 -30.06
C LEU H 99 -29.24 28.60 -29.97
N ILE H 100 -28.90 29.85 -29.69
CA ILE H 100 -29.91 30.88 -29.75
C ILE H 100 -30.24 31.20 -31.21
N GLN H 101 -29.27 31.05 -32.13
CA GLN H 101 -29.61 31.21 -33.55
C GLN H 101 -30.52 30.13 -34.09
N SER H 102 -30.62 28.98 -33.42
CA SER H 102 -31.44 27.90 -33.96
C SER H 102 -32.93 28.19 -33.85
N GLU H 103 -33.38 28.75 -32.72
CA GLU H 103 -34.80 28.90 -32.44
C GLU H 103 -35.16 30.39 -32.37
N VAL H 104 -35.33 31.00 -33.54
CA VAL H 104 -35.72 32.39 -33.78
C VAL H 104 -35.90 32.46 -35.29
N PRO H 105 -36.85 33.22 -35.83
CA PRO H 105 -37.00 33.27 -37.29
C PRO H 105 -35.87 34.07 -37.93
N PRO H 106 -35.54 33.79 -39.19
CA PRO H 106 -34.47 34.52 -39.88
C PRO H 106 -34.77 35.99 -40.13
N ILE H 107 -33.79 36.70 -40.69
CA ILE H 107 -33.88 38.13 -40.92
C ILE H 107 -33.61 38.38 -42.40
N GLU H 108 -34.58 38.98 -43.08
CA GLU H 108 -34.41 39.34 -44.48
C GLU H 108 -33.56 40.60 -44.56
N ASP H 109 -32.35 40.48 -45.13
CA ASP H 109 -31.49 41.65 -45.36
C ASP H 109 -31.14 41.70 -46.84
N GLU H 110 -32.09 42.19 -47.64
CA GLU H 110 -31.93 42.83 -48.95
C GLU H 110 -30.84 42.28 -49.87
N ASN H 111 -30.95 40.99 -50.25
CA ASN H 111 -30.02 40.29 -51.13
C ASN H 111 -28.60 40.30 -50.56
N GLY H 112 -28.40 39.51 -49.50
CA GLY H 112 -29.25 38.36 -49.21
C GLY H 112 -29.73 38.14 -47.78
N GLN H 113 -30.83 37.41 -47.67
CA GLN H 113 -31.42 37.06 -46.38
C GLN H 113 -30.49 36.13 -45.61
N LYS H 114 -29.89 36.64 -44.54
CA LYS H 114 -29.17 35.76 -43.62
C LYS H 114 -30.17 34.89 -42.88
N ARG H 115 -30.04 33.58 -43.05
CA ARG H 115 -30.87 32.65 -42.34
C ARG H 115 -30.62 32.66 -40.82
N PRO H 116 -29.42 32.87 -40.30
CA PRO H 116 -29.32 33.14 -38.87
C PRO H 116 -29.32 34.62 -38.59
N PRO H 117 -29.85 35.03 -37.45
CA PRO H 117 -29.52 36.35 -36.90
C PRO H 117 -28.14 36.36 -36.24
N PHE H 118 -27.81 37.47 -35.60
CA PHE H 118 -26.53 37.60 -34.91
C PHE H 118 -26.80 38.17 -33.53
N VAL H 119 -26.36 37.47 -32.50
CA VAL H 119 -26.54 37.94 -31.13
C VAL H 119 -25.17 38.35 -30.59
N SER H 120 -25.17 39.09 -29.50
CA SER H 120 -23.94 39.72 -29.05
C SER H 120 -23.94 39.79 -27.54
N PHE H 121 -23.08 38.99 -26.90
CA PHE H 121 -23.13 38.83 -25.46
C PHE H 121 -22.36 39.94 -24.76
N ILE H 122 -22.89 41.16 -24.87
CA ILE H 122 -22.29 42.27 -24.15
C ILE H 122 -22.55 42.13 -22.65
N ALA H 123 -21.75 42.82 -21.86
CA ALA H 123 -21.85 42.67 -20.42
C ALA H 123 -21.44 43.98 -19.77
N LEU H 124 -21.14 43.92 -18.48
CA LEU H 124 -20.52 45.06 -17.83
C LEU H 124 -19.01 44.79 -17.78
N ARG H 187 -21.92 51.76 -19.03
CA ARG H 187 -20.63 51.09 -19.11
C ARG H 187 -20.78 49.68 -19.66
N PHE H 188 -20.68 49.54 -20.98
CA PHE H 188 -20.85 48.26 -21.65
C PHE H 188 -19.58 47.85 -22.38
N ILE H 189 -19.24 46.58 -22.26
CA ILE H 189 -18.03 46.00 -22.82
C ILE H 189 -18.47 44.78 -23.60
N ARG H 190 -18.33 44.80 -24.92
CA ARG H 190 -18.69 43.63 -25.69
C ARG H 190 -17.64 42.56 -25.47
N TRP H 191 -18.08 41.32 -25.36
CA TRP H 191 -17.19 40.20 -25.13
C TRP H 191 -17.08 39.36 -26.40
N SER H 192 -15.85 38.96 -26.69
CA SER H 192 -15.58 38.22 -27.90
C SER H 192 -16.14 36.81 -27.81
N GLN H 193 -16.46 36.24 -28.97
CA GLN H 193 -17.05 34.90 -29.03
C GLN H 193 -15.99 33.82 -29.05
N SER H 194 -15.10 33.85 -28.07
CA SER H 194 -14.22 32.71 -27.83
C SER H 194 -13.95 32.46 -26.36
N THR H 195 -14.54 33.23 -25.45
CA THR H 195 -14.27 33.04 -24.03
C THR H 195 -15.03 31.83 -23.51
N GLU H 196 -14.59 31.34 -22.36
CA GLU H 196 -15.31 30.27 -21.71
C GLU H 196 -16.59 30.80 -21.07
N ILE H 197 -17.61 29.96 -21.07
CA ILE H 197 -18.86 30.35 -20.44
C ILE H 197 -18.69 30.44 -18.94
N GLY H 198 -17.82 29.59 -18.36
CA GLY H 198 -17.51 29.71 -16.94
C GLY H 198 -16.85 31.02 -16.58
N ASP H 199 -16.01 31.54 -17.48
CA ASP H 199 -15.38 32.83 -17.21
C ASP H 199 -16.35 33.98 -17.42
N PHE H 200 -17.26 33.85 -18.38
CA PHE H 200 -18.20 34.93 -18.60
C PHE H 200 -19.25 35.00 -17.50
N ILE H 201 -19.64 33.83 -16.98
CA ILE H 201 -20.45 33.77 -15.77
C ILE H 201 -19.63 34.20 -14.54
N ARG H 202 -18.30 34.12 -14.60
CA ARG H 202 -17.50 34.58 -13.47
C ARG H 202 -17.50 36.10 -13.39
N ASP H 203 -17.05 36.78 -14.44
CA ASP H 203 -16.98 38.24 -14.41
C ASP H 203 -18.37 38.87 -14.42
N ALA H 204 -19.31 38.27 -15.15
CA ALA H 204 -20.68 38.72 -15.07
C ALA H 204 -21.29 38.43 -13.72
N ALA H 205 -20.81 37.39 -13.03
CA ALA H 205 -21.30 37.07 -11.69
C ALA H 205 -20.83 38.09 -10.68
N ARG H 206 -19.64 38.65 -10.88
CA ARG H 206 -19.30 39.85 -10.13
C ARG H 206 -20.19 41.02 -10.52
N ALA H 207 -20.53 41.13 -11.80
CA ALA H 207 -21.34 42.25 -12.26
C ALA H 207 -22.81 42.13 -11.88
N LYS H 208 -23.31 40.89 -11.72
CA LYS H 208 -24.72 40.56 -11.43
C LYS H 208 -25.63 41.11 -12.54
N GLU H 209 -25.23 40.86 -13.80
CA GLU H 209 -25.96 41.30 -14.99
C GLU H 209 -25.39 40.54 -16.18
N PHE H 210 -26.16 40.49 -17.26
CA PHE H 210 -25.87 39.64 -18.40
C PHE H 210 -26.80 40.14 -19.51
N ILE H 211 -26.31 40.49 -20.68
CA ILE H 211 -27.15 41.09 -21.70
C ILE H 211 -26.94 40.39 -23.02
N VAL H 212 -28.01 39.82 -23.57
CA VAL H 212 -28.00 39.28 -24.92
C VAL H 212 -28.81 40.23 -25.79
N THR H 213 -28.29 40.57 -26.95
CA THR H 213 -28.91 41.60 -27.79
C THR H 213 -29.00 41.08 -29.22
N ILE H 214 -30.16 40.53 -29.58
CA ILE H 214 -30.38 40.13 -30.97
C ILE H 214 -30.55 41.40 -31.80
N GLU H 215 -29.90 41.44 -32.96
CA GLU H 215 -29.99 42.62 -33.80
C GLU H 215 -31.43 42.92 -34.23
N GLY H 216 -32.17 41.90 -34.62
CA GLY H 216 -33.55 42.08 -35.03
C GLY H 216 -34.42 42.40 -33.83
N ALA H 217 -35.28 43.41 -33.95
CA ALA H 217 -36.21 43.75 -32.87
C ALA H 217 -37.64 43.64 -33.40
N PRO H 218 -38.47 42.78 -32.76
CA PRO H 218 -39.83 42.62 -33.28
C PRO H 218 -40.76 43.83 -33.22
N ALA H 219 -40.84 44.52 -32.08
CA ALA H 219 -41.69 45.70 -31.96
C ALA H 219 -41.27 46.64 -30.85
N GLY H 220 -40.11 47.27 -30.98
CA GLY H 220 -39.62 48.21 -29.97
C GLY H 220 -38.93 47.57 -28.76
N LEU H 221 -38.80 46.25 -28.78
CA LEU H 221 -38.15 45.51 -27.73
C LEU H 221 -36.99 44.86 -28.44
N GLU H 222 -35.79 44.99 -27.88
CA GLU H 222 -34.63 44.44 -28.56
C GLU H 222 -33.60 43.94 -27.57
N GLN H 223 -33.90 44.07 -26.28
CA GLN H 223 -32.91 43.64 -25.29
C GLN H 223 -33.38 42.46 -24.45
N ILE H 224 -32.44 41.83 -23.75
CA ILE H 224 -32.78 40.74 -22.84
C ILE H 224 -31.78 40.73 -21.69
N HIS H 225 -32.28 40.81 -20.46
CA HIS H 225 -31.43 40.72 -19.29
C HIS H 225 -31.70 39.39 -18.61
N VAL H 226 -30.65 38.61 -18.34
CA VAL H 226 -30.81 37.46 -17.48
C VAL H 226 -30.04 37.76 -16.20
N ALA H 227 -30.43 37.12 -15.11
CA ALA H 227 -29.87 37.41 -13.80
C ALA H 227 -28.98 36.25 -13.38
N VAL H 228 -27.68 36.48 -13.41
CA VAL H 228 -26.68 35.45 -13.08
C VAL H 228 -26.77 35.12 -11.60
N PRO H 229 -26.88 33.85 -11.23
CA PRO H 229 -27.13 33.51 -9.83
C PRO H 229 -25.83 33.59 -9.03
N SER H 230 -25.92 33.20 -7.78
CA SER H 230 -24.83 33.43 -6.85
C SER H 230 -24.23 32.12 -6.36
N PHE H 231 -23.09 32.29 -5.69
CA PHE H 231 -22.44 31.20 -4.98
C PHE H 231 -23.30 30.64 -3.87
N ASP H 232 -24.26 31.41 -3.37
CA ASP H 232 -25.20 30.87 -2.38
C ASP H 232 -26.00 29.70 -2.95
N GLU H 233 -26.62 29.90 -4.12
CA GLU H 233 -27.42 28.83 -4.66
C GLU H 233 -26.53 27.73 -5.25
N ARG H 234 -25.44 28.12 -5.92
CA ARG H 234 -24.57 27.16 -6.57
C ARG H 234 -23.86 26.29 -5.55
N THR H 235 -23.29 26.93 -4.55
CA THR H 235 -22.70 26.15 -3.49
C THR H 235 -23.70 25.75 -2.42
N TYR H 236 -25.02 25.87 -2.60
CA TYR H 236 -25.77 24.92 -1.78
C TYR H 236 -26.11 23.69 -2.59
N PHE H 237 -26.06 23.77 -3.92
CA PHE H 237 -25.92 22.51 -4.64
C PHE H 237 -24.57 21.85 -4.45
N LEU H 238 -23.59 22.52 -3.86
CA LEU H 238 -22.44 21.79 -3.32
C LEU H 238 -22.51 21.55 -1.81
N ARG H 239 -23.07 22.50 -1.05
CA ARG H 239 -23.17 22.37 0.40
C ARG H 239 -24.06 21.23 0.86
N MET H 240 -25.07 20.84 0.08
CA MET H 240 -25.87 19.69 0.51
C MET H 240 -25.02 18.42 0.52
N ARG H 241 -24.16 18.28 -0.49
CA ARG H 241 -23.25 17.15 -0.56
C ARG H 241 -22.21 17.19 0.56
N LEU H 242 -21.61 18.37 0.78
CA LEU H 242 -20.56 18.47 1.80
C LEU H 242 -21.11 18.28 3.20
N ARG H 243 -22.33 18.77 3.45
CA ARG H 243 -22.94 18.58 4.77
C ARG H 243 -23.26 17.11 5.02
N LYS H 244 -23.77 16.42 3.99
CA LYS H 244 -24.07 15.00 4.16
C LYS H 244 -22.82 14.17 4.40
N ILE H 245 -21.74 14.47 3.67
CA ILE H 245 -20.54 13.66 3.86
C ILE H 245 -19.83 14.04 5.17
N SER H 246 -20.04 15.26 5.66
CA SER H 246 -19.48 15.64 6.95
C SER H 246 -20.19 14.93 8.09
N ARG H 247 -21.50 14.75 7.96
CA ARG H 247 -22.25 14.02 8.98
C ARG H 247 -21.85 12.55 9.02
N ARG H 248 -21.74 11.93 7.83
CA ARG H 248 -21.34 10.52 7.74
C ARG H 248 -19.96 10.28 8.33
N ILE H 249 -18.99 11.14 7.96
CA ILE H 249 -17.64 11.05 8.48
C ILE H 249 -17.59 11.26 9.99
N GLN H 250 -18.42 12.16 10.51
CA GLN H 250 -18.40 12.45 11.94
C GLN H 250 -18.87 11.24 12.74
N GLY H 251 -20.02 10.68 12.36
CA GLY H 251 -20.56 9.54 13.11
C GLY H 251 -19.67 8.32 13.07
N LEU H 252 -19.16 7.99 11.87
CA LEU H 252 -18.29 6.83 11.74
C LEU H 252 -16.96 7.05 12.48
N ALA H 253 -16.51 8.31 12.55
CA ALA H 253 -15.30 8.65 13.28
C ALA H 253 -15.44 8.35 14.77
N GLU H 254 -16.52 8.82 15.39
CA GLU H 254 -16.60 8.66 16.83
C GLU H 254 -16.89 7.22 17.23
N ILE H 255 -17.59 6.47 16.38
CA ILE H 255 -17.76 5.04 16.66
C ILE H 255 -16.43 4.30 16.60
N LYS H 256 -15.58 4.63 15.61
CA LYS H 256 -14.27 3.98 15.53
C LYS H 256 -13.38 4.34 16.71
N HIS H 257 -13.47 5.59 17.19
CA HIS H 257 -12.69 5.99 18.37
C HIS H 257 -13.09 5.22 19.62
N GLU H 258 -14.40 5.08 19.84
CA GLU H 258 -14.87 4.23 20.94
C GLU H 258 -14.37 2.80 20.81
N CYS H 259 -14.38 2.28 19.59
CA CYS H 259 -13.88 0.94 19.34
C CYS H 259 -12.39 0.92 19.64
N ASP H 260 -11.72 1.99 19.23
CA ASP H 260 -10.29 2.13 19.43
C ASP H 260 -9.96 2.16 20.92
N ALA H 261 -10.78 2.88 21.68
CA ALA H 261 -10.60 2.98 23.12
C ALA H 261 -10.81 1.62 23.77
N LEU H 262 -11.80 0.89 23.28
CA LEU H 262 -12.14 -0.43 23.81
C LEU H 262 -11.04 -1.47 23.68
N ALA H 263 -10.34 -1.49 22.54
CA ALA H 263 -9.27 -2.48 22.38
C ALA H 263 -8.15 -2.28 23.39
N HIS H 264 -7.76 -1.02 23.63
CA HIS H 264 -6.63 -0.79 24.52
C HIS H 264 -6.92 -1.13 25.96
N ARG H 265 -8.18 -1.14 26.40
CA ARG H 265 -8.47 -1.59 27.76
C ARG H 265 -8.13 -3.08 27.96
N GLY H 266 -8.52 -3.92 27.00
CA GLY H 266 -8.20 -5.33 27.11
C GLY H 266 -6.72 -5.62 26.96
N ALA H 267 -6.05 -4.83 26.09
CA ALA H 267 -4.59 -5.00 25.93
C ALA H 267 -3.85 -4.67 27.22
N GLN H 268 -4.21 -3.56 27.89
CA GLN H 268 -3.50 -3.22 29.12
C GLN H 268 -3.85 -4.16 30.27
N ARG H 269 -5.07 -4.74 30.28
CA ARG H 269 -5.38 -5.72 31.31
C ARG H 269 -4.52 -6.98 31.16
N VAL H 270 -4.39 -7.49 29.93
CA VAL H 270 -3.62 -8.73 29.73
C VAL H 270 -2.13 -8.49 29.96
N ALA H 271 -1.62 -7.35 29.49
CA ALA H 271 -0.20 -7.03 29.70
C ALA H 271 0.11 -6.81 31.18
N LEU H 272 -0.81 -6.19 31.91
CA LEU H 272 -0.59 -5.94 33.33
C LEU H 272 -0.61 -7.23 34.13
N GLY H 273 -1.47 -8.19 33.73
CA GLY H 273 -1.44 -9.50 34.37
C GLY H 273 -0.13 -10.25 34.12
N GLY H 274 0.36 -10.19 32.88
CA GLY H 274 1.63 -10.85 32.56
C GLY H 274 2.82 -10.26 33.31
N PHE H 275 2.84 -8.94 33.47
CA PHE H 275 3.87 -8.32 34.30
C PHE H 275 3.69 -8.68 35.77
N GLY H 276 2.45 -8.95 36.20
CA GLY H 276 2.22 -9.42 37.55
C GLY H 276 2.87 -10.76 37.83
N ILE H 277 2.63 -11.74 36.96
CA ILE H 277 3.20 -13.07 37.22
C ILE H 277 4.70 -13.08 37.00
N LEU H 278 5.22 -12.28 36.06
CA LEU H 278 6.66 -12.31 35.84
C LEU H 278 7.40 -11.59 36.98
N ALA H 279 6.79 -10.54 37.55
CA ALA H 279 7.34 -9.94 38.75
C ALA H 279 7.32 -10.90 39.93
N PHE H 280 6.30 -11.77 39.98
CA PHE H 280 6.31 -12.84 40.97
C PHE H 280 7.48 -13.78 40.73
N TRP H 281 7.82 -14.03 39.47
CA TRP H 281 8.98 -14.87 39.17
C TRP H 281 10.29 -14.18 39.55
N TRP H 282 10.33 -12.85 39.57
CA TRP H 282 11.50 -12.16 40.14
C TRP H 282 11.61 -12.42 41.64
N TYR H 283 10.50 -12.23 42.35
CA TYR H 283 10.51 -12.31 43.81
C TYR H 283 10.82 -13.72 44.30
N ILE H 284 10.34 -14.74 43.58
CA ILE H 284 10.51 -16.09 44.11
C ILE H 284 11.95 -16.58 43.95
N VAL H 285 12.68 -16.07 42.95
CA VAL H 285 14.05 -16.51 42.70
C VAL H 285 15.04 -15.66 43.50
N TYR H 286 14.67 -14.40 43.78
CA TYR H 286 15.40 -13.65 44.81
C TYR H 286 15.33 -14.35 46.15
N LYS H 287 14.11 -14.65 46.60
CA LYS H 287 13.95 -15.08 47.99
C LYS H 287 14.30 -16.55 48.19
N LEU H 288 14.15 -17.41 47.17
CA LEU H 288 14.47 -18.82 47.37
C LEU H 288 15.96 -19.07 47.54
N THR H 289 16.81 -18.42 46.77
CA THR H 289 18.22 -18.77 46.79
C THR H 289 19.16 -17.66 47.19
N PHE H 290 18.70 -16.42 47.32
CA PHE H 290 19.67 -15.42 47.73
C PHE H 290 19.78 -15.32 49.25
N GLU H 291 18.73 -15.70 49.98
CA GLU H 291 18.71 -15.52 51.42
C GLU H 291 18.30 -16.77 52.19
N THR H 292 18.02 -17.88 51.51
CA THR H 292 17.30 -18.97 52.15
C THR H 292 18.10 -20.27 51.97
N ASP H 293 17.49 -21.43 52.24
CA ASP H 293 18.25 -22.64 52.54
C ASP H 293 18.80 -23.29 51.27
N LEU H 294 18.01 -23.34 50.20
CA LEU H 294 18.47 -23.97 48.97
C LEU H 294 19.47 -23.08 48.25
N GLY H 295 20.60 -23.65 47.84
CA GLY H 295 21.62 -22.86 47.18
C GLY H 295 21.38 -22.71 45.70
N TRP H 296 22.24 -21.91 45.07
CA TRP H 296 22.14 -21.68 43.63
C TRP H 296 22.40 -22.95 42.83
N ASP H 297 23.22 -23.85 43.37
CA ASP H 297 23.46 -25.14 42.75
C ASP H 297 22.19 -25.99 42.75
N THR H 298 21.33 -25.80 43.74
CA THR H 298 20.03 -26.43 43.80
C THR H 298 18.94 -25.57 43.20
N MET H 299 19.31 -24.57 42.40
CA MET H 299 18.37 -23.58 41.91
C MET H 299 18.47 -23.42 40.41
N GLU H 300 19.63 -23.75 39.84
CA GLU H 300 19.89 -23.57 38.41
C GLU H 300 18.96 -24.35 37.49
N PRO H 301 18.70 -25.63 37.77
CA PRO H 301 17.73 -26.31 36.91
C PRO H 301 16.31 -25.83 37.09
N VAL H 302 15.98 -25.17 38.21
CA VAL H 302 14.68 -24.54 38.31
C VAL H 302 14.59 -23.38 37.33
N THR H 303 15.67 -22.62 37.17
CA THR H 303 15.66 -21.50 36.24
C THR H 303 15.63 -21.97 34.79
N TYR H 304 16.52 -22.88 34.42
CA TYR H 304 16.58 -23.30 33.02
C TYR H 304 15.39 -24.14 32.63
N LEU H 305 14.96 -25.04 33.50
CA LEU H 305 13.81 -25.89 33.22
C LEU H 305 12.52 -25.07 33.18
N VAL H 306 12.43 -24.01 34.00
CA VAL H 306 11.31 -23.07 33.86
C VAL H 306 11.41 -22.31 32.54
N SER H 307 12.63 -21.99 32.07
CA SER H 307 12.77 -21.27 30.80
C SER H 307 12.28 -22.10 29.61
N LEU H 308 12.60 -23.40 29.59
CA LEU H 308 11.96 -24.24 28.58
C LEU H 308 10.46 -24.39 28.84
N SER H 309 10.04 -24.36 30.11
CA SER H 309 8.61 -24.43 30.39
C SER H 309 7.84 -23.17 29.98
N THR H 310 8.54 -22.04 29.94
CA THR H 310 7.97 -20.79 29.46
C THR H 310 7.75 -20.92 27.96
N LEU H 311 8.73 -21.54 27.30
CA LEU H 311 8.73 -21.78 25.87
C LEU H 311 7.60 -22.69 25.45
N MET H 312 7.30 -23.67 26.28
CA MET H 312 6.22 -24.60 25.97
C MET H 312 4.95 -23.79 25.86
N GLY H 313 4.80 -22.77 26.70
CA GLY H 313 3.61 -21.95 26.68
C GLY H 313 3.42 -21.25 25.36
N GLY H 314 4.52 -20.75 24.80
CA GLY H 314 4.46 -20.08 23.52
C GLY H 314 3.99 -21.02 22.43
N TYR H 315 4.52 -22.24 22.46
CA TYR H 315 4.14 -23.24 21.46
C TYR H 315 2.66 -23.58 21.56
N LEU H 316 2.16 -23.72 22.77
CA LEU H 316 0.75 -24.02 22.98
C LEU H 316 -0.09 -22.88 22.44
N TRP H 317 0.34 -21.65 22.75
CA TRP H 317 -0.35 -20.46 22.29
C TRP H 317 -0.30 -20.36 20.78
N PHE H 318 0.84 -20.71 20.21
CA PHE H 318 1.02 -20.62 18.77
C PHE H 318 0.13 -21.59 17.99
N LEU H 319 -0.40 -22.63 18.64
CA LEU H 319 -1.05 -23.72 17.90
C LEU H 319 -2.55 -23.85 18.17
N TYR H 320 -2.99 -23.72 19.42
CA TYR H 320 -4.42 -23.88 19.69
C TYR H 320 -5.19 -22.60 19.35
N HIS H 321 -4.86 -21.51 20.03
CA HIS H 321 -5.54 -20.24 19.80
C HIS H 321 -4.93 -19.46 18.63
N ASN H 322 -3.75 -19.86 18.16
CA ASN H 322 -3.22 -19.54 16.84
C ASN H 322 -3.03 -18.04 16.59
N ARG H 323 -1.89 -17.56 17.07
CA ARG H 323 -1.43 -16.22 16.78
C ARG H 323 -0.31 -16.60 15.79
N GLU H 324 -0.44 -16.16 14.54
CA GLU H 324 0.51 -16.51 13.48
C GLU H 324 0.85 -15.30 12.64
N ASP H 332 2.49 -11.73 13.88
CA ASP H 332 2.57 -10.76 14.97
C ASP H 332 1.39 -10.87 15.92
N PHE H 333 0.25 -10.36 15.46
CA PHE H 333 -0.95 -10.13 16.28
C PHE H 333 -0.62 -9.35 17.55
N THR H 334 0.00 -8.20 17.33
CA THR H 334 0.39 -7.31 18.41
C THR H 334 -0.79 -6.47 18.88
N ILE H 335 -0.48 -5.40 19.61
CA ILE H 335 -1.51 -4.59 20.26
C ILE H 335 -2.32 -3.81 19.23
N ASN H 336 -1.68 -3.36 18.15
CA ASN H 336 -2.41 -2.68 17.09
C ASN H 336 -3.29 -3.65 16.29
N ALA H 337 -2.87 -4.91 16.19
CA ALA H 337 -3.64 -5.87 15.40
C ALA H 337 -4.91 -6.32 16.08
N ARG H 338 -5.01 -6.17 17.41
CA ARG H 338 -6.26 -6.43 18.10
C ARG H 338 -7.28 -5.35 17.77
N GLN H 339 -6.80 -4.11 17.70
CA GLN H 339 -7.62 -3.00 17.24
C GLN H 339 -8.08 -3.19 15.79
N LYS H 340 -7.12 -3.52 14.91
CA LYS H 340 -7.42 -3.65 13.49
C LYS H 340 -8.28 -4.86 13.19
N LYS H 341 -8.20 -5.90 14.01
CA LYS H 341 -9.19 -6.96 13.92
C LYS H 341 -10.50 -6.52 14.56
N LEU H 342 -10.43 -5.61 15.52
CA LEU H 342 -11.60 -5.33 16.35
C LEU H 342 -12.61 -4.43 15.63
N TYR H 343 -12.16 -3.35 14.98
CA TYR H 343 -13.13 -2.55 14.25
C TYR H 343 -13.36 -3.04 12.82
N GLN H 344 -13.02 -4.30 12.53
CA GLN H 344 -13.69 -4.99 11.43
C GLN H 344 -15.08 -5.43 11.85
N MET H 345 -15.31 -5.58 13.15
CA MET H 345 -16.62 -5.88 13.71
C MET H 345 -17.44 -4.61 13.94
N LYS H 346 -16.82 -3.59 14.52
CA LYS H 346 -17.54 -2.42 14.99
C LYS H 346 -17.63 -1.30 13.98
N GLY H 347 -16.89 -1.35 12.87
CA GLY H 347 -16.89 -0.27 11.93
C GLY H 347 -16.72 -0.67 10.47
N ILE H 348 -16.22 0.26 9.67
CA ILE H 348 -16.02 0.07 8.24
C ILE H 348 -14.52 0.26 7.97
N ASP H 349 -14.08 -0.19 6.80
CA ASP H 349 -12.67 -0.24 6.42
C ASP H 349 -12.11 1.17 6.18
N LEU H 350 -10.83 1.24 5.80
CA LEU H 350 -10.13 2.51 5.64
C LEU H 350 -10.18 3.06 4.23
N GLN H 351 -10.43 2.22 3.22
CA GLN H 351 -10.45 2.70 1.84
C GLN H 351 -11.67 3.57 1.56
N VAL H 352 -12.84 3.11 2.02
CA VAL H 352 -14.05 3.91 1.96
C VAL H 352 -13.88 5.17 2.81
N TRP H 353 -13.26 5.02 3.97
CA TRP H 353 -13.04 6.10 4.92
C TRP H 353 -12.22 7.24 4.33
N GLU H 354 -11.04 6.91 3.82
CA GLU H 354 -10.21 7.92 3.17
C GLU H 354 -10.80 8.38 1.85
N SER H 355 -11.67 7.58 1.23
CA SER H 355 -12.36 8.08 0.04
C SER H 355 -13.34 9.19 0.41
N LEU H 356 -14.02 9.04 1.56
CA LEU H 356 -14.94 10.08 2.00
C LEU H 356 -14.20 11.34 2.41
N ILE H 357 -13.09 11.19 3.14
CA ILE H 357 -12.34 12.37 3.58
C ILE H 357 -11.69 13.07 2.38
N ASP H 358 -11.09 12.30 1.47
CA ASP H 358 -10.38 12.88 0.34
C ASP H 358 -11.34 13.54 -0.65
N GLU H 359 -12.49 12.92 -0.90
CA GLU H 359 -13.49 13.56 -1.74
C GLU H 359 -14.10 14.78 -1.05
N ALA H 360 -14.19 14.76 0.28
CA ALA H 360 -14.64 15.95 1.00
C ALA H 360 -13.68 17.10 0.80
N ASN H 361 -12.37 16.82 0.83
CA ASN H 361 -11.40 17.87 0.55
C ASN H 361 -11.41 18.27 -0.92
N ALA H 362 -11.78 17.35 -1.80
CA ALA H 362 -11.92 17.69 -3.22
C ALA H 362 -13.08 18.66 -3.44
N ILE H 363 -14.14 18.54 -2.64
CA ILE H 363 -15.23 19.51 -2.70
C ILE H 363 -14.81 20.83 -2.06
N ARG H 364 -14.02 20.76 -0.98
CA ARG H 364 -13.59 21.97 -0.30
C ARG H 364 -12.63 22.81 -1.14
N ARG H 365 -11.78 22.17 -1.95
CA ARG H 365 -10.93 22.96 -2.83
C ARG H 365 -11.73 23.60 -3.94
N GLU H 366 -12.87 23.03 -4.31
CA GLU H 366 -13.67 23.62 -5.38
C GLU H 366 -14.54 24.75 -4.88
N ILE H 367 -15.08 24.65 -3.66
CA ILE H 367 -15.76 25.80 -3.11
C ILE H 367 -14.75 26.90 -2.77
N LYS H 368 -13.50 26.53 -2.45
CA LYS H 368 -12.46 27.55 -2.33
C LYS H 368 -12.11 28.16 -3.68
N ASN H 369 -12.24 27.40 -4.76
CA ASN H 369 -12.00 27.95 -6.09
C ASN H 369 -13.09 28.95 -6.47
N ILE H 370 -14.35 28.56 -6.28
CA ILE H 370 -15.45 29.39 -6.74
C ILE H 370 -15.60 30.63 -5.87
N ALA H 371 -15.49 30.46 -4.54
CA ALA H 371 -15.49 31.63 -3.67
C ALA H 371 -14.19 32.41 -3.76
N ALA H 372 -13.12 31.79 -4.27
CA ALA H 372 -11.90 32.54 -4.55
C ALA H 372 -12.05 33.37 -5.81
N GLU H 373 -12.90 32.94 -6.73
CA GLU H 373 -13.12 33.69 -7.95
C GLU H 373 -14.26 34.69 -7.82
N TYR H 374 -15.28 34.38 -7.03
CA TYR H 374 -16.36 35.31 -6.79
C TYR H 374 -16.06 36.29 -5.66
N ASP H 375 -15.07 35.97 -4.83
CA ASP H 375 -14.51 36.85 -3.80
C ASP H 375 -15.54 37.27 -2.75
N VAL H 376 -16.09 36.26 -2.07
CA VAL H 376 -16.76 36.45 -0.78
C VAL H 376 -16.22 35.37 0.14
N ASP H 377 -15.65 35.78 1.27
CA ASP H 377 -14.90 34.86 2.11
C ASP H 377 -15.84 33.93 2.87
N TRP H 378 -15.36 32.72 3.13
CA TRP H 378 -16.24 31.64 3.58
C TRP H 378 -15.49 30.59 4.38
N ASP H 379 -16.10 30.15 5.48
CA ASP H 379 -15.69 28.94 6.21
C ASP H 379 -16.89 28.04 6.40
N GLU H 380 -16.67 26.73 6.31
CA GLU H 380 -17.77 25.76 6.24
C GLU H 380 -18.31 25.35 7.59
N ARG H 381 -17.80 25.92 8.69
CA ARG H 381 -18.43 25.70 9.98
C ARG H 381 -19.75 26.48 10.08
N LYS H 382 -19.91 27.51 9.26
CA LYS H 382 -21.05 28.42 9.26
C LYS H 382 -22.35 27.77 8.79
N ASP H 383 -22.33 26.50 8.37
CA ASP H 383 -23.53 25.70 8.19
C ASP H 383 -23.60 24.51 9.13
N GLU H 384 -22.48 24.12 9.75
CA GLU H 384 -22.55 23.28 10.94
C GLU H 384 -23.27 24.00 12.07
N GLN H 385 -23.19 25.33 12.09
CA GLN H 385 -24.02 26.13 12.99
C GLN H 385 -25.50 26.12 12.60
N ASP H 386 -25.87 25.50 11.47
CA ASP H 386 -27.26 25.20 11.15
C ASP H 386 -27.56 23.71 11.07
N ASP H 387 -26.55 22.85 11.25
CA ASP H 387 -26.79 21.40 11.21
C ASP H 387 -27.54 20.92 12.45
N ARG H 388 -27.37 21.64 13.57
CA ARG H 388 -28.14 21.36 14.77
C ARG H 388 -29.28 22.36 14.97
N VAL H 389 -29.11 23.58 14.47
CA VAL H 389 -30.15 24.60 14.53
C VAL H 389 -30.51 25.05 13.12
N ASP I 52 4.96 35.64 -44.20
CA ASP I 52 5.18 36.90 -44.89
C ASP I 52 4.00 37.21 -45.81
N THR I 53 3.84 36.39 -46.84
CA THR I 53 2.70 36.45 -47.74
C THR I 53 1.97 35.12 -47.88
N ILE I 54 2.69 34.01 -47.95
CA ILE I 54 2.09 32.70 -48.14
C ILE I 54 2.39 31.76 -46.97
N ALA I 55 2.83 32.30 -45.84
CA ALA I 55 3.12 31.49 -44.67
C ALA I 55 2.42 32.09 -43.47
N GLY I 56 1.75 31.23 -42.71
CA GLY I 56 1.14 31.62 -41.46
C GLY I 56 1.64 30.71 -40.36
N LYS I 57 1.23 31.02 -39.14
CA LYS I 57 1.56 30.17 -38.00
C LYS I 57 0.43 30.23 -36.98
N LEU I 58 0.09 29.10 -36.38
CA LEU I 58 -0.91 29.10 -35.32
C LEU I 58 -0.09 28.70 -34.09
N LEU I 59 -0.11 29.57 -33.09
CA LEU I 59 0.73 29.43 -31.91
C LEU I 59 -0.03 28.64 -30.86
N THR I 60 0.50 28.59 -29.64
CA THR I 60 -0.21 28.01 -28.50
C THR I 60 -0.11 29.01 -27.35
N THR I 61 -1.23 29.64 -27.03
CA THR I 61 -1.27 30.60 -25.95
C THR I 61 -1.12 29.88 -24.61
N PRO I 62 -0.72 30.59 -23.55
CA PRO I 62 -0.72 29.98 -22.21
C PRO I 62 -2.10 29.55 -21.73
N SER I 63 -3.17 30.15 -22.25
CA SER I 63 -4.52 29.70 -21.93
C SER I 63 -4.88 28.47 -22.76
N ARG I 64 -6.16 28.10 -22.74
CA ARG I 64 -6.60 26.93 -23.48
C ARG I 64 -6.65 27.19 -24.97
N LEU I 65 -6.90 28.42 -25.38
CA LEU I 65 -7.39 28.72 -26.72
C LEU I 65 -6.28 29.32 -27.57
N PHE I 66 -6.27 28.92 -28.85
CA PHE I 66 -5.17 29.20 -29.75
C PHE I 66 -5.20 30.63 -30.25
N LYS I 67 -4.21 30.97 -31.08
CA LYS I 67 -4.25 32.14 -31.93
C LYS I 67 -3.55 31.78 -33.21
N LEU I 68 -3.80 32.57 -34.26
CA LEU I 68 -3.09 32.37 -35.50
C LEU I 68 -3.04 33.68 -36.24
N LEU I 69 -2.03 33.84 -37.07
CA LEU I 69 -1.81 35.08 -37.80
C LEU I 69 -1.53 34.77 -39.25
N ILE I 70 -2.38 35.28 -40.14
CA ILE I 70 -2.35 34.99 -41.57
C ILE I 70 -2.41 36.33 -42.29
N PRO I 71 -1.66 36.55 -43.38
CA PRO I 71 -1.77 37.80 -44.12
C PRO I 71 -2.83 37.81 -45.22
N LEU I 72 -3.66 38.85 -45.26
CA LEU I 72 -4.63 39.02 -46.35
C LEU I 72 -5.04 40.48 -46.43
N THR I 73 -5.70 40.82 -47.53
CA THR I 73 -6.03 42.19 -47.89
C THR I 73 -7.22 42.68 -47.06
N THR I 74 -7.22 43.97 -46.73
CA THR I 74 -8.18 44.52 -45.78
C THR I 74 -8.74 45.81 -46.39
N ILE I 75 -9.39 46.64 -45.56
CA ILE I 75 -9.91 47.95 -45.97
C ILE I 75 -8.75 48.87 -46.35
N ASN I 76 -9.04 50.12 -46.68
CA ASN I 76 -8.05 51.01 -47.31
C ASN I 76 -6.65 51.27 -46.71
N ARG I 77 -6.46 50.92 -45.44
CA ARG I 77 -5.18 51.18 -44.78
C ARG I 77 -3.92 50.50 -45.32
N LYS I 78 -3.96 49.21 -45.64
CA LYS I 78 -2.76 48.52 -46.13
C LYS I 78 -2.99 47.35 -47.09
N ASP I 79 -1.98 47.11 -47.93
CA ASP I 79 -2.00 46.02 -48.90
C ASP I 79 -2.03 44.61 -48.26
N ILE I 80 -1.24 44.42 -47.22
CA ILE I 80 -1.18 43.12 -46.52
C ILE I 80 -0.75 43.27 -45.06
N GLU I 81 -1.45 42.61 -44.15
CA GLU I 81 -1.09 42.70 -42.74
C GLU I 81 -1.34 41.33 -42.12
N GLN I 82 -0.34 40.78 -41.43
CA GLN I 82 -0.58 39.56 -40.68
C GLN I 82 -1.44 39.87 -39.47
N ILE I 83 -2.70 39.47 -39.55
CA ILE I 83 -3.74 39.86 -38.61
C ILE I 83 -4.01 38.73 -37.63
N ALA I 84 -4.36 39.10 -36.40
CA ALA I 84 -4.55 38.14 -35.33
C ALA I 84 -6.00 37.67 -35.30
N ILE I 85 -6.16 36.35 -35.28
CA ILE I 85 -7.44 35.70 -35.14
C ILE I 85 -7.32 34.89 -33.84
N LEU I 86 -8.34 34.97 -32.98
CA LEU I 86 -8.34 34.25 -31.70
C LEU I 86 -9.28 33.06 -31.82
N ILE I 87 -8.82 31.89 -31.41
CA ILE I 87 -9.64 30.69 -31.63
C ILE I 87 -9.60 29.78 -30.40
N HIS I 88 -10.78 29.28 -29.99
CA HIS I 88 -11.02 28.19 -29.04
C HIS I 88 -11.10 26.86 -29.77
N PRO I 89 -10.59 25.76 -29.23
CA PRO I 89 -10.54 24.51 -29.99
C PRO I 89 -11.87 23.77 -30.10
N GLN I 90 -12.94 24.29 -29.52
CA GLN I 90 -14.25 23.66 -29.59
C GLN I 90 -15.22 24.40 -30.51
N GLN I 91 -14.80 25.51 -31.09
CA GLN I 91 -15.63 26.16 -32.08
C GLN I 91 -15.60 25.37 -33.39
N PRO I 92 -16.71 25.33 -34.12
CA PRO I 92 -16.73 24.60 -35.38
C PRO I 92 -15.94 25.35 -36.43
N LEU I 93 -15.77 24.69 -37.57
CA LEU I 93 -14.88 25.22 -38.57
C LEU I 93 -15.57 26.29 -39.41
N SER I 94 -16.90 26.26 -39.46
CA SER I 94 -17.67 27.31 -40.11
C SER I 94 -17.52 28.63 -39.39
N HIS I 95 -17.32 28.57 -38.08
CA HIS I 95 -17.11 29.77 -37.31
C HIS I 95 -15.79 30.40 -37.72
N LEU I 96 -14.76 29.57 -37.90
CA LEU I 96 -13.46 30.06 -38.32
C LEU I 96 -13.44 30.68 -39.71
N GLU I 97 -14.10 30.02 -40.67
CA GLU I 97 -14.14 30.54 -42.03
C GLU I 97 -14.91 31.87 -42.07
N ARG I 98 -15.99 31.93 -41.28
CA ARG I 98 -16.78 33.14 -41.18
C ARG I 98 -15.97 34.26 -40.55
N LEU I 99 -15.15 33.91 -39.56
CA LEU I 99 -14.31 34.86 -38.87
C LEU I 99 -13.30 35.48 -39.83
N ILE I 100 -12.72 34.67 -40.71
CA ILE I 100 -11.79 35.20 -41.69
C ILE I 100 -12.56 35.72 -42.90
N GLN I 101 -13.79 35.25 -43.11
CA GLN I 101 -14.65 35.84 -44.12
C GLN I 101 -15.10 37.24 -43.74
N SER I 102 -15.09 37.56 -42.45
CA SER I 102 -15.60 38.86 -42.02
C SER I 102 -14.58 39.98 -42.19
N GLU I 103 -13.30 39.71 -41.91
CA GLU I 103 -12.26 40.74 -42.04
C GLU I 103 -11.53 40.62 -43.38
N VAL I 104 -12.30 40.78 -44.45
CA VAL I 104 -11.78 40.85 -45.81
C VAL I 104 -12.83 41.59 -46.63
N PRO I 105 -12.44 42.53 -47.49
CA PRO I 105 -13.41 43.17 -48.36
C PRO I 105 -13.90 42.19 -49.42
N PRO I 106 -15.21 42.14 -49.67
CA PRO I 106 -15.78 41.07 -50.49
C PRO I 106 -15.47 41.18 -51.97
N ILE I 107 -16.05 40.27 -52.75
CA ILE I 107 -15.89 40.23 -54.19
C ILE I 107 -17.22 40.63 -54.81
N GLU I 108 -17.17 41.57 -55.76
CA GLU I 108 -18.40 41.97 -56.44
C GLU I 108 -18.88 40.87 -57.36
N ASP I 109 -19.89 40.12 -56.91
CA ASP I 109 -20.28 38.87 -57.53
C ASP I 109 -21.64 39.06 -58.19
N GLU I 110 -21.69 38.79 -59.49
CA GLU I 110 -22.89 39.00 -60.30
C GLU I 110 -23.88 37.85 -60.12
N ASN I 111 -24.88 37.81 -61.02
CA ASN I 111 -26.07 36.95 -60.92
C ASN I 111 -26.80 37.19 -59.60
N GLY I 112 -26.90 38.47 -59.22
CA GLY I 112 -27.43 38.86 -57.93
C GLY I 112 -26.35 39.53 -57.09
N GLN I 113 -26.42 39.32 -55.77
CA GLN I 113 -25.43 39.83 -54.83
C GLN I 113 -25.14 38.74 -53.80
N LYS I 114 -24.09 37.95 -54.04
CA LYS I 114 -23.57 36.99 -53.06
C LYS I 114 -22.09 37.31 -52.92
N ARG I 115 -21.81 38.35 -52.14
CA ARG I 115 -20.50 39.02 -52.19
C ARG I 115 -19.34 38.49 -51.35
N PRO I 116 -19.49 38.07 -50.07
CA PRO I 116 -18.33 37.55 -49.36
C PRO I 116 -17.94 36.18 -49.89
N PRO I 117 -16.65 35.84 -49.84
CA PRO I 117 -16.17 34.63 -50.52
C PRO I 117 -16.56 33.36 -49.77
N PHE I 118 -16.07 32.24 -50.28
CA PHE I 118 -16.27 30.92 -49.67
C PHE I 118 -14.91 30.27 -49.54
N VAL I 119 -14.36 30.26 -48.34
CA VAL I 119 -13.03 29.73 -48.12
C VAL I 119 -13.16 28.27 -47.70
N SER I 120 -12.05 27.53 -47.80
CA SER I 120 -12.07 26.09 -47.66
C SER I 120 -10.71 25.62 -47.22
N PHE I 121 -10.68 24.56 -46.40
CA PHE I 121 -9.45 24.12 -45.78
C PHE I 121 -9.00 22.81 -46.42
N ILE I 122 -7.69 22.64 -46.54
CA ILE I 122 -7.09 21.53 -47.27
C ILE I 122 -5.91 21.02 -46.45
N ALA I 123 -5.80 19.69 -46.29
CA ALA I 123 -4.64 19.15 -45.59
C ALA I 123 -4.08 17.94 -46.32
N LEU I 124 -3.18 17.21 -45.67
CA LEU I 124 -2.58 16.06 -46.31
C LEU I 124 -3.03 14.76 -45.67
N GLN I 125 -3.55 13.86 -46.49
CA GLN I 125 -3.96 12.57 -46.00
C GLN I 125 -2.72 11.74 -46.13
N LEU I 126 -2.07 11.46 -45.00
CA LEU I 126 -0.84 10.70 -45.04
C LEU I 126 -1.11 9.29 -45.53
N GLU I 127 -0.24 8.81 -46.41
CA GLU I 127 -0.37 7.45 -46.92
C GLU I 127 0.64 6.51 -46.29
N GLN I 128 1.19 6.91 -45.13
CA GLN I 128 2.40 6.33 -44.52
C GLN I 128 3.54 6.20 -45.51
N ARG I 187 -1.34 13.45 -51.21
CA ARG I 187 -2.43 14.19 -51.83
C ARG I 187 -3.03 15.25 -50.93
N PHE I 188 -4.20 15.75 -51.32
CA PHE I 188 -4.83 16.87 -50.65
C PHE I 188 -6.34 16.66 -50.64
N ILE I 189 -6.90 16.42 -49.45
CA ILE I 189 -8.33 16.27 -49.27
C ILE I 189 -8.86 17.54 -48.62
N ARG I 190 -10.17 17.71 -48.69
CA ARG I 190 -10.83 18.90 -48.18
C ARG I 190 -11.59 18.58 -46.92
N TRP I 191 -11.33 19.33 -45.85
CA TRP I 191 -11.99 19.07 -44.57
C TRP I 191 -13.31 19.79 -44.51
N SER I 192 -14.32 19.10 -43.96
CA SER I 192 -15.69 19.58 -44.01
C SER I 192 -15.88 20.80 -43.13
N GLN I 193 -16.96 21.52 -43.37
CA GLN I 193 -17.11 22.85 -42.82
C GLN I 193 -17.65 22.88 -41.41
N SER I 194 -17.92 21.73 -40.79
CA SER I 194 -18.33 21.76 -39.40
C SER I 194 -17.71 20.62 -38.62
N THR I 195 -16.42 20.35 -38.84
CA THR I 195 -15.68 19.64 -37.82
C THR I 195 -15.30 20.60 -36.71
N GLU I 196 -14.93 20.05 -35.57
CA GLU I 196 -14.41 20.91 -34.54
C GLU I 196 -12.96 21.22 -34.85
N ILE I 197 -12.46 22.32 -34.29
CA ILE I 197 -11.14 22.80 -34.70
C ILE I 197 -10.05 21.92 -34.13
N GLY I 198 -10.19 21.50 -32.86
CA GLY I 198 -9.12 20.78 -32.19
C GLY I 198 -8.77 19.44 -32.80
N ASP I 199 -9.76 18.74 -33.34
CA ASP I 199 -9.49 17.45 -33.97
C ASP I 199 -8.76 17.62 -35.29
N PHE I 200 -9.15 18.63 -36.06
CA PHE I 200 -8.43 19.00 -37.27
C PHE I 200 -7.01 19.45 -36.95
N ILE I 201 -6.83 20.18 -35.84
CA ILE I 201 -5.51 20.61 -35.37
C ILE I 201 -4.64 19.41 -35.05
N ARG I 202 -5.20 18.37 -34.45
CA ARG I 202 -4.40 17.21 -34.12
C ARG I 202 -4.03 16.40 -35.36
N ASP I 203 -4.99 16.19 -36.27
CA ASP I 203 -4.71 15.36 -37.45
C ASP I 203 -3.73 16.05 -38.40
N ALA I 204 -4.02 17.29 -38.78
CA ALA I 204 -3.05 18.04 -39.58
C ALA I 204 -1.79 18.35 -38.79
N ALA I 205 -1.84 18.30 -37.46
CA ALA I 205 -0.64 18.50 -36.65
C ALA I 205 0.33 17.35 -36.80
N ARG I 206 -0.18 16.13 -36.92
CA ARG I 206 0.75 15.07 -37.32
C ARG I 206 1.14 15.18 -38.79
N ALA I 207 0.29 15.81 -39.61
CA ALA I 207 0.70 16.02 -41.00
C ALA I 207 1.73 17.14 -41.15
N LYS I 208 1.87 18.00 -40.13
CA LYS I 208 2.79 19.13 -39.99
C LYS I 208 2.50 20.31 -40.93
N GLU I 209 1.47 20.25 -41.76
CA GLU I 209 1.04 21.38 -42.58
C GLU I 209 -0.46 21.31 -42.79
N PHE I 210 -1.08 22.48 -43.01
CA PHE I 210 -2.36 22.51 -43.70
C PHE I 210 -2.47 23.81 -44.48
N ILE I 211 -3.53 23.90 -45.28
CA ILE I 211 -3.64 24.89 -46.33
C ILE I 211 -5.01 25.53 -46.25
N VAL I 212 -5.05 26.84 -46.12
CA VAL I 212 -6.27 27.62 -46.29
C VAL I 212 -6.29 28.08 -47.74
N THR I 213 -7.47 28.11 -48.36
CA THR I 213 -7.64 28.71 -49.67
C THR I 213 -8.79 29.70 -49.62
N ILE I 214 -8.50 30.96 -49.94
CA ILE I 214 -9.54 31.97 -50.12
C ILE I 214 -10.06 31.77 -51.55
N GLU I 215 -11.19 32.40 -51.84
CA GLU I 215 -11.83 32.33 -53.15
C GLU I 215 -11.42 33.48 -54.06
N GLY I 216 -10.87 34.53 -53.46
CA GLY I 216 -10.48 35.71 -54.22
C GLY I 216 -9.38 35.47 -55.23
N ALA I 217 -8.39 34.67 -54.84
CA ALA I 217 -7.25 34.32 -55.68
C ALA I 217 -6.47 35.52 -56.23
N PRO I 218 -6.29 36.57 -55.41
CA PRO I 218 -5.54 37.71 -55.96
C PRO I 218 -4.12 37.28 -56.30
N ALA I 219 -3.50 36.52 -55.40
CA ALA I 219 -2.16 36.02 -55.59
C ALA I 219 -2.21 34.93 -56.66
N GLY I 220 -1.16 34.80 -57.45
CA GLY I 220 -1.14 33.78 -58.48
C GLY I 220 -1.22 32.40 -57.89
N LEU I 221 -0.49 32.19 -56.80
CA LEU I 221 -0.50 30.89 -56.11
C LEU I 221 -1.86 30.56 -55.51
N GLU I 222 -2.50 31.57 -54.92
CA GLU I 222 -3.82 31.44 -54.27
C GLU I 222 -3.84 30.36 -53.18
N GLN I 223 -2.75 30.30 -52.40
CA GLN I 223 -2.63 29.33 -51.32
C GLN I 223 -2.02 29.98 -50.10
N ILE I 224 -2.29 29.42 -48.93
CA ILE I 224 -1.66 29.93 -47.71
C ILE I 224 -1.20 28.71 -46.92
N HIS I 225 0.10 28.46 -46.88
CA HIS I 225 0.61 27.31 -46.17
C HIS I 225 0.95 27.76 -44.76
N VAL I 226 0.03 27.56 -43.83
CA VAL I 226 0.27 27.94 -42.45
C VAL I 226 1.09 26.88 -41.75
N ALA I 227 1.83 27.29 -40.73
CA ALA I 227 2.73 26.42 -40.00
C ALA I 227 2.04 25.90 -38.75
N VAL I 228 2.55 24.80 -38.22
CA VAL I 228 1.88 23.96 -37.25
C VAL I 228 2.64 23.99 -35.93
N PRO I 229 1.99 24.16 -34.78
CA PRO I 229 2.73 24.26 -33.52
C PRO I 229 3.30 22.92 -33.09
N SER I 230 4.48 22.98 -32.48
CA SER I 230 5.28 21.79 -32.26
C SER I 230 5.16 21.27 -30.85
N PHE I 231 5.70 20.05 -30.70
CA PHE I 231 5.65 19.31 -29.44
C PHE I 231 6.42 20.05 -28.36
N ASP I 232 7.55 20.66 -28.75
CA ASP I 232 8.34 21.47 -27.84
C ASP I 232 7.59 22.71 -27.39
N GLU I 233 6.63 23.19 -28.16
CA GLU I 233 5.95 24.41 -27.74
C GLU I 233 4.75 24.11 -26.85
N ARG I 234 3.94 23.12 -27.24
CA ARG I 234 2.82 22.70 -26.41
C ARG I 234 3.31 22.18 -25.07
N THR I 235 4.21 21.21 -25.12
CA THR I 235 4.85 20.76 -23.90
C THR I 235 5.85 21.77 -23.35
N TYR I 236 6.15 22.86 -24.06
CA TYR I 236 6.94 23.91 -23.43
C TYR I 236 6.13 24.61 -22.36
N PHE I 237 4.91 25.01 -22.67
CA PHE I 237 4.15 25.66 -21.61
C PHE I 237 3.72 24.66 -20.54
N LEU I 238 3.36 23.43 -20.95
CA LEU I 238 3.00 22.44 -19.93
C LEU I 238 4.19 22.05 -19.06
N ARG I 239 5.38 21.99 -19.65
CA ARG I 239 6.58 21.72 -18.86
C ARG I 239 6.93 22.85 -17.92
N MET I 240 6.65 24.11 -18.29
CA MET I 240 6.95 25.20 -17.35
C MET I 240 6.05 25.12 -16.13
N ARG I 241 4.76 24.79 -16.33
CA ARG I 241 3.88 24.58 -15.19
C ARG I 241 4.33 23.41 -14.32
N LEU I 242 4.63 22.28 -14.96
CA LEU I 242 4.99 21.05 -14.24
C LEU I 242 6.29 21.20 -13.46
N ARG I 243 7.31 21.81 -14.07
CA ARG I 243 8.56 22.00 -13.35
C ARG I 243 8.44 23.04 -12.25
N LYS I 244 7.56 24.04 -12.43
CA LYS I 244 7.40 25.04 -11.38
C LYS I 244 6.77 24.43 -10.13
N ILE I 245 5.70 23.67 -10.30
CA ILE I 245 5.10 23.05 -9.11
C ILE I 245 5.99 21.92 -8.57
N SER I 246 6.77 21.27 -9.44
CA SER I 246 7.61 20.16 -9.01
C SER I 246 8.78 20.64 -8.15
N ARG I 247 9.39 21.76 -8.53
CA ARG I 247 10.36 22.41 -7.67
C ARG I 247 9.70 22.86 -6.38
N ARG I 248 8.48 23.41 -6.50
CA ARG I 248 7.75 23.95 -5.36
C ARG I 248 7.34 22.87 -4.34
N ILE I 249 7.34 21.59 -4.72
CA ILE I 249 7.23 20.54 -3.71
C ILE I 249 8.58 19.93 -3.35
N GLN I 250 9.60 20.08 -4.21
CA GLN I 250 10.89 19.51 -3.88
C GLN I 250 11.54 20.23 -2.70
N GLY I 251 11.29 21.54 -2.57
CA GLY I 251 11.77 22.25 -1.40
C GLY I 251 11.17 21.73 -0.09
N LEU I 252 9.86 21.48 -0.09
CA LEU I 252 9.21 20.92 1.09
C LEU I 252 9.64 19.48 1.35
N ALA I 253 10.03 18.76 0.28
CA ALA I 253 10.65 17.45 0.48
C ALA I 253 11.98 17.58 1.22
N GLU I 254 12.75 18.63 0.91
CA GLU I 254 14.02 18.82 1.61
C GLU I 254 13.81 19.20 3.07
N ILE I 255 12.76 19.97 3.36
CA ILE I 255 12.48 20.31 4.75
C ILE I 255 11.97 19.09 5.54
N LYS I 256 11.26 18.18 4.85
CA LYS I 256 10.96 16.88 5.44
C LYS I 256 12.23 16.10 5.75
N HIS I 257 13.22 16.17 4.86
CA HIS I 257 14.51 15.52 5.11
C HIS I 257 15.21 16.07 6.35
N GLU I 258 15.13 17.39 6.57
CA GLU I 258 15.87 17.91 7.71
C GLU I 258 15.15 17.66 9.05
N CYS I 259 13.81 17.67 9.08
CA CYS I 259 13.14 17.27 10.32
C CYS I 259 13.32 15.79 10.61
N ASP I 260 13.45 14.98 9.55
CA ASP I 260 13.82 13.57 9.72
C ASP I 260 15.20 13.44 10.36
N ALA I 261 16.14 14.32 9.96
CA ALA I 261 17.44 14.36 10.63
C ALA I 261 17.34 14.78 12.09
N LEU I 262 16.36 15.64 12.42
CA LEU I 262 16.15 16.01 13.81
C LEU I 262 15.69 14.81 14.65
N ALA I 263 14.79 13.99 14.08
CA ALA I 263 14.39 12.75 14.76
C ALA I 263 15.57 11.78 14.90
N HIS I 264 16.47 11.76 13.91
CA HIS I 264 17.69 10.96 14.00
C HIS I 264 18.55 11.37 15.19
N ARG I 265 18.74 12.68 15.39
CA ARG I 265 19.52 13.17 16.52
C ARG I 265 18.88 12.79 17.86
N GLY I 266 17.56 12.98 17.94
CA GLY I 266 16.80 12.57 19.11
C GLY I 266 16.84 11.09 19.42
N ALA I 267 17.13 10.25 18.41
CA ALA I 267 17.37 8.85 18.71
C ALA I 267 18.81 8.59 19.18
N GLN I 268 19.79 9.24 18.53
CA GLN I 268 21.20 8.92 18.79
C GLN I 268 21.63 9.30 20.20
N ARG I 269 20.94 10.29 20.82
CA ARG I 269 21.22 10.62 22.21
C ARG I 269 20.97 9.44 23.15
N VAL I 270 19.75 8.91 23.13
CA VAL I 270 19.37 7.84 24.04
C VAL I 270 20.11 6.55 23.72
N ALA I 271 20.40 6.31 22.43
CA ALA I 271 21.20 5.14 22.08
C ALA I 271 22.63 5.24 22.62
N LEU I 272 23.22 6.44 22.59
CA LEU I 272 24.54 6.63 23.18
C LEU I 272 24.53 6.41 24.69
N GLY I 273 23.48 6.88 25.37
CA GLY I 273 23.37 6.63 26.80
C GLY I 273 23.24 5.16 27.15
N GLY I 274 22.50 4.41 26.32
CA GLY I 274 22.38 2.98 26.54
C GLY I 274 23.69 2.24 26.33
N PHE I 275 24.48 2.65 25.34
CA PHE I 275 25.80 2.06 25.14
C PHE I 275 26.72 2.34 26.33
N GLY I 276 26.66 3.56 26.87
CA GLY I 276 27.48 3.88 28.03
C GLY I 276 27.11 3.07 29.26
N ILE I 277 25.81 2.88 29.50
CA ILE I 277 25.37 2.11 30.65
C ILE I 277 25.75 0.64 30.50
N LEU I 278 25.68 0.11 29.28
CA LEU I 278 26.04 -1.29 29.10
C LEU I 278 27.57 -1.49 29.17
N ALA I 279 28.34 -0.46 28.82
CA ALA I 279 29.78 -0.52 29.07
C ALA I 279 30.09 -0.51 30.56
N PHE I 280 29.33 0.29 31.33
CA PHE I 280 29.43 0.29 32.79
C PHE I 280 29.13 -1.09 33.37
N TRP I 281 28.12 -1.77 32.84
CA TRP I 281 27.79 -3.11 33.31
C TRP I 281 28.87 -4.12 32.97
N TRP I 282 29.47 -4.00 31.78
CA TRP I 282 30.55 -4.92 31.41
C TRP I 282 31.76 -4.75 32.31
N TYR I 283 32.06 -3.50 32.68
CA TYR I 283 33.23 -3.29 33.52
C TYR I 283 32.96 -3.71 34.97
N ILE I 284 31.72 -3.51 35.46
CA ILE I 284 31.46 -3.88 36.84
C ILE I 284 31.38 -5.40 36.98
N VAL I 285 30.94 -6.11 35.94
CA VAL I 285 30.94 -7.56 36.00
C VAL I 285 32.35 -8.10 35.87
N TYR I 286 33.21 -7.42 35.08
CA TYR I 286 34.59 -7.87 34.99
C TYR I 286 35.35 -7.65 36.29
N LYS I 287 35.16 -6.50 36.94
CA LYS I 287 35.87 -6.25 38.20
C LYS I 287 35.35 -7.17 39.30
N LEU I 288 34.04 -7.34 39.42
CA LEU I 288 33.53 -8.24 40.43
C LEU I 288 33.57 -9.70 40.00
N THR I 289 34.24 -10.03 38.90
CA THR I 289 34.38 -11.43 38.50
C THR I 289 35.81 -11.91 38.45
N PHE I 290 36.69 -11.18 37.74
CA PHE I 290 38.03 -11.69 37.50
C PHE I 290 38.94 -11.52 38.71
N GLU I 291 38.69 -10.52 39.53
CA GLU I 291 39.59 -10.22 40.65
C GLU I 291 39.73 -11.38 41.63
N THR I 292 38.66 -12.17 41.75
CA THR I 292 38.53 -13.35 42.61
C THR I 292 38.32 -13.05 44.09
N ASP I 293 38.06 -11.78 44.38
CA ASP I 293 37.76 -11.36 45.73
C ASP I 293 36.48 -12.14 46.00
N LEU I 294 35.67 -12.22 44.95
CA LEU I 294 34.41 -12.96 45.02
C LEU I 294 34.31 -13.93 43.82
N GLY I 295 33.94 -15.18 44.10
CA GLY I 295 33.82 -16.21 43.07
C GLY I 295 32.63 -16.10 42.11
N TRP I 296 32.79 -16.63 40.90
CA TRP I 296 31.74 -16.60 39.90
C TRP I 296 30.40 -17.04 40.48
N ASP I 297 30.41 -17.93 41.48
CA ASP I 297 29.16 -18.48 42.00
C ASP I 297 28.39 -17.50 42.89
N THR I 298 28.77 -16.23 42.95
CA THR I 298 27.90 -15.18 43.41
C THR I 298 27.58 -14.15 42.34
N MET I 299 28.27 -14.16 41.20
CA MET I 299 27.90 -13.20 40.18
C MET I 299 26.89 -13.81 39.21
N GLU I 300 26.78 -15.13 39.24
CA GLU I 300 25.85 -15.85 38.38
C GLU I 300 24.39 -15.57 38.68
N PRO I 301 24.02 -15.56 39.97
CA PRO I 301 22.65 -15.29 40.41
C PRO I 301 22.22 -13.87 40.09
N VAL I 302 23.14 -12.94 40.28
CA VAL I 302 22.89 -11.51 40.04
C VAL I 302 22.76 -11.24 38.55
N THR I 303 23.50 -11.99 37.73
CA THR I 303 23.32 -11.95 36.28
C THR I 303 21.92 -12.41 35.86
N TYR I 304 21.42 -13.51 36.43
CA TYR I 304 20.08 -13.97 36.06
C TYR I 304 18.99 -12.98 36.51
N LEU I 305 19.17 -12.36 37.68
CA LEU I 305 18.21 -11.38 38.18
C LEU I 305 18.21 -10.13 37.29
N VAL I 306 19.39 -9.69 36.85
CA VAL I 306 19.49 -8.56 35.92
C VAL I 306 18.86 -8.90 34.57
N SER I 307 19.01 -10.14 34.12
CA SER I 307 18.39 -10.57 32.86
C SER I 307 16.87 -10.56 32.96
N LEU I 308 16.32 -10.93 34.12
CA LEU I 308 14.87 -10.79 34.31
C LEU I 308 14.44 -9.32 34.30
N SER I 309 15.24 -8.45 34.95
CA SER I 309 14.82 -7.05 35.04
C SER I 309 14.89 -6.34 33.70
N THR I 310 15.87 -6.69 32.85
CA THR I 310 15.88 -6.13 31.51
C THR I 310 14.92 -6.81 30.57
N LEU I 311 14.41 -8.01 30.90
CA LEU I 311 13.32 -8.53 30.12
C LEU I 311 12.01 -7.83 30.48
N MET I 312 11.87 -7.39 31.73
CA MET I 312 10.72 -6.58 32.12
C MET I 312 10.77 -5.20 31.46
N GLY I 313 11.91 -4.51 31.58
CA GLY I 313 12.06 -3.21 30.94
C GLY I 313 12.00 -3.27 29.43
N GLY I 314 12.44 -4.38 28.84
CA GLY I 314 12.21 -4.63 27.44
C GLY I 314 10.86 -5.21 27.11
N TYR I 315 10.00 -5.41 28.11
CA TYR I 315 8.62 -5.83 27.90
C TYR I 315 7.63 -4.67 27.96
N LEU I 316 7.89 -3.67 28.82
CA LEU I 316 7.05 -2.48 28.86
C LEU I 316 7.21 -1.59 27.63
N TRP I 317 8.33 -1.69 26.92
CA TRP I 317 8.53 -0.99 25.66
C TRP I 317 7.69 -1.58 24.53
N PHE I 318 7.23 -2.82 24.68
CA PHE I 318 6.43 -3.46 23.64
C PHE I 318 4.99 -2.96 23.62
N LEU I 319 4.58 -2.25 24.67
CA LEU I 319 3.31 -1.52 24.67
C LEU I 319 3.45 -0.12 24.08
N TYR I 320 4.68 0.40 23.99
CA TYR I 320 4.94 1.79 23.63
C TYR I 320 4.69 2.10 22.16
N HIS I 321 4.41 1.10 21.33
CA HIS I 321 3.98 1.36 19.95
C HIS I 321 2.55 1.88 19.99
N ASN I 322 2.41 3.15 20.37
CA ASN I 322 1.12 3.70 20.77
C ASN I 322 0.38 4.29 19.58
N ARG I 323 0.97 5.26 18.91
CA ARG I 323 0.38 5.85 17.73
C ARG I 323 1.25 5.55 16.51
N GLU I 324 0.61 5.11 15.44
CA GLU I 324 1.25 4.97 14.14
C GLU I 324 0.28 5.49 13.10
N ILE I 325 0.43 6.75 12.74
CA ILE I 325 -0.46 7.39 11.78
C ILE I 325 0.32 7.49 10.47
N SER I 326 0.08 6.53 9.58
CA SER I 326 0.78 6.43 8.32
C SER I 326 -0.17 6.60 7.15
N TYR I 327 0.41 6.79 5.97
CA TYR I 327 -0.35 6.98 4.74
C TYR I 327 0.53 6.67 3.54
N THR I 334 3.46 6.15 5.12
CA THR I 334 4.72 6.84 4.88
C THR I 334 4.94 7.92 5.93
N ILE I 335 3.98 8.05 6.83
CA ILE I 335 3.95 9.13 7.81
C ILE I 335 4.18 8.52 9.20
N ASN I 336 4.93 9.22 10.03
CA ASN I 336 5.20 8.82 11.39
C ASN I 336 4.12 9.37 12.32
N ALA I 337 4.37 9.27 13.62
CA ALA I 337 3.48 9.86 14.61
C ALA I 337 4.21 10.65 15.69
N ARG I 338 5.49 10.37 15.91
CA ARG I 338 6.26 11.16 16.87
C ARG I 338 6.47 12.58 16.38
N GLN I 339 6.55 12.77 15.06
CA GLN I 339 6.94 14.04 14.48
C GLN I 339 5.76 14.85 13.97
N LYS I 340 4.57 14.23 13.92
CA LYS I 340 3.40 14.80 13.24
C LYS I 340 2.97 16.12 13.86
N LYS I 341 3.15 16.28 15.17
CA LYS I 341 2.96 17.59 15.77
C LYS I 341 4.14 18.50 15.50
N LEU I 342 5.33 17.94 15.28
CA LEU I 342 6.52 18.78 15.22
C LEU I 342 6.65 19.50 13.88
N TYR I 343 6.58 18.77 12.76
CA TYR I 343 6.77 19.47 11.48
C TYR I 343 5.54 20.24 11.03
N GLN I 344 4.41 20.09 11.72
CA GLN I 344 3.16 20.74 11.33
C GLN I 344 2.79 21.90 12.24
N MET I 345 2.75 21.67 13.55
CA MET I 345 2.34 22.71 14.48
C MET I 345 3.48 23.64 14.86
N LYS I 346 4.66 23.44 14.28
CA LYS I 346 5.74 24.41 14.35
C LYS I 346 6.37 24.69 12.99
N GLY I 347 6.09 23.87 11.98
CA GLY I 347 6.70 24.01 10.68
C GLY I 347 5.72 24.20 9.54
N ILE I 348 5.83 23.37 8.50
CA ILE I 348 5.14 23.60 7.24
C ILE I 348 4.16 22.44 7.01
N ASP I 349 3.06 22.76 6.32
CA ASP I 349 1.84 21.95 6.33
C ASP I 349 2.02 20.65 5.55
N LEU I 350 0.91 19.90 5.48
CA LEU I 350 0.81 18.61 4.82
C LEU I 350 -0.42 18.62 3.92
N GLN I 351 -1.38 19.49 4.25
CA GLN I 351 -2.53 19.70 3.38
C GLN I 351 -2.09 20.30 2.04
N VAL I 352 -1.21 21.29 2.09
CA VAL I 352 -0.64 21.88 0.88
C VAL I 352 0.23 20.85 0.16
N TRP I 353 0.89 19.96 0.92
CA TRP I 353 1.70 18.90 0.33
C TRP I 353 0.85 17.95 -0.51
N GLU I 354 -0.20 17.38 0.09
CA GLU I 354 -1.05 16.46 -0.66
C GLU I 354 -1.87 17.18 -1.72
N SER I 355 -2.19 18.45 -1.52
CA SER I 355 -2.94 19.18 -2.54
C SER I 355 -2.08 19.46 -3.77
N LEU I 356 -0.81 19.84 -3.57
CA LEU I 356 0.08 20.03 -4.71
C LEU I 356 0.45 18.70 -5.36
N ILE I 357 0.42 17.61 -4.60
CA ILE I 357 0.50 16.29 -5.20
C ILE I 357 -0.70 16.05 -6.12
N ASP I 358 -1.90 16.38 -5.64
CA ASP I 358 -3.12 16.12 -6.41
C ASP I 358 -3.18 16.98 -7.66
N GLU I 359 -2.80 18.25 -7.55
CA GLU I 359 -2.76 19.13 -8.71
C GLU I 359 -1.59 18.81 -9.63
N ALA I 360 -0.57 18.14 -9.12
CA ALA I 360 0.59 17.82 -9.95
C ALA I 360 0.41 16.51 -10.71
N ASN I 361 -0.42 15.60 -10.22
CA ASN I 361 -0.56 14.31 -10.87
C ASN I 361 -1.35 14.38 -12.16
N ALA I 362 -2.14 15.43 -12.35
CA ALA I 362 -3.05 15.47 -13.50
C ALA I 362 -2.33 15.82 -14.79
N ILE I 363 -1.36 16.73 -14.72
CA ILE I 363 -0.79 17.34 -15.91
C ILE I 363 0.07 16.35 -16.69
N ARG I 364 0.70 15.42 -15.97
CA ARG I 364 1.57 14.43 -16.61
C ARG I 364 0.79 13.51 -17.54
N ARG I 365 -0.47 13.22 -17.21
CA ARG I 365 -1.29 12.41 -18.09
C ARG I 365 -1.65 13.17 -19.37
N GLU I 366 -1.87 14.48 -19.26
CA GLU I 366 -2.17 15.26 -20.46
C GLU I 366 -0.94 15.36 -21.37
N ILE I 367 0.23 15.57 -20.77
CA ILE I 367 1.46 15.64 -21.56
C ILE I 367 1.76 14.29 -22.19
N LYS I 368 1.42 13.20 -21.52
CA LYS I 368 1.63 11.89 -22.13
C LYS I 368 0.55 11.51 -23.13
N ASN I 369 -0.62 12.16 -23.09
CA ASN I 369 -1.63 11.91 -24.11
C ASN I 369 -1.28 12.65 -25.40
N ILE I 370 -0.93 13.93 -25.28
CA ILE I 370 -0.45 14.70 -26.42
C ILE I 370 0.85 14.11 -26.94
N ALA I 371 1.68 13.59 -26.04
CA ALA I 371 2.88 12.86 -26.44
C ALA I 371 2.52 11.56 -27.13
N ALA I 372 1.41 10.92 -26.72
CA ALA I 372 0.97 9.72 -27.40
C ALA I 372 0.46 10.02 -28.80
N GLU I 373 0.00 11.25 -29.04
CA GLU I 373 -0.44 11.61 -30.37
C GLU I 373 0.74 11.80 -31.32
N TYR I 374 1.76 12.53 -30.89
CA TYR I 374 2.81 12.97 -31.81
C TYR I 374 3.83 11.91 -32.17
N ASP I 375 3.72 10.69 -31.62
CA ASP I 375 4.67 9.58 -31.82
C ASP I 375 6.11 9.96 -31.45
N VAL I 376 6.25 10.86 -30.49
CA VAL I 376 7.55 11.26 -29.97
C VAL I 376 7.59 10.87 -28.50
N ASP I 377 8.69 10.24 -28.10
CA ASP I 377 8.80 9.65 -26.77
C ASP I 377 8.86 10.75 -25.72
N TRP I 378 8.22 10.51 -24.58
CA TRP I 378 8.26 11.45 -23.48
C TRP I 378 9.12 10.91 -22.36
N ASP I 379 10.23 11.59 -22.08
CA ASP I 379 11.13 11.23 -21.00
C ASP I 379 11.35 12.44 -20.10
N GLU I 380 10.96 12.32 -18.84
CA GLU I 380 11.20 13.38 -17.86
C GLU I 380 12.64 13.41 -17.39
N ARG I 381 13.39 12.32 -17.61
CA ARG I 381 14.81 12.32 -17.29
C ARG I 381 15.64 13.02 -18.33
N LYS I 382 15.12 13.19 -19.55
CA LYS I 382 15.70 14.11 -20.50
C LYS I 382 15.35 15.56 -20.20
N ASP I 383 14.43 15.78 -19.26
CA ASP I 383 14.18 17.10 -18.70
C ASP I 383 14.68 17.23 -17.28
N GLU I 384 15.34 16.18 -16.77
CA GLU I 384 16.10 16.31 -15.53
C GLU I 384 17.29 17.26 -15.74
N GLN I 385 17.80 17.31 -16.97
CA GLN I 385 18.94 18.13 -17.34
C GLN I 385 18.59 19.60 -17.46
N ASP I 386 17.31 19.96 -17.44
CA ASP I 386 16.89 21.34 -17.59
C ASP I 386 16.61 22.05 -16.27
N ASP I 387 16.69 21.32 -15.15
CA ASP I 387 16.51 21.92 -13.83
C ASP I 387 17.83 22.44 -13.24
N ARG I 388 18.88 22.52 -14.04
CA ARG I 388 20.20 22.86 -13.53
C ARG I 388 20.86 24.02 -14.26
N VAL I 389 20.69 24.13 -15.57
CA VAL I 389 21.23 25.25 -16.32
C VAL I 389 20.13 25.92 -17.12
N ASP J 52 -12.85 6.94 -56.77
CA ASP J 52 -13.10 8.08 -57.64
C ASP J 52 -14.57 8.46 -57.72
N THR J 53 -15.36 7.58 -58.33
CA THR J 53 -16.72 7.93 -58.73
C THR J 53 -17.73 7.71 -57.60
N ILE J 54 -17.88 6.47 -57.15
CA ILE J 54 -18.89 6.12 -56.18
C ILE J 54 -18.27 5.35 -55.02
N ALA J 55 -16.98 5.56 -54.80
CA ALA J 55 -16.23 4.75 -53.85
C ALA J 55 -15.48 5.63 -52.87
N GLY J 56 -15.56 5.30 -51.59
CA GLY J 56 -14.80 6.01 -50.59
C GLY J 56 -14.11 5.06 -49.64
N LYS J 57 -13.52 5.62 -48.58
CA LYS J 57 -12.81 4.83 -47.57
C LYS J 57 -13.00 5.45 -46.18
N LEU J 58 -12.83 4.65 -45.13
CA LEU J 58 -12.93 5.09 -43.74
C LEU J 58 -11.58 4.77 -43.10
N LEU J 59 -11.01 5.70 -42.34
CA LEU J 59 -9.70 5.49 -41.72
C LEU J 59 -9.70 5.73 -40.21
N THR J 60 -8.76 5.10 -39.50
CA THR J 60 -8.70 5.24 -38.05
C THR J 60 -7.58 6.20 -37.69
N THR J 61 -7.91 7.19 -36.86
CA THR J 61 -6.92 8.14 -36.40
C THR J 61 -6.01 7.46 -35.38
N PRO J 62 -4.85 8.06 -35.08
CA PRO J 62 -4.11 7.66 -33.89
C PRO J 62 -4.85 7.98 -32.60
N SER J 63 -5.76 8.94 -32.60
CA SER J 63 -6.60 9.16 -31.43
C SER J 63 -7.77 8.18 -31.44
N ARG J 64 -8.77 8.48 -30.62
CA ARG J 64 -9.90 7.59 -30.46
C ARG J 64 -10.86 7.64 -31.65
N LEU J 65 -10.85 8.72 -32.41
CA LEU J 65 -11.90 9.03 -33.38
C LEU J 65 -11.79 8.16 -34.64
N PHE J 66 -12.69 8.42 -35.58
CA PHE J 66 -12.68 7.90 -36.94
C PHE J 66 -12.59 9.05 -37.91
N LYS J 67 -12.30 8.74 -39.17
CA LYS J 67 -12.62 9.66 -40.24
C LYS J 67 -12.97 8.88 -41.49
N LEU J 68 -14.01 9.31 -42.19
CA LEU J 68 -14.42 8.68 -43.43
C LEU J 68 -14.30 9.68 -44.56
N LEU J 69 -14.10 9.16 -45.76
CA LEU J 69 -13.90 9.97 -46.95
C LEU J 69 -14.93 9.55 -47.98
N ILE J 70 -15.82 10.48 -48.33
CA ILE J 70 -16.93 10.18 -49.23
C ILE J 70 -16.90 11.12 -50.42
N PRO J 71 -17.18 10.64 -51.61
CA PRO J 71 -17.27 11.55 -52.75
C PRO J 71 -18.59 12.29 -52.76
N LEU J 72 -18.61 13.56 -52.37
CA LEU J 72 -19.84 14.32 -52.32
C LEU J 72 -19.88 15.39 -53.39
N THR J 73 -20.98 16.14 -53.39
CA THR J 73 -21.12 17.38 -54.14
C THR J 73 -21.47 18.47 -53.13
N THR J 74 -20.65 19.49 -53.06
CA THR J 74 -20.76 20.47 -52.00
C THR J 74 -21.70 21.59 -52.46
N ILE J 75 -21.67 22.76 -51.80
CA ILE J 75 -22.53 23.88 -52.16
C ILE J 75 -22.25 24.35 -53.58
N ASN J 76 -20.98 24.57 -53.92
CA ASN J 76 -20.62 24.96 -55.29
C ASN J 76 -19.26 24.35 -55.60
N ARG J 77 -19.28 23.18 -56.23
CA ARG J 77 -18.08 22.50 -56.68
C ARG J 77 -18.39 21.83 -58.00
N LYS J 78 -17.48 20.95 -58.42
CA LYS J 78 -17.74 19.95 -59.43
C LYS J 78 -18.24 18.69 -58.71
N ASP J 79 -18.40 17.60 -59.46
CA ASP J 79 -19.16 16.47 -58.96
C ASP J 79 -18.42 15.62 -57.93
N ILE J 80 -17.11 15.78 -57.79
CA ILE J 80 -16.34 14.95 -56.88
C ILE J 80 -15.45 15.82 -56.01
N GLU J 81 -15.43 15.53 -54.72
CA GLU J 81 -14.56 16.19 -53.75
C GLU J 81 -14.52 15.30 -52.53
N GLN J 82 -13.34 14.77 -52.21
CA GLN J 82 -13.21 13.74 -51.18
C GLN J 82 -13.24 14.38 -49.80
N ILE J 83 -14.43 14.77 -49.37
CA ILE J 83 -14.61 15.54 -48.14
C ILE J 83 -14.41 14.64 -46.92
N ALA J 84 -13.78 15.18 -45.88
CA ALA J 84 -13.42 14.43 -44.68
C ALA J 84 -14.29 14.81 -43.51
N ILE J 85 -14.74 13.80 -42.76
CA ILE J 85 -15.66 13.98 -41.65
C ILE J 85 -15.13 13.19 -40.46
N LEU J 86 -14.98 13.86 -39.31
CA LEU J 86 -14.44 13.24 -38.09
C LEU J 86 -15.56 12.82 -37.17
N ILE J 87 -15.61 11.54 -36.81
CA ILE J 87 -16.67 10.97 -35.99
C ILE J 87 -16.04 10.31 -34.77
N HIS J 88 -16.78 10.32 -33.65
CA HIS J 88 -16.45 9.46 -32.53
C HIS J 88 -17.16 8.13 -32.68
N PRO J 89 -16.58 6.98 -32.26
CA PRO J 89 -17.22 5.70 -32.58
C PRO J 89 -18.42 5.34 -31.71
N GLN J 90 -18.40 5.64 -30.41
CA GLN J 90 -19.61 5.42 -29.61
C GLN J 90 -20.36 6.76 -29.58
N GLN J 91 -21.38 6.83 -30.41
CA GLN J 91 -22.01 8.05 -30.88
C GLN J 91 -23.19 7.54 -31.68
N PRO J 92 -24.28 8.28 -31.83
CA PRO J 92 -25.39 7.75 -32.61
C PRO J 92 -25.12 7.72 -34.09
N LEU J 93 -26.16 7.40 -34.84
CA LEU J 93 -26.05 7.36 -36.28
C LEU J 93 -26.80 8.51 -36.94
N SER J 94 -27.81 9.06 -36.26
CA SER J 94 -28.45 10.29 -36.72
C SER J 94 -27.51 11.46 -36.71
N HIS J 95 -26.47 11.42 -35.88
CA HIS J 95 -25.44 12.43 -35.89
C HIS J 95 -24.69 12.44 -37.21
N LEU J 96 -24.35 11.24 -37.72
CA LEU J 96 -23.67 11.18 -39.01
C LEU J 96 -24.61 11.53 -40.15
N GLU J 97 -25.89 11.16 -40.05
CA GLU J 97 -26.87 11.61 -41.03
C GLU J 97 -26.96 13.13 -41.10
N ARG J 98 -26.98 13.78 -39.94
CA ARG J 98 -27.04 15.23 -39.92
C ARG J 98 -25.74 15.83 -40.46
N LEU J 99 -24.62 15.20 -40.14
CA LEU J 99 -23.34 15.78 -40.50
C LEU J 99 -23.04 15.63 -41.99
N ILE J 100 -23.57 14.59 -42.62
CA ILE J 100 -23.49 14.52 -44.08
C ILE J 100 -24.49 15.48 -44.71
N GLN J 101 -25.73 15.54 -44.20
CA GLN J 101 -26.74 16.35 -44.88
C GLN J 101 -26.52 17.85 -44.68
N SER J 102 -25.60 18.25 -43.82
CA SER J 102 -25.23 19.66 -43.77
C SER J 102 -24.56 20.13 -45.05
N GLU J 103 -23.83 19.26 -45.74
CA GLU J 103 -23.00 19.66 -46.89
C GLU J 103 -23.40 18.87 -48.13
N VAL J 104 -24.48 19.31 -48.77
CA VAL J 104 -25.04 18.79 -50.02
C VAL J 104 -26.17 19.78 -50.33
N PRO J 105 -26.44 20.12 -51.59
CA PRO J 105 -27.56 21.01 -51.87
C PRO J 105 -28.89 20.33 -51.62
N PRO J 106 -29.88 21.06 -51.11
CA PRO J 106 -31.14 20.42 -50.69
C PRO J 106 -32.02 19.93 -51.84
N ILE J 107 -33.12 19.30 -51.49
CA ILE J 107 -34.09 18.78 -52.44
C ILE J 107 -35.14 19.85 -52.69
N GLU J 108 -35.53 19.97 -53.95
CA GLU J 108 -36.50 20.93 -54.46
C GLU J 108 -37.96 20.55 -54.20
N ASP J 109 -38.85 21.49 -54.49
CA ASP J 109 -40.29 21.31 -54.33
C ASP J 109 -40.77 20.15 -55.20
N GLU J 110 -41.71 19.29 -54.75
CA GLU J 110 -42.24 19.07 -53.38
C GLU J 110 -43.37 19.99 -52.87
N ASN J 111 -43.82 20.91 -53.71
CA ASN J 111 -44.97 21.78 -53.37
C ASN J 111 -45.12 22.56 -52.04
N GLY J 112 -44.18 23.42 -51.62
CA GLY J 112 -42.79 23.46 -52.02
C GLY J 112 -41.89 23.24 -50.82
N GLN J 113 -40.97 22.29 -50.94
CA GLN J 113 -40.06 22.00 -49.83
C GLN J 113 -38.59 22.14 -50.17
N LYS J 114 -37.89 22.87 -49.31
CA LYS J 114 -36.45 23.08 -49.45
C LYS J 114 -35.71 22.21 -48.43
N ARG J 115 -36.40 21.21 -47.90
CA ARG J 115 -35.87 20.31 -46.90
C ARG J 115 -34.64 19.55 -47.38
N PRO J 116 -33.67 19.39 -46.49
CA PRO J 116 -32.39 18.70 -46.68
C PRO J 116 -32.61 17.24 -47.00
N PRO J 117 -31.65 16.60 -47.67
CA PRO J 117 -31.85 15.21 -48.09
C PRO J 117 -31.86 14.24 -46.93
N PHE J 118 -32.15 12.99 -47.27
CA PHE J 118 -32.28 11.92 -46.29
C PHE J 118 -31.34 10.79 -46.71
N VAL J 119 -30.34 10.52 -45.89
CA VAL J 119 -29.44 9.41 -46.14
C VAL J 119 -29.95 8.21 -45.36
N SER J 120 -29.47 7.04 -45.72
CA SER J 120 -30.04 5.80 -45.19
C SER J 120 -28.99 4.72 -45.29
N PHE J 121 -28.51 4.23 -44.15
CA PHE J 121 -27.27 3.46 -44.19
C PHE J 121 -27.59 1.97 -44.28
N ILE J 122 -28.06 1.57 -45.45
CA ILE J 122 -28.28 0.15 -45.70
C ILE J 122 -26.93 -0.55 -45.76
N ALA J 123 -26.93 -1.83 -45.38
CA ALA J 123 -25.69 -2.56 -45.27
C ALA J 123 -25.97 -4.01 -45.60
N LEU J 124 -25.07 -4.91 -45.22
CA LEU J 124 -25.35 -6.32 -45.35
C LEU J 124 -25.62 -6.89 -43.97
N ARG J 187 -28.33 -8.58 -48.00
CA ARG J 187 -28.43 -7.77 -49.21
C ARG J 187 -28.57 -6.29 -48.92
N PHE J 188 -29.78 -5.88 -48.52
CA PHE J 188 -30.09 -4.48 -48.27
C PHE J 188 -30.86 -4.34 -46.95
N ILE J 189 -30.33 -4.98 -45.91
CA ILE J 189 -30.86 -4.86 -44.56
C ILE J 189 -30.60 -3.43 -44.09
N ARG J 190 -31.67 -2.64 -44.00
CA ARG J 190 -31.57 -1.27 -43.53
C ARG J 190 -31.28 -1.24 -42.04
N TRP J 191 -30.47 -0.28 -41.61
CA TRP J 191 -30.13 -0.14 -40.20
C TRP J 191 -30.76 1.12 -39.62
N SER J 192 -31.14 1.03 -38.35
CA SER J 192 -31.95 2.06 -37.73
C SER J 192 -31.11 3.27 -37.40
N GLN J 193 -31.79 4.33 -36.95
CA GLN J 193 -31.14 5.58 -36.60
C GLN J 193 -30.75 5.64 -35.14
N SER J 194 -30.46 4.51 -34.52
CA SER J 194 -29.94 4.54 -33.16
C SER J 194 -28.81 3.59 -32.91
N THR J 195 -28.52 2.66 -33.81
CA THR J 195 -27.42 1.74 -33.62
C THR J 195 -26.11 2.47 -33.74
N GLU J 196 -25.22 2.29 -32.76
CA GLU J 196 -24.02 3.08 -32.68
C GLU J 196 -23.01 2.64 -33.71
N ILE J 197 -22.01 3.50 -33.92
CA ILE J 197 -21.09 3.30 -35.03
C ILE J 197 -20.07 2.22 -34.71
N GLY J 198 -19.84 1.94 -33.42
CA GLY J 198 -19.03 0.78 -33.07
C GLY J 198 -19.66 -0.52 -33.53
N ASP J 199 -20.97 -0.65 -33.34
CA ASP J 199 -21.66 -1.85 -33.79
C ASP J 199 -21.86 -1.87 -35.29
N PHE J 200 -22.05 -0.70 -35.91
CA PHE J 200 -22.29 -0.73 -37.35
C PHE J 200 -21.02 -0.97 -38.13
N ILE J 201 -19.90 -0.42 -37.66
CA ILE J 201 -18.59 -0.77 -38.18
C ILE J 201 -18.21 -2.19 -37.79
N ARG J 202 -18.81 -2.74 -36.72
CA ARG J 202 -18.54 -4.13 -36.36
C ARG J 202 -19.17 -5.10 -37.36
N ASP J 203 -20.50 -5.07 -37.50
CA ASP J 203 -21.18 -6.00 -38.38
C ASP J 203 -20.85 -5.71 -39.85
N ALA J 204 -20.71 -4.44 -40.19
CA ALA J 204 -20.23 -4.10 -41.52
C ALA J 204 -18.78 -4.51 -41.71
N ALA J 205 -18.00 -4.59 -40.62
CA ALA J 205 -16.60 -4.99 -40.73
C ALA J 205 -16.47 -6.47 -40.99
N ARG J 206 -17.38 -7.27 -40.47
CA ARG J 206 -17.47 -8.64 -40.98
C ARG J 206 -17.96 -8.64 -42.42
N ALA J 207 -18.89 -7.75 -42.76
CA ALA J 207 -19.45 -7.72 -44.10
C ALA J 207 -18.46 -7.20 -45.15
N LYS J 208 -17.54 -6.32 -44.73
CA LYS J 208 -16.56 -5.65 -45.60
C LYS J 208 -17.28 -4.83 -46.69
N GLU J 209 -18.28 -4.07 -46.27
CA GLU J 209 -19.12 -3.27 -47.16
C GLU J 209 -19.91 -2.29 -46.31
N PHE J 210 -20.36 -1.21 -46.94
CA PHE J 210 -20.96 -0.08 -46.26
C PHE J 210 -21.61 0.76 -47.35
N ILE J 211 -22.90 1.07 -47.26
CA ILE J 211 -23.60 1.74 -48.34
C ILE J 211 -24.35 2.93 -47.79
N VAL J 212 -24.07 4.12 -48.29
CA VAL J 212 -24.77 5.33 -47.92
C VAL J 212 -25.53 5.79 -49.16
N THR J 213 -26.84 5.63 -49.16
CA THR J 213 -27.65 5.92 -50.33
C THR J 213 -28.31 7.27 -50.12
N ILE J 214 -27.67 8.32 -50.61
CA ILE J 214 -28.20 9.68 -50.48
C ILE J 214 -29.27 9.86 -51.55
N GLU J 215 -30.31 10.63 -51.24
CA GLU J 215 -31.40 10.83 -52.17
C GLU J 215 -31.54 12.31 -52.55
N GLY J 216 -32.16 12.51 -53.70
CA GLY J 216 -32.34 13.82 -54.30
C GLY J 216 -31.07 14.27 -55.01
N ALA J 217 -29.97 14.27 -54.27
CA ALA J 217 -28.66 14.73 -54.73
C ALA J 217 -28.02 13.99 -55.90
N PRO J 218 -28.17 12.66 -55.90
CA PRO J 218 -27.67 11.59 -56.77
C PRO J 218 -28.10 11.64 -58.24
N ALA J 219 -29.34 12.05 -58.49
CA ALA J 219 -29.93 12.09 -59.84
C ALA J 219 -29.91 10.71 -60.49
N GLY J 220 -30.26 9.71 -59.69
CA GLY J 220 -30.34 8.32 -60.08
C GLY J 220 -29.16 7.39 -59.78
N LEU J 221 -27.99 7.94 -59.44
CA LEU J 221 -26.88 7.04 -59.11
C LEU J 221 -27.26 6.30 -57.83
N GLU J 222 -27.72 7.08 -56.85
CA GLU J 222 -28.23 6.61 -55.55
C GLU J 222 -27.35 5.65 -54.74
N GLN J 223 -26.04 5.82 -54.78
CA GLN J 223 -25.15 4.93 -54.02
C GLN J 223 -23.75 5.45 -53.72
N ILE J 224 -23.20 4.96 -52.62
CA ILE J 224 -21.85 5.28 -52.21
C ILE J 224 -21.35 4.06 -51.48
N HIS J 225 -20.12 3.66 -51.76
CA HIS J 225 -19.59 2.50 -51.07
C HIS J 225 -18.28 2.84 -50.40
N VAL J 226 -18.16 2.56 -49.12
CA VAL J 226 -16.90 2.84 -48.45
C VAL J 226 -16.36 1.48 -48.00
N ALA J 227 -15.05 1.41 -47.79
CA ALA J 227 -14.40 0.15 -47.48
C ALA J 227 -13.96 0.17 -46.02
N VAL J 228 -14.52 -0.74 -45.23
CA VAL J 228 -14.35 -0.71 -43.78
C VAL J 228 -12.97 -1.27 -43.43
N PRO J 229 -12.21 -0.60 -42.55
CA PRO J 229 -10.93 -1.15 -42.13
C PRO J 229 -11.13 -2.35 -41.22
N SER J 230 -10.08 -3.12 -41.06
CA SER J 230 -10.18 -4.35 -40.31
C SER J 230 -9.15 -4.37 -39.19
N PHE J 231 -9.23 -5.54 -38.55
CA PHE J 231 -8.51 -5.95 -37.38
C PHE J 231 -7.02 -6.00 -37.54
N ASP J 232 -6.48 -6.49 -38.65
CA ASP J 232 -5.04 -6.45 -38.73
C ASP J 232 -4.66 -4.96 -38.81
N GLU J 233 -5.32 -4.26 -39.73
CA GLU J 233 -5.04 -2.86 -39.95
C GLU J 233 -5.40 -2.02 -38.75
N ARG J 234 -6.58 -2.28 -38.16
CA ARG J 234 -6.95 -1.50 -37.00
C ARG J 234 -6.01 -1.79 -35.84
N THR J 235 -5.75 -3.07 -35.56
CA THR J 235 -4.84 -3.38 -34.47
C THR J 235 -3.42 -3.06 -34.86
N TYR J 236 -3.05 -3.33 -36.11
CA TYR J 236 -1.65 -3.01 -36.37
C TYR J 236 -1.28 -1.67 -35.72
N PHE J 237 -2.20 -0.71 -35.75
CA PHE J 237 -1.97 0.59 -35.13
C PHE J 237 -1.77 0.39 -33.63
N LEU J 238 -2.61 -0.45 -33.02
CA LEU J 238 -2.47 -0.74 -31.59
C LEU J 238 -1.19 -1.51 -31.24
N ARG J 239 -0.85 -2.47 -32.09
CA ARG J 239 0.30 -3.34 -31.91
C ARG J 239 1.53 -2.47 -31.83
N MET J 240 1.61 -1.46 -32.68
CA MET J 240 2.75 -0.57 -32.55
C MET J 240 2.84 0.04 -31.14
N ARG J 241 1.69 0.44 -30.61
CA ARG J 241 1.63 1.02 -29.28
C ARG J 241 2.05 0.01 -28.23
N LEU J 242 1.59 -1.22 -28.40
CA LEU J 242 1.92 -2.32 -27.48
C LEU J 242 3.30 -2.89 -27.74
N ARG J 243 3.72 -2.94 -29.01
CA ARG J 243 5.02 -3.48 -29.35
C ARG J 243 6.14 -2.62 -28.76
N LYS J 244 6.00 -1.29 -28.88
CA LYS J 244 6.98 -0.38 -28.27
C LYS J 244 7.00 -0.51 -26.75
N ILE J 245 5.82 -0.51 -26.12
CA ILE J 245 5.83 -0.48 -24.66
C ILE J 245 6.24 -1.84 -24.07
N SER J 246 6.08 -2.93 -24.82
CA SER J 246 6.50 -4.23 -24.33
C SER J 246 8.00 -4.41 -24.44
N ARG J 247 8.61 -3.85 -25.49
CA ARG J 247 10.07 -3.81 -25.55
C ARG J 247 10.65 -3.02 -24.37
N ARG J 248 10.03 -1.87 -24.07
CA ARG J 248 10.45 -1.07 -22.92
C ARG J 248 10.25 -1.81 -21.60
N ILE J 249 9.27 -2.71 -21.52
CA ILE J 249 9.19 -3.61 -20.36
C ILE J 249 10.39 -4.55 -20.31
N GLN J 250 10.73 -5.15 -21.46
CA GLN J 250 11.65 -6.29 -21.47
C GLN J 250 13.07 -5.91 -21.05
N GLY J 251 13.56 -4.75 -21.54
CA GLY J 251 14.93 -4.37 -21.20
C GLY J 251 15.12 -4.10 -19.71
N LEU J 252 14.22 -3.30 -19.13
CA LEU J 252 14.23 -3.01 -17.71
C LEU J 252 14.03 -4.27 -16.87
N ALA J 253 13.29 -5.24 -17.40
CA ALA J 253 13.10 -6.51 -16.71
C ALA J 253 14.41 -7.25 -16.52
N GLU J 254 15.19 -7.39 -17.59
CA GLU J 254 16.39 -8.21 -17.45
C GLU J 254 17.50 -7.49 -16.67
N ILE J 255 17.56 -6.16 -16.77
CA ILE J 255 18.52 -5.41 -15.94
C ILE J 255 18.16 -5.53 -14.45
N LYS J 256 16.86 -5.51 -14.14
CA LYS J 256 16.41 -5.69 -12.77
C LYS J 256 16.77 -7.10 -12.26
N HIS J 257 16.67 -8.10 -13.14
CA HIS J 257 17.00 -9.46 -12.75
C HIS J 257 18.48 -9.63 -12.40
N GLU J 258 19.38 -9.05 -13.21
CA GLU J 258 20.79 -9.23 -12.87
C GLU J 258 21.15 -8.43 -11.60
N CYS J 259 20.45 -7.34 -11.33
CA CYS J 259 20.62 -6.69 -10.04
C CYS J 259 20.18 -7.59 -8.88
N ASP J 260 19.10 -8.35 -9.08
CA ASP J 260 18.66 -9.32 -8.08
C ASP J 260 19.72 -10.37 -7.80
N ALA J 261 20.35 -10.89 -8.87
CA ALA J 261 21.41 -11.87 -8.69
C ALA J 261 22.60 -11.29 -7.93
N LEU J 262 22.91 -10.00 -8.18
CA LEU J 262 24.04 -9.38 -7.51
C LEU J 262 23.80 -9.23 -6.01
N ALA J 263 22.65 -8.68 -5.61
CA ALA J 263 22.38 -8.47 -4.20
C ALA J 263 22.24 -9.80 -3.45
N HIS J 264 21.65 -10.81 -4.11
CA HIS J 264 21.60 -12.15 -3.55
C HIS J 264 22.97 -12.73 -3.27
N ARG J 265 23.90 -12.60 -4.23
CA ARG J 265 25.25 -13.13 -4.03
C ARG J 265 25.97 -12.44 -2.88
N GLY J 266 25.88 -11.10 -2.80
CA GLY J 266 26.55 -10.39 -1.72
C GLY J 266 26.03 -10.76 -0.34
N ALA J 267 24.70 -10.89 -0.23
CA ALA J 267 24.10 -11.27 1.05
C ALA J 267 24.51 -12.68 1.50
N GLN J 268 24.45 -13.67 0.59
CA GLN J 268 24.80 -15.02 1.04
C GLN J 268 26.29 -15.19 1.29
N ARG J 269 27.16 -14.44 0.60
CA ARG J 269 28.57 -14.55 0.95
C ARG J 269 28.87 -13.96 2.33
N VAL J 270 28.26 -12.82 2.67
CA VAL J 270 28.53 -12.23 3.98
C VAL J 270 27.94 -13.10 5.11
N ALA J 271 26.74 -13.66 4.89
CA ALA J 271 26.16 -14.57 5.87
C ALA J 271 26.98 -15.84 6.04
N LEU J 272 27.59 -16.32 4.95
CA LEU J 272 28.47 -17.49 5.03
C LEU J 272 29.70 -17.20 5.88
N GLY J 273 30.24 -15.98 5.76
CA GLY J 273 31.34 -15.59 6.65
C GLY J 273 30.95 -15.56 8.12
N GLY J 274 29.76 -15.03 8.42
CA GLY J 274 29.29 -14.99 9.80
C GLY J 274 29.08 -16.39 10.40
N PHE J 275 28.55 -17.31 9.60
CA PHE J 275 28.45 -18.70 10.06
C PHE J 275 29.82 -19.33 10.26
N GLY J 276 30.81 -18.89 9.46
CA GLY J 276 32.18 -19.34 9.68
C GLY J 276 32.73 -18.96 11.04
N ILE J 277 32.59 -17.68 11.42
CA ILE J 277 33.16 -17.26 12.70
C ILE J 277 32.38 -17.83 13.89
N LEU J 278 31.05 -18.01 13.75
CA LEU J 278 30.32 -18.53 14.90
C LEU J 278 30.56 -20.03 15.07
N ALA J 279 30.74 -20.75 13.96
CA ALA J 279 31.18 -22.15 14.05
C ALA J 279 32.55 -22.26 14.70
N PHE J 280 33.44 -21.29 14.45
CA PHE J 280 34.72 -21.27 15.14
C PHE J 280 34.55 -21.10 16.64
N TRP J 281 33.56 -20.30 17.05
CA TRP J 281 33.30 -20.14 18.48
C TRP J 281 32.79 -21.43 19.12
N TRP J 282 31.94 -22.18 18.39
CA TRP J 282 31.52 -23.51 18.84
C TRP J 282 32.72 -24.42 19.05
N TYR J 283 33.67 -24.41 18.11
CA TYR J 283 34.81 -25.31 18.18
C TYR J 283 35.71 -24.99 19.35
N ILE J 284 35.99 -23.70 19.61
CA ILE J 284 36.92 -23.44 20.70
C ILE J 284 36.26 -23.61 22.06
N VAL J 285 34.94 -23.41 22.18
CA VAL J 285 34.32 -23.68 23.48
C VAL J 285 34.31 -25.19 23.76
N TYR J 286 34.00 -25.99 22.74
CA TYR J 286 34.00 -27.45 22.86
C TYR J 286 35.37 -27.98 23.25
N LYS J 287 36.42 -27.52 22.58
CA LYS J 287 37.72 -28.08 22.89
C LYS J 287 38.31 -27.51 24.17
N LEU J 288 38.03 -26.24 24.50
CA LEU J 288 38.52 -25.69 25.76
C LEU J 288 37.87 -26.33 26.99
N THR J 289 36.55 -26.49 27.00
CA THR J 289 35.98 -27.07 28.20
C THR J 289 35.93 -28.58 28.17
N PHE J 290 36.18 -29.23 27.03
CA PHE J 290 36.17 -30.68 27.02
C PHE J 290 37.57 -31.27 27.09
N GLU J 291 38.60 -30.48 26.77
CA GLU J 291 39.98 -30.92 27.02
C GLU J 291 40.26 -31.02 28.50
N THR J 292 39.54 -30.23 29.31
CA THR J 292 39.70 -30.10 30.77
C THR J 292 41.13 -29.74 31.11
N ASP J 293 41.51 -28.55 30.67
CA ASP J 293 42.70 -27.87 31.16
C ASP J 293 42.31 -26.71 32.05
N LEU J 294 41.47 -25.81 31.55
CA LEU J 294 40.74 -24.86 32.38
C LEU J 294 39.34 -25.40 32.60
N GLY J 295 38.84 -25.28 33.82
CA GLY J 295 37.54 -25.83 34.12
C GLY J 295 36.40 -25.02 33.56
N TRP J 296 35.20 -25.61 33.61
CA TRP J 296 33.98 -24.89 33.26
C TRP J 296 33.75 -23.72 34.20
N ASP J 297 34.15 -23.87 35.46
CA ASP J 297 34.07 -22.77 36.41
C ASP J 297 35.00 -21.63 36.02
N THR J 298 36.09 -21.95 35.33
CA THR J 298 36.97 -20.97 34.72
C THR J 298 36.61 -20.70 33.27
N MET J 299 35.42 -21.16 32.86
CA MET J 299 34.95 -20.96 31.49
C MET J 299 33.65 -20.16 31.45
N GLU J 300 32.99 -20.02 32.59
CA GLU J 300 31.72 -19.30 32.65
C GLU J 300 31.84 -17.83 32.28
N PRO J 301 32.90 -17.17 32.77
CA PRO J 301 33.11 -15.76 32.45
C PRO J 301 33.33 -15.56 30.95
N VAL J 302 34.06 -16.48 30.35
CA VAL J 302 34.36 -16.41 28.92
C VAL J 302 33.07 -16.43 28.11
N THR J 303 32.12 -17.27 28.51
CA THR J 303 30.86 -17.36 27.77
C THR J 303 30.00 -16.12 27.95
N TYR J 304 29.78 -15.69 29.19
CA TYR J 304 28.89 -14.56 29.41
C TYR J 304 29.55 -13.25 29.01
N LEU J 305 30.83 -13.09 29.29
CA LEU J 305 31.52 -11.86 28.93
C LEU J 305 31.71 -11.74 27.42
N VAL J 306 31.89 -12.88 26.73
CA VAL J 306 31.86 -12.85 25.27
C VAL J 306 30.44 -12.56 24.75
N SER J 307 29.40 -13.01 25.47
CA SER J 307 28.03 -12.71 25.05
C SER J 307 27.72 -11.22 25.12
N LEU J 308 28.18 -10.53 26.17
CA LEU J 308 28.08 -9.08 26.13
C LEU J 308 29.04 -8.48 25.12
N SER J 309 30.15 -9.16 24.80
CA SER J 309 31.07 -8.60 23.82
C SER J 309 30.49 -8.66 22.40
N THR J 310 29.63 -9.63 22.11
CA THR J 310 28.94 -9.63 20.83
C THR J 310 27.61 -8.90 20.88
N LEU J 311 27.14 -8.52 22.07
CA LEU J 311 26.14 -7.47 22.09
C LEU J 311 26.79 -6.13 21.76
N MET J 312 28.04 -5.94 22.18
CA MET J 312 28.82 -4.76 21.79
C MET J 312 29.07 -4.74 20.29
N GLY J 313 29.68 -5.81 19.76
CA GLY J 313 30.00 -5.87 18.34
C GLY J 313 28.79 -6.05 17.44
N GLY J 314 27.67 -6.50 18.00
CA GLY J 314 26.40 -6.49 17.32
C GLY J 314 25.57 -5.26 17.62
N TYR J 315 26.14 -4.27 18.31
CA TYR J 315 25.44 -3.04 18.65
C TYR J 315 26.13 -1.78 18.14
N LEU J 316 27.45 -1.84 17.89
CA LEU J 316 28.17 -0.73 17.28
C LEU J 316 27.70 -0.45 15.87
N TRP J 317 27.32 -1.50 15.14
CA TRP J 317 26.83 -1.40 13.77
C TRP J 317 25.51 -0.65 13.68
N PHE J 318 24.76 -0.59 14.79
CA PHE J 318 23.51 0.17 14.83
C PHE J 318 23.74 1.67 14.79
N LEU J 319 24.92 2.16 15.16
CA LEU J 319 25.12 3.59 15.36
C LEU J 319 26.12 4.24 14.41
N TYR J 320 27.16 3.54 13.97
CA TYR J 320 28.09 4.15 13.03
C TYR J 320 27.68 3.90 11.59
N HIS J 321 27.60 2.63 11.19
CA HIS J 321 27.18 2.30 9.84
C HIS J 321 25.66 2.25 9.70
N ASN J 322 24.93 2.28 10.83
CA ASN J 322 23.55 2.71 10.93
C ASN J 322 22.58 1.87 10.09
N ARG J 323 22.40 0.63 10.53
CA ARG J 323 21.16 -0.06 10.21
C ARG J 323 20.12 0.38 11.24
N GLU J 324 18.98 0.87 10.77
CA GLU J 324 17.93 1.37 11.65
C GLU J 324 16.56 1.04 11.09
N ASP J 332 15.25 -3.01 10.01
CA ASP J 332 15.55 -4.35 9.52
C ASP J 332 16.85 -4.39 8.74
N PHE J 333 16.79 -3.90 7.51
CA PHE J 333 17.85 -4.02 6.50
C PHE J 333 18.29 -5.47 6.33
N THR J 334 17.30 -6.31 6.04
CA THR J 334 17.52 -7.73 5.82
C THR J 334 17.99 -8.00 4.40
N ILE J 335 17.88 -9.25 3.96
CA ILE J 335 18.34 -9.68 2.65
C ILE J 335 17.58 -8.95 1.53
N ASN J 336 16.27 -8.82 1.68
CA ASN J 336 15.46 -8.17 0.66
C ASN J 336 15.69 -6.67 0.62
N ALA J 337 15.95 -6.04 1.78
CA ALA J 337 16.10 -4.60 1.83
C ALA J 337 17.43 -4.13 1.24
N ARG J 338 18.42 -5.00 1.15
CA ARG J 338 19.66 -4.64 0.47
C ARG J 338 19.44 -4.54 -1.02
N GLN J 339 18.61 -5.42 -1.56
CA GLN J 339 18.26 -5.37 -2.97
C GLN J 339 17.40 -4.15 -3.29
N LYS J 340 16.41 -3.88 -2.43
CA LYS J 340 15.54 -2.71 -2.61
C LYS J 340 16.30 -1.42 -2.41
N LYS J 341 17.37 -1.44 -1.61
CA LYS J 341 18.31 -0.33 -1.63
C LYS J 341 19.12 -0.32 -2.91
N LEU J 342 19.40 -1.50 -3.47
CA LEU J 342 20.39 -1.61 -4.54
C LEU J 342 19.86 -1.15 -5.88
N TYR J 343 18.65 -1.60 -6.28
CA TYR J 343 18.17 -1.10 -7.57
C TYR J 343 17.42 0.22 -7.47
N GLN J 344 17.64 1.00 -6.42
CA GLN J 344 17.45 2.43 -6.53
C GLN J 344 18.56 3.06 -7.37
N MET J 345 19.72 2.41 -7.41
CA MET J 345 20.85 2.80 -8.24
C MET J 345 20.76 2.22 -9.64
N LYS J 346 20.47 0.93 -9.75
CA LYS J 346 20.61 0.20 -11.00
C LYS J 346 19.36 0.20 -11.87
N GLY J 347 18.26 0.81 -11.42
CA GLY J 347 17.05 0.76 -12.21
C GLY J 347 16.00 1.79 -11.88
N ILE J 348 14.74 1.44 -12.15
CA ILE J 348 13.60 2.34 -12.01
C ILE J 348 12.66 1.70 -10.97
N ASP J 349 11.75 2.50 -10.43
CA ASP J 349 10.88 2.12 -9.33
C ASP J 349 9.78 1.16 -9.80
N LEU J 350 8.86 0.85 -8.90
CA LEU J 350 7.81 -0.14 -9.17
C LEU J 350 6.51 0.46 -9.69
N GLN J 351 6.29 1.76 -9.50
CA GLN J 351 5.03 2.38 -9.94
C GLN J 351 4.99 2.52 -11.45
N VAL J 352 6.09 2.98 -12.05
CA VAL J 352 6.22 3.00 -13.50
C VAL J 352 6.17 1.58 -14.05
N TRP J 353 6.79 0.65 -13.32
CA TRP J 353 6.85 -0.75 -13.72
C TRP J 353 5.48 -1.39 -13.84
N GLU J 354 4.70 -1.33 -12.75
CA GLU J 354 3.34 -1.85 -12.77
C GLU J 354 2.42 -1.02 -13.65
N SER J 355 2.74 0.24 -13.91
CA SER J 355 1.96 0.99 -14.90
C SER J 355 2.18 0.44 -16.29
N LEU J 356 3.41 0.04 -16.60
CA LEU J 356 3.71 -0.55 -17.91
C LEU J 356 3.03 -1.89 -18.07
N ILE J 357 3.12 -2.75 -17.06
CA ILE J 357 2.52 -4.09 -17.18
C ILE J 357 1.00 -4.00 -17.18
N ASP J 358 0.42 -3.19 -16.29
CA ASP J 358 -1.03 -3.10 -16.17
C ASP J 358 -1.65 -2.43 -17.39
N GLU J 359 -1.04 -1.35 -17.88
CA GLU J 359 -1.54 -0.74 -19.12
C GLU J 359 -1.31 -1.64 -20.33
N ALA J 360 -0.25 -2.45 -20.30
CA ALA J 360 -0.04 -3.42 -21.36
C ALA J 360 -1.18 -4.44 -21.40
N ASN J 361 -1.61 -4.90 -20.23
CA ASN J 361 -2.76 -5.80 -20.20
C ASN J 361 -4.06 -5.07 -20.52
N ALA J 362 -4.12 -3.77 -20.24
CA ALA J 362 -5.29 -2.98 -20.63
C ALA J 362 -5.39 -2.87 -22.14
N ILE J 363 -4.25 -2.83 -22.83
CA ILE J 363 -4.27 -2.86 -24.29
C ILE J 363 -4.60 -4.26 -24.80
N ARG J 364 -4.10 -5.29 -24.11
CA ARG J 364 -4.33 -6.67 -24.55
C ARG J 364 -5.78 -7.10 -24.40
N ARG J 365 -6.48 -6.60 -23.37
CA ARG J 365 -7.90 -6.91 -23.27
C ARG J 365 -8.70 -6.21 -24.36
N GLU J 366 -8.21 -5.08 -24.86
CA GLU J 366 -8.94 -4.38 -25.91
C GLU J 366 -8.69 -4.99 -27.28
N ILE J 367 -7.47 -5.45 -27.55
CA ILE J 367 -7.27 -6.18 -28.79
C ILE J 367 -7.95 -7.54 -28.72
N LYS J 368 -8.11 -8.12 -27.53
CA LYS J 368 -8.94 -9.30 -27.42
C LYS J 368 -10.41 -8.98 -27.65
N ASN J 369 -10.85 -7.80 -27.25
CA ASN J 369 -12.23 -7.39 -27.53
C ASN J 369 -12.46 -7.24 -29.02
N ILE J 370 -11.62 -6.45 -29.68
CA ILE J 370 -11.85 -6.10 -31.08
C ILE J 370 -11.61 -7.31 -31.99
N ALA J 371 -10.53 -8.05 -31.75
CA ALA J 371 -10.28 -9.25 -32.55
C ALA J 371 -11.22 -10.38 -32.19
N ALA J 372 -11.79 -10.36 -30.99
CA ALA J 372 -12.85 -11.32 -30.66
C ALA J 372 -14.12 -11.01 -31.44
N GLU J 373 -14.55 -9.75 -31.42
CA GLU J 373 -15.78 -9.33 -32.09
C GLU J 373 -15.65 -9.34 -33.61
N TYR J 374 -14.44 -9.22 -34.14
CA TYR J 374 -14.24 -9.40 -35.57
C TYR J 374 -14.05 -10.85 -35.95
N ASP J 375 -13.85 -11.73 -34.95
CA ASP J 375 -13.76 -13.18 -35.12
C ASP J 375 -12.60 -13.59 -36.04
N VAL J 376 -11.40 -13.14 -35.72
CA VAL J 376 -10.16 -13.70 -36.25
C VAL J 376 -9.23 -13.91 -35.07
N ASP J 377 -8.81 -15.16 -34.85
CA ASP J 377 -8.05 -15.51 -33.66
C ASP J 377 -6.63 -14.98 -33.74
N TRP J 378 -6.07 -14.60 -32.59
CA TRP J 378 -4.82 -13.86 -32.58
C TRP J 378 -4.06 -14.04 -31.27
N ASP J 379 -2.75 -14.24 -31.38
CA ASP J 379 -1.81 -14.15 -30.27
C ASP J 379 -0.69 -13.20 -30.64
N GLU J 380 -0.20 -12.44 -29.66
CA GLU J 380 0.69 -11.32 -29.90
C GLU J 380 2.17 -11.70 -29.95
N ARG J 381 2.48 -12.99 -29.92
CA ARG J 381 3.85 -13.42 -30.20
C ARG J 381 4.18 -13.28 -31.68
N LYS J 382 3.16 -13.21 -32.53
CA LYS J 382 3.29 -13.22 -33.98
C LYS J 382 3.88 -11.93 -34.56
N ASP J 383 4.18 -10.93 -33.72
CA ASP J 383 5.02 -9.81 -34.10
C ASP J 383 6.27 -9.68 -33.25
N GLU J 384 6.33 -10.38 -32.11
CA GLU J 384 7.63 -10.67 -31.49
C GLU J 384 8.51 -11.48 -32.43
N GLN J 385 7.89 -12.34 -33.26
CA GLN J 385 8.60 -12.99 -34.35
C GLN J 385 8.97 -12.04 -35.49
N ASP J 386 8.55 -10.77 -35.43
CA ASP J 386 9.05 -9.74 -36.34
C ASP J 386 9.80 -8.63 -35.61
N ASP J 387 10.03 -8.75 -34.31
CA ASP J 387 10.81 -7.72 -33.60
C ASP J 387 12.28 -7.80 -33.98
N ARG J 388 12.84 -9.00 -34.04
CA ARG J 388 14.21 -9.18 -34.48
C ARG J 388 14.30 -9.35 -35.99
N VAL J 389 13.24 -9.86 -36.60
CA VAL J 389 13.17 -9.99 -38.06
C VAL J 389 11.99 -9.19 -38.59
CA CA K . 25.76 -21.47 35.45
#